data_5SJ7
#
_entry.id   5SJ7
#
_cell.length_a   135.531
_cell.length_b   135.531
_cell.length_c   235.222
_cell.angle_alpha   90.000
_cell.angle_beta   90.000
_cell.angle_gamma   120.000
#
_symmetry.space_group_name_H-M   'H 3'
#
loop_
_entity.id
_entity.type
_entity.pdbx_description
1 polymer "cAMP and cAMP-inhibited cGMP 3',5'-cyclic phosphodiesterase 10A"
2 non-polymer 'ZINC ION'
3 non-polymer 'MAGNESIUM ION'
4 non-polymer 7-[({5-methyl-4-[(propan-2-yl)oxy]pyridin-2-yl}methyl)sulfanyl]-8H-imidazo[4,5-g][1,3]benzothiazole
5 water water
#
_entity_poly.entity_id   1
_entity_poly.type   'polypeptide(L)'
_entity_poly.pdbx_seq_one_letter_code
;GSSICTSEEWQGLMQFTLPVRLCKEIELFHFDIGPFENMWPGIFVYMVHRSCGTSCFELEKL(CME)RFIMSVKKNYRRV
PYHNWKHAVTVAHCMYAILQNNHTLFTDLERKGLLIACLCHDLDHRGFSNSYLQKFDHPLAALYSTSTMEQHHFSQTVSI
LQLEGHNIFSTLSSSEYEQVLEIIRKAIIATDLALYFGNRKQLEEMYQTGSLNLNNQSHRDRVIGLMMTACDLCSVTKLW
PVTKLTANDIYAEFWAEGDEMKKLGIQPIPMMDRDKKDEVPQGQLGFYNAVAIPCYTTLTQILPPTEPLLKACRDNLSQW
EKVIRGEETATWISSPSVAQKAAASED
;
_entity_poly.pdbx_strand_id   A,B,C,D
#
loop_
_chem_comp.id
_chem_comp.type
_chem_comp.name
_chem_comp.formula
JY3 non-polymer 7-[({5-methyl-4-[(propan-2-yl)oxy]pyridin-2-yl}methyl)sulfanyl]-8H-imidazo[4,5-g][1,3]benzothiazole 'C18 H18 N4 O S2'
MG non-polymer 'MAGNESIUM ION' 'Mg 2'
ZN non-polymer 'ZINC ION' 'Zn 2'
#
# COMPACT_ATOMS: atom_id res chain seq x y z
N GLY A 12 -0.69 -7.99 46.72
CA GLY A 12 -1.52 -8.41 47.89
C GLY A 12 -2.84 -7.67 47.95
N LEU A 13 -2.79 -6.33 48.01
CA LEU A 13 -3.98 -5.44 48.09
C LEU A 13 -4.33 -4.86 46.71
N MET A 14 -3.63 -5.31 45.65
CA MET A 14 -3.88 -4.88 44.26
C MET A 14 -4.95 -5.77 43.62
N GLN A 15 -6.19 -5.28 43.59
CA GLN A 15 -7.33 -5.91 42.86
C GLN A 15 -7.40 -5.36 41.44
N PHE A 16 -7.79 -6.21 40.50
CA PHE A 16 -8.20 -5.80 39.14
C PHE A 16 -9.67 -5.38 39.23
N THR A 17 -10.01 -4.28 38.58
CA THR A 17 -11.39 -3.72 38.56
C THR A 17 -11.74 -3.39 37.11
N LEU A 18 -12.85 -3.93 36.62
CA LEU A 18 -13.32 -3.70 35.24
C LEU A 18 -14.23 -2.47 35.24
N PRO A 19 -14.44 -1.85 34.07
CA PRO A 19 -15.53 -0.90 33.90
C PRO A 19 -16.87 -1.53 34.29
N VAL A 20 -17.82 -0.69 34.75
CA VAL A 20 -19.15 -1.08 35.28
C VAL A 20 -19.80 -2.11 34.35
N ARG A 21 -19.93 -1.84 33.04
CA ARG A 21 -20.67 -2.77 32.14
C ARG A 21 -20.03 -4.15 32.18
N LEU A 22 -18.69 -4.23 32.21
CA LEU A 22 -17.94 -5.51 32.17
C LEU A 22 -18.02 -6.17 33.54
N CYS A 23 -17.94 -5.38 34.60
CA CYS A 23 -18.03 -5.85 36.00
C CYS A 23 -19.35 -6.62 36.19
N LYS A 24 -20.45 -6.14 35.60
CA LYS A 24 -21.80 -6.73 35.69
C LYS A 24 -21.95 -7.91 34.73
N GLU A 25 -21.66 -7.71 33.44
CA GLU A 25 -21.92 -8.72 32.37
C GLU A 25 -20.94 -9.90 32.46
N ILE A 26 -19.73 -9.74 33.00
CA ILE A 26 -18.74 -10.86 33.07
C ILE A 26 -19.29 -12.02 33.91
N GLU A 27 -20.26 -11.76 34.80
CA GLU A 27 -20.85 -12.80 35.67
C GLU A 27 -21.82 -13.64 34.86
N LEU A 28 -22.31 -13.12 33.73
CA LEU A 28 -23.35 -13.83 32.93
C LEU A 28 -22.66 -14.83 32.01
N PHE A 29 -23.34 -15.94 31.70
CA PHE A 29 -22.81 -17.03 30.86
C PHE A 29 -22.53 -16.52 29.44
N HIS A 30 -23.38 -15.62 28.92
CA HIS A 30 -23.38 -15.19 27.48
C HIS A 30 -22.39 -14.05 27.23
N PHE A 31 -21.64 -13.61 28.23
CA PHE A 31 -20.63 -12.52 28.11
C PHE A 31 -19.71 -12.74 26.91
N ASP A 32 -19.49 -11.67 26.16
CA ASP A 32 -18.48 -11.57 25.08
C ASP A 32 -17.34 -10.71 25.61
N ILE A 33 -16.10 -11.17 25.50
CA ILE A 33 -14.92 -10.50 26.12
C ILE A 33 -14.47 -9.29 25.27
N GLY A 34 -15.07 -9.09 24.10
CA GLY A 34 -14.89 -7.85 23.32
C GLY A 34 -13.63 -7.89 22.45
N PRO A 35 -13.44 -6.84 21.62
CA PRO A 35 -12.37 -6.83 20.61
C PRO A 35 -11.04 -6.20 21.06
N PHE A 36 -10.96 -5.68 22.29
CA PHE A 36 -9.73 -5.07 22.85
C PHE A 36 -8.85 -6.15 23.49
N GLU A 37 -7.94 -6.73 22.70
CA GLU A 37 -7.04 -7.85 23.07
C GLU A 37 -6.24 -7.52 24.34
N ASN A 38 -5.83 -6.27 24.50
CA ASN A 38 -4.97 -5.84 25.64
C ASN A 38 -5.74 -5.91 26.96
N MET A 39 -7.06 -6.01 26.96
CA MET A 39 -7.86 -6.12 28.22
C MET A 39 -8.03 -7.59 28.65
N TRP A 40 -7.76 -8.57 27.77
CA TRP A 40 -8.10 -9.99 28.01
C TRP A 40 -7.28 -10.58 29.16
N PRO A 41 -5.95 -10.31 29.28
CA PRO A 41 -5.18 -10.77 30.43
C PRO A 41 -5.78 -10.30 31.75
N GLY A 42 -6.11 -9.01 31.83
CA GLY A 42 -6.75 -8.42 33.04
C GLY A 42 -8.10 -9.06 33.33
N ILE A 43 -8.86 -9.37 32.27
CA ILE A 43 -10.17 -10.07 32.40
C ILE A 43 -9.93 -11.44 33.05
N PHE A 44 -8.94 -12.18 32.56
CA PHE A 44 -8.59 -13.51 33.13
C PHE A 44 -8.19 -13.36 34.60
N VAL A 45 -7.36 -12.38 34.93
CA VAL A 45 -6.81 -12.21 36.30
C VAL A 45 -7.97 -11.90 37.23
N TYR A 46 -8.86 -11.02 36.80
CA TYR A 46 -10.11 -10.67 37.52
C TYR A 46 -10.87 -11.94 37.86
N MET A 47 -10.96 -12.87 36.91
CA MET A 47 -11.78 -14.10 37.06
C MET A 47 -11.10 -15.06 38.04
N VAL A 48 -9.77 -15.13 38.00
CA VAL A 48 -8.97 -15.94 38.95
C VAL A 48 -9.16 -15.38 40.37
N HIS A 49 -9.02 -14.08 40.57
CA HIS A 49 -9.13 -13.42 41.90
C HIS A 49 -10.49 -13.71 42.53
N ARG A 50 -11.57 -13.65 41.75
CA ARG A 50 -12.97 -13.78 42.25
C ARG A 50 -13.36 -15.26 42.38
N SER A 51 -12.79 -16.14 41.53
CA SER A 51 -13.15 -17.57 41.44
C SER A 51 -12.34 -18.36 42.47
N CYS A 52 -11.08 -17.97 42.65
CA CYS A 52 -10.04 -18.74 43.38
C CYS A 52 -9.57 -17.94 44.60
N GLY A 53 -9.24 -16.66 44.41
CA GLY A 53 -8.76 -15.75 45.47
C GLY A 53 -7.58 -14.92 44.99
N THR A 54 -7.27 -13.82 45.67
CA THR A 54 -6.15 -12.90 45.33
C THR A 54 -4.81 -13.52 45.74
N SER A 55 -4.84 -14.66 46.45
CA SER A 55 -3.66 -15.35 47.03
C SER A 55 -3.39 -16.68 46.32
N CYS A 56 -4.27 -17.16 45.44
CA CYS A 56 -4.13 -18.46 44.73
C CYS A 56 -2.77 -18.50 44.02
N PHE A 57 -2.41 -17.40 43.36
CA PHE A 57 -1.18 -17.28 42.55
C PHE A 57 -0.47 -15.99 42.93
N GLU A 58 0.86 -15.96 42.82
CA GLU A 58 1.69 -14.74 42.94
C GLU A 58 1.51 -13.94 41.65
N LEU A 59 1.01 -12.70 41.77
CA LEU A 59 0.55 -11.86 40.63
C LEU A 59 1.65 -11.77 39.55
N GLU A 60 2.90 -11.57 39.96
CA GLU A 60 4.08 -11.44 39.06
C GLU A 60 4.23 -12.72 38.22
N LYS A 61 4.15 -13.88 38.86
CA LYS A 61 4.24 -15.20 38.20
C LYS A 61 3.01 -15.42 37.30
N LEU A 62 1.81 -15.12 37.79
CA LEU A 62 0.55 -15.37 37.01
C LEU A 62 0.61 -14.54 35.73
N CME A 63 0.90 -13.24 35.85
CA CME A 63 1.05 -12.28 34.72
CB CME A 63 1.39 -10.89 35.22
SG CME A 63 -0.08 -9.93 35.72
SD CME A 63 -1.23 -10.05 34.05
CE CME A 63 -1.12 -8.40 33.30
CZ CME A 63 -2.44 -7.69 33.30
OH CME A 63 -2.67 -6.99 32.08
C CME A 63 2.03 -12.82 33.70
O CME A 63 1.73 -12.76 32.48
N ARG A 64 3.17 -13.36 34.16
CA ARG A 64 4.21 -13.88 33.25
C ARG A 64 3.78 -15.22 32.64
N PHE A 65 2.97 -16.01 33.34
CA PHE A 65 2.39 -17.27 32.80
C PHE A 65 1.43 -16.92 31.65
N ILE A 66 0.48 -16.02 31.93
CA ILE A 66 -0.55 -15.52 30.96
C ILE A 66 0.12 -15.08 29.66
N MET A 67 1.18 -14.29 29.75
CA MET A 67 1.78 -13.64 28.56
C MET A 67 2.59 -14.68 27.77
N SER A 68 3.14 -15.70 28.45
CA SER A 68 3.81 -16.84 27.77
C SER A 68 2.77 -17.74 27.12
N VAL A 69 1.60 -17.89 27.75
CA VAL A 69 0.51 -18.71 27.14
C VAL A 69 0.06 -17.98 25.88
N LYS A 70 -0.19 -16.68 25.98
CA LYS A 70 -0.65 -15.85 24.83
C LYS A 70 0.31 -16.04 23.65
N LYS A 71 1.62 -15.96 23.88
CA LYS A 71 2.64 -16.01 22.81
C LYS A 71 2.58 -17.36 22.07
N ASN A 72 2.13 -18.42 22.73
CA ASN A 72 2.17 -19.80 22.20
C ASN A 72 0.81 -20.17 21.58
N TYR A 73 -0.12 -19.22 21.50
CA TYR A 73 -1.33 -19.27 20.63
C TYR A 73 -0.95 -18.65 19.29
N ARG A 74 -1.37 -19.24 18.18
CA ARG A 74 -1.04 -18.77 16.82
C ARG A 74 -2.13 -17.84 16.29
N ARG A 75 -1.85 -17.17 15.18
CA ARG A 75 -2.76 -16.20 14.48
C ARG A 75 -3.64 -16.98 13.51
N VAL A 76 -4.44 -17.91 14.03
CA VAL A 76 -5.39 -18.74 13.23
C VAL A 76 -6.78 -18.15 13.44
N PRO A 77 -7.73 -18.37 12.50
CA PRO A 77 -9.02 -17.69 12.58
C PRO A 77 -9.82 -17.95 13.86
N TYR A 78 -9.75 -19.15 14.44
CA TYR A 78 -10.66 -19.53 15.55
C TYR A 78 -9.90 -20.02 16.77
N HIS A 79 -9.00 -20.99 16.60
CA HIS A 79 -8.25 -21.63 17.72
C HIS A 79 -7.10 -20.73 18.16
N ASN A 80 -7.45 -19.54 18.67
CA ASN A 80 -6.52 -18.44 18.99
C ASN A 80 -6.68 -18.04 20.46
N TRP A 81 -5.92 -17.03 20.86
CA TRP A 81 -5.89 -16.46 22.22
C TRP A 81 -7.30 -16.05 22.68
N LYS A 82 -8.09 -15.44 21.80
CA LYS A 82 -9.48 -15.03 22.15
C LYS A 82 -10.31 -16.25 22.58
N HIS A 83 -10.20 -17.36 21.86
CA HIS A 83 -10.87 -18.65 22.20
C HIS A 83 -10.48 -19.10 23.60
N ALA A 84 -9.17 -19.07 23.91
CA ALA A 84 -8.61 -19.50 25.21
C ALA A 84 -9.31 -18.74 26.34
N VAL A 85 -9.36 -17.41 26.21
CA VAL A 85 -9.93 -16.54 27.27
C VAL A 85 -11.45 -16.71 27.30
N THR A 86 -12.10 -16.86 26.15
CA THR A 86 -13.55 -17.11 26.05
C THR A 86 -13.93 -18.41 26.78
N VAL A 87 -13.18 -19.49 26.55
CA VAL A 87 -13.42 -20.83 27.18
C VAL A 87 -13.19 -20.73 28.69
N ALA A 88 -12.19 -19.96 29.13
CA ALA A 88 -11.91 -19.73 30.56
C ALA A 88 -13.06 -18.95 31.20
N HIS A 89 -13.64 -17.99 30.49
CA HIS A 89 -14.76 -17.21 31.07
C HIS A 89 -15.97 -18.14 31.28
N CYS A 90 -16.28 -19.00 30.33
CA CYS A 90 -17.42 -19.93 30.48
C CYS A 90 -17.20 -20.77 31.75
N MET A 91 -15.98 -21.29 31.96
CA MET A 91 -15.65 -22.07 33.18
C MET A 91 -15.87 -21.18 34.41
N TYR A 92 -15.42 -19.93 34.34
CA TYR A 92 -15.54 -18.94 35.43
C TYR A 92 -17.02 -18.88 35.84
N ALA A 93 -17.91 -18.71 34.85
CA ALA A 93 -19.36 -18.56 35.05
C ALA A 93 -19.91 -19.84 35.66
N ILE A 94 -19.44 -21.02 35.22
CA ILE A 94 -19.86 -22.32 35.80
C ILE A 94 -19.44 -22.38 37.27
N LEU A 95 -18.16 -22.08 37.58
CA LEU A 95 -17.62 -22.23 38.97
C LEU A 95 -18.33 -21.25 39.91
N GLN A 96 -18.64 -20.05 39.44
CA GLN A 96 -19.25 -18.98 40.27
C GLN A 96 -20.70 -19.35 40.61
N ASN A 97 -21.38 -20.06 39.72
CA ASN A 97 -22.80 -20.46 39.88
C ASN A 97 -22.92 -21.79 40.64
N ASN A 98 -21.79 -22.42 41.01
CA ASN A 98 -21.71 -23.74 41.69
C ASN A 98 -20.65 -23.60 42.79
N HIS A 99 -20.75 -22.53 43.57
CA HIS A 99 -19.74 -22.05 44.55
C HIS A 99 -19.12 -23.22 45.33
N THR A 100 -19.93 -24.13 45.87
CA THR A 100 -19.54 -25.09 46.94
C THR A 100 -19.26 -26.49 46.38
N LEU A 101 -19.49 -26.73 45.09
CA LEU A 101 -19.37 -28.09 44.50
C LEU A 101 -17.90 -28.41 44.19
N PHE A 102 -16.98 -27.43 44.21
CA PHE A 102 -15.60 -27.61 43.68
C PHE A 102 -14.56 -27.23 44.74
N THR A 103 -13.51 -28.05 44.81
CA THR A 103 -12.38 -27.90 45.74
C THR A 103 -11.56 -26.67 45.33
N ASP A 104 -10.63 -26.27 46.20
CA ASP A 104 -9.71 -25.12 45.98
C ASP A 104 -8.80 -25.44 44.80
N LEU A 105 -8.26 -26.66 44.77
CA LEU A 105 -7.35 -27.14 43.70
C LEU A 105 -8.08 -27.10 42.35
N GLU A 106 -9.35 -27.50 42.34
CA GLU A 106 -10.14 -27.64 41.09
C GLU A 106 -10.34 -26.25 40.46
N ARG A 107 -10.72 -25.25 41.25
CA ARG A 107 -10.97 -23.88 40.76
C ARG A 107 -9.66 -23.30 40.19
N LYS A 108 -8.54 -23.46 40.90
CA LYS A 108 -7.16 -23.16 40.42
C LYS A 108 -6.89 -23.82 39.07
N GLY A 109 -6.96 -25.16 39.03
CA GLY A 109 -6.55 -25.99 37.87
C GLY A 109 -7.39 -25.77 36.63
N LEU A 110 -8.71 -25.59 36.80
CA LEU A 110 -9.69 -25.55 35.67
C LEU A 110 -9.64 -24.23 34.89
N LEU A 111 -9.39 -23.09 35.51
CA LEU A 111 -9.25 -21.80 34.78
C LEU A 111 -7.95 -21.83 33.97
N ILE A 112 -6.90 -22.37 34.58
CA ILE A 112 -5.59 -22.56 33.90
C ILE A 112 -5.81 -23.56 32.76
N ALA A 113 -6.54 -24.64 33.01
CA ALA A 113 -6.74 -25.72 32.01
C ALA A 113 -7.41 -25.14 30.76
N CYS A 114 -8.39 -24.27 30.94
CA CYS A 114 -9.22 -23.68 29.86
C CYS A 114 -8.39 -22.68 29.06
N LEU A 115 -7.62 -21.84 29.74
CA LEU A 115 -6.66 -20.90 29.12
C LEU A 115 -5.66 -21.68 28.26
N CYS A 116 -5.26 -22.87 28.71
CA CYS A 116 -4.16 -23.66 28.10
C CYS A 116 -4.65 -24.70 27.10
N HIS A 117 -5.97 -24.94 27.03
CA HIS A 117 -6.56 -26.16 26.43
C HIS A 117 -6.26 -26.28 24.94
N ASP A 118 -5.95 -25.18 24.23
CA ASP A 118 -5.67 -25.21 22.77
C ASP A 118 -4.29 -24.63 22.45
N LEU A 119 -3.35 -24.62 23.40
CA LEU A 119 -1.97 -24.09 23.17
C LEU A 119 -1.34 -24.61 21.86
N ASP A 120 -0.84 -23.68 21.03
CA ASP A 120 -0.03 -23.98 19.82
C ASP A 120 -0.90 -24.75 18.81
N HIS A 121 -2.21 -24.49 18.80
CA HIS A 121 -3.12 -25.04 17.76
C HIS A 121 -2.70 -24.46 16.40
N ARG A 122 -2.71 -25.28 15.36
CA ARG A 122 -2.30 -24.87 13.99
C ARG A 122 -3.51 -24.60 13.10
N GLY A 123 -4.74 -24.74 13.63
CA GLY A 123 -5.98 -24.59 12.82
C GLY A 123 -6.33 -25.88 12.09
N PHE A 124 -5.79 -27.04 12.50
CA PHE A 124 -6.06 -28.36 11.87
C PHE A 124 -6.53 -29.40 12.88
N SER A 125 -7.46 -30.25 12.45
CA SER A 125 -8.04 -31.38 13.22
C SER A 125 -7.01 -32.50 13.41
N ASN A 126 -7.23 -33.34 14.42
CA ASN A 126 -6.46 -34.59 14.64
C ASN A 126 -6.41 -35.38 13.32
N SER A 127 -7.55 -35.54 12.63
CA SER A 127 -7.71 -36.32 11.36
C SER A 127 -6.77 -35.79 10.28
N TYR A 128 -6.62 -34.47 10.17
CA TYR A 128 -5.74 -33.89 9.12
C TYR A 128 -4.27 -34.21 9.46
N LEU A 129 -3.86 -34.05 10.71
CA LEU A 129 -2.49 -34.42 11.18
C LEU A 129 -2.19 -35.88 10.81
N GLN A 130 -3.15 -36.78 11.05
CA GLN A 130 -3.02 -38.24 10.74
C GLN A 130 -2.83 -38.41 9.24
N LYS A 131 -3.70 -37.80 8.42
CA LYS A 131 -3.67 -37.98 6.95
C LYS A 131 -2.43 -37.31 6.36
N PHE A 132 -2.00 -36.17 6.92
CA PHE A 132 -0.76 -35.50 6.48
C PHE A 132 0.45 -36.36 6.86
N ASP A 133 0.32 -37.17 7.90
CA ASP A 133 1.43 -37.95 8.52
C ASP A 133 2.32 -36.94 9.26
N HIS A 134 1.71 -36.06 10.06
CA HIS A 134 2.44 -35.03 10.85
C HIS A 134 3.21 -35.73 11.96
N PRO A 135 4.43 -35.27 12.30
CA PRO A 135 5.20 -35.86 13.41
C PRO A 135 4.42 -36.01 14.74
N LEU A 136 3.55 -35.06 15.10
CA LEU A 136 2.73 -35.14 16.34
C LEU A 136 1.81 -36.38 16.28
N ALA A 137 1.41 -36.85 15.09
CA ALA A 137 0.49 -38.00 14.92
C ALA A 137 1.25 -39.31 15.20
N ALA A 138 2.56 -39.33 14.99
CA ALA A 138 3.47 -40.43 15.39
C ALA A 138 3.69 -40.39 16.91
N LEU A 139 3.91 -39.20 17.46
CA LEU A 139 4.17 -39.06 18.91
C LEU A 139 2.90 -39.40 19.72
N TYR A 140 1.71 -38.98 19.26
CA TYR A 140 0.42 -39.14 19.98
C TYR A 140 -0.66 -39.69 19.05
N SER A 141 -0.91 -40.99 19.13
CA SER A 141 -1.76 -41.76 18.18
C SER A 141 -3.22 -41.32 18.33
N THR A 142 -3.66 -41.05 19.54
CA THR A 142 -5.03 -40.57 19.82
C THR A 142 -4.98 -39.26 20.62
N SER A 143 -6.06 -38.48 20.50
CA SER A 143 -6.18 -37.12 21.04
C SER A 143 -4.90 -36.33 20.74
N THR A 144 -4.44 -36.36 19.48
CA THR A 144 -3.10 -35.87 19.08
C THR A 144 -2.90 -34.43 19.56
N MET A 145 -3.70 -33.47 19.09
CA MET A 145 -3.49 -32.04 19.44
C MET A 145 -3.64 -31.86 20.96
N GLU A 146 -4.55 -32.61 21.60
CA GLU A 146 -4.87 -32.43 23.04
C GLU A 146 -3.67 -32.90 23.89
N GLN A 147 -2.94 -33.92 23.46
CA GLN A 147 -1.71 -34.36 24.19
C GLN A 147 -0.65 -33.28 24.01
N HIS A 148 -0.53 -32.73 22.81
CA HIS A 148 0.34 -31.57 22.51
C HIS A 148 -0.02 -30.37 23.40
N HIS A 149 -1.31 -30.03 23.52
CA HIS A 149 -1.77 -28.84 24.31
C HIS A 149 -1.30 -28.99 25.76
N PHE A 150 -1.47 -30.17 26.34
CA PHE A 150 -1.00 -30.45 27.71
C PHE A 150 0.53 -30.37 27.80
N SER A 151 1.24 -30.99 26.86
CA SER A 151 2.72 -30.95 26.80
C SER A 151 3.19 -29.50 26.84
N GLN A 152 2.60 -28.63 26.01
CA GLN A 152 2.92 -27.19 25.93
C GLN A 152 2.65 -26.52 27.28
N THR A 153 1.59 -26.92 27.98
CA THR A 153 1.20 -26.35 29.30
C THR A 153 2.31 -26.65 30.32
N VAL A 154 2.77 -27.90 30.36
CA VAL A 154 3.88 -28.35 31.27
C VAL A 154 5.14 -27.55 30.94
N SER A 155 5.48 -27.43 29.65
CA SER A 155 6.72 -26.73 29.19
C SER A 155 6.71 -25.28 29.69
N ILE A 156 5.57 -24.57 29.58
CA ILE A 156 5.44 -23.15 30.02
C ILE A 156 5.55 -23.08 31.55
N LEU A 157 4.88 -23.98 32.28
CA LEU A 157 4.95 -24.03 33.76
C LEU A 157 6.42 -24.17 34.22
N GLN A 158 7.26 -24.81 33.40
CA GLN A 158 8.67 -25.15 33.75
C GLN A 158 9.63 -24.02 33.36
N LEU A 159 9.22 -23.03 32.57
CA LEU A 159 10.02 -21.79 32.34
C LEU A 159 10.35 -21.15 33.69
N GLU A 160 11.54 -20.55 33.84
CA GLU A 160 11.94 -19.84 35.10
C GLU A 160 10.95 -18.69 35.35
N GLY A 161 10.45 -18.58 36.58
CA GLY A 161 9.54 -17.51 37.04
C GLY A 161 8.09 -17.77 36.68
N HIS A 162 7.77 -18.92 36.06
CA HIS A 162 6.45 -19.23 35.44
C HIS A 162 5.68 -20.26 36.27
N ASN A 163 6.23 -20.74 37.38
CA ASN A 163 5.58 -21.84 38.14
C ASN A 163 4.60 -21.23 39.15
N ILE A 164 3.38 -21.01 38.69
CA ILE A 164 2.25 -20.40 39.45
C ILE A 164 1.78 -21.34 40.55
N PHE A 165 2.16 -22.62 40.51
CA PHE A 165 1.74 -23.64 41.51
C PHE A 165 2.83 -23.89 42.55
N SER A 166 3.89 -23.07 42.61
CA SER A 166 5.12 -23.30 43.41
C SER A 166 4.80 -23.49 44.90
N THR A 167 3.78 -22.78 45.41
CA THR A 167 3.36 -22.78 46.83
C THR A 167 2.61 -24.08 47.18
N LEU A 168 2.11 -24.82 46.20
CA LEU A 168 1.44 -26.12 46.45
C LEU A 168 2.49 -27.13 46.92
N SER A 169 2.10 -28.08 47.76
CA SER A 169 2.90 -29.26 48.16
C SER A 169 3.07 -30.18 46.94
N SER A 170 3.91 -31.20 47.07
CA SER A 170 4.24 -32.17 46.00
C SER A 170 2.99 -32.94 45.55
N SER A 171 2.11 -33.34 46.48
CA SER A 171 0.91 -34.16 46.20
C SER A 171 -0.20 -33.29 45.61
N GLU A 172 -0.39 -32.09 46.16
CA GLU A 172 -1.28 -31.06 45.58
C GLU A 172 -0.81 -30.67 44.17
N TYR A 173 0.50 -30.58 43.92
CA TYR A 173 1.06 -30.21 42.58
C TYR A 173 0.73 -31.32 41.59
N GLU A 174 0.95 -32.59 41.98
CA GLU A 174 0.64 -33.75 41.12
C GLU A 174 -0.87 -33.83 40.86
N GLN A 175 -1.68 -33.49 41.85
CA GLN A 175 -3.16 -33.50 41.77
C GLN A 175 -3.65 -32.43 40.78
N VAL A 176 -3.13 -31.21 40.88
CA VAL A 176 -3.59 -30.09 40.00
C VAL A 176 -3.16 -30.38 38.57
N LEU A 177 -1.96 -30.93 38.35
CA LEU A 177 -1.47 -31.22 36.97
C LEU A 177 -2.30 -32.35 36.39
N GLU A 178 -2.75 -33.29 37.22
CA GLU A 178 -3.63 -34.41 36.80
C GLU A 178 -5.03 -33.90 36.42
N ILE A 179 -5.58 -32.96 37.18
CA ILE A 179 -6.86 -32.28 36.85
C ILE A 179 -6.75 -31.61 35.47
N ILE A 180 -5.69 -30.81 35.27
CA ILE A 180 -5.46 -30.05 34.00
C ILE A 180 -5.32 -31.02 32.83
N ARG A 181 -4.63 -32.15 33.03
CA ARG A 181 -4.35 -33.12 31.93
C ARG A 181 -5.68 -33.74 31.47
N LYS A 182 -6.43 -34.31 32.41
CA LYS A 182 -7.75 -34.92 32.11
C LYS A 182 -8.63 -33.85 31.46
N ALA A 183 -8.67 -32.65 32.05
CA ALA A 183 -9.49 -31.51 31.58
C ALA A 183 -9.15 -31.26 30.11
N ILE A 184 -7.87 -31.24 29.75
CA ILE A 184 -7.44 -30.84 28.38
C ILE A 184 -7.68 -31.99 27.42
N ILE A 185 -7.35 -33.24 27.80
CA ILE A 185 -7.67 -34.43 26.96
C ILE A 185 -9.18 -34.47 26.71
N ALA A 186 -10.01 -34.08 27.68
CA ALA A 186 -11.49 -34.16 27.55
C ALA A 186 -11.98 -33.24 26.42
N THR A 187 -11.21 -32.21 26.04
CA THR A 187 -11.61 -31.26 24.98
C THR A 187 -11.53 -31.94 23.62
N ASP A 188 -10.97 -33.16 23.55
CA ASP A 188 -11.05 -33.99 22.31
C ASP A 188 -12.50 -34.43 22.14
N LEU A 189 -13.24 -33.77 21.24
CA LEU A 189 -14.69 -34.01 21.00
C LEU A 189 -14.93 -35.52 20.74
N ALA A 190 -13.98 -36.23 20.13
CA ALA A 190 -14.07 -37.69 19.90
C ALA A 190 -14.45 -38.39 21.21
N LEU A 191 -13.97 -37.88 22.35
CA LEU A 191 -14.19 -38.52 23.68
C LEU A 191 -15.50 -38.06 24.32
N TYR A 192 -16.09 -36.97 23.86
CA TYR A 192 -17.27 -36.36 24.53
C TYR A 192 -18.46 -37.34 24.46
N PHE A 193 -18.71 -37.94 23.30
CA PHE A 193 -19.92 -38.76 23.01
C PHE A 193 -20.05 -39.87 24.06
N GLY A 194 -19.02 -40.68 24.26
CA GLY A 194 -19.04 -41.76 25.26
C GLY A 194 -19.12 -41.22 26.67
N ASN A 195 -18.39 -40.14 26.98
CA ASN A 195 -18.40 -39.51 28.32
C ASN A 195 -19.82 -39.04 28.69
N ARG A 196 -20.50 -38.34 27.80
CA ARG A 196 -21.87 -37.86 28.09
C ARG A 196 -22.83 -39.06 28.25
N LYS A 197 -22.69 -40.11 27.43
CA LYS A 197 -23.57 -41.31 27.48
C LYS A 197 -23.43 -41.94 28.87
N GLN A 198 -22.20 -42.24 29.29
CA GLN A 198 -21.93 -42.73 30.66
C GLN A 198 -22.61 -41.81 31.68
N LEU A 199 -22.41 -40.49 31.58
CA LEU A 199 -22.95 -39.54 32.59
C LEU A 199 -24.48 -39.61 32.60
N GLU A 200 -25.11 -39.70 31.42
CA GLU A 200 -26.59 -39.76 31.28
C GLU A 200 -27.11 -40.99 32.05
N GLU A 201 -26.57 -42.18 31.75
CA GLU A 201 -26.91 -43.47 32.42
C GLU A 201 -26.78 -43.32 33.94
N MET A 202 -25.64 -42.80 34.40
CA MET A 202 -25.33 -42.65 35.84
C MET A 202 -26.37 -41.74 36.49
N TYR A 203 -26.72 -40.63 35.84
CA TYR A 203 -27.70 -39.66 36.38
C TYR A 203 -29.08 -40.32 36.52
N GLN A 204 -29.50 -41.03 35.47
CA GLN A 204 -30.87 -41.62 35.30
C GLN A 204 -31.07 -42.85 36.18
N THR A 205 -30.02 -43.66 36.41
CA THR A 205 -30.05 -44.82 37.33
C THR A 205 -29.68 -44.37 38.74
N GLY A 206 -29.34 -43.09 38.93
CA GLY A 206 -29.14 -42.47 40.25
C GLY A 206 -27.80 -42.84 40.86
N SER A 207 -26.90 -43.48 40.09
CA SER A 207 -25.58 -43.93 40.58
C SER A 207 -24.54 -42.79 40.54
N LEU A 208 -24.89 -41.59 40.06
CA LEU A 208 -23.93 -40.47 39.99
C LEU A 208 -23.49 -40.09 41.41
N ASN A 209 -22.18 -40.04 41.67
CA ASN A 209 -21.62 -39.80 43.03
C ASN A 209 -20.43 -38.85 42.96
N LEU A 210 -20.62 -37.59 43.36
CA LEU A 210 -19.59 -36.52 43.22
C LEU A 210 -18.41 -36.74 44.19
N ASN A 211 -18.48 -37.75 45.08
CA ASN A 211 -17.35 -38.13 45.97
C ASN A 211 -16.55 -39.27 45.32
N ASN A 212 -17.07 -39.87 44.25
CA ASN A 212 -16.35 -40.85 43.41
C ASN A 212 -15.48 -40.05 42.42
N GLN A 213 -14.16 -40.20 42.53
CA GLN A 213 -13.17 -39.43 41.74
C GLN A 213 -13.40 -39.65 40.24
N SER A 214 -13.65 -40.90 39.83
CA SER A 214 -13.89 -41.29 38.42
C SER A 214 -15.13 -40.57 37.90
N HIS A 215 -16.08 -40.25 38.79
CA HIS A 215 -17.35 -39.56 38.45
C HIS A 215 -17.09 -38.06 38.29
N ARG A 216 -16.33 -37.46 39.23
CA ARG A 216 -15.90 -36.04 39.19
C ARG A 216 -15.19 -35.78 37.86
N ASP A 217 -14.19 -36.63 37.55
CA ASP A 217 -13.45 -36.59 36.26
C ASP A 217 -14.43 -36.45 35.10
N ARG A 218 -15.43 -37.33 35.03
CA ARG A 218 -16.42 -37.34 33.93
C ARG A 218 -17.14 -35.99 33.89
N VAL A 219 -17.54 -35.48 35.06
CA VAL A 219 -18.33 -34.23 35.19
C VAL A 219 -17.44 -33.04 34.78
N ILE A 220 -16.18 -33.03 35.22
CA ILE A 220 -15.20 -31.99 34.77
C ILE A 220 -15.04 -32.10 33.25
N GLY A 221 -14.93 -33.32 32.71
CA GLY A 221 -14.83 -33.57 31.27
C GLY A 221 -15.95 -32.90 30.50
N LEU A 222 -17.18 -33.07 30.99
CA LEU A 222 -18.38 -32.51 30.31
C LEU A 222 -18.38 -30.98 30.44
N MET A 223 -18.05 -30.43 31.62
CA MET A 223 -17.83 -28.97 31.80
C MET A 223 -16.87 -28.45 30.72
N MET A 224 -15.79 -29.18 30.43
CA MET A 224 -14.75 -28.75 29.47
C MET A 224 -15.36 -28.70 28.06
N THR A 225 -16.13 -29.73 27.68
CA THR A 225 -16.88 -29.74 26.40
C THR A 225 -17.82 -28.53 26.36
N ALA A 226 -18.57 -28.29 27.44
CA ALA A 226 -19.56 -27.20 27.54
C ALA A 226 -18.87 -25.84 27.34
N CYS A 227 -17.76 -25.60 28.05
CA CYS A 227 -16.97 -24.34 27.94
C CYS A 227 -16.38 -24.22 26.52
N ASP A 228 -15.82 -25.30 26.00
CA ASP A 228 -15.18 -25.34 24.66
C ASP A 228 -16.18 -25.04 23.53
N LEU A 229 -17.45 -25.39 23.68
CA LEU A 229 -18.47 -25.19 22.61
C LEU A 229 -19.28 -23.91 22.86
N CYS A 230 -18.89 -23.08 23.83
CA CYS A 230 -19.76 -22.03 24.43
C CYS A 230 -20.11 -20.93 23.39
N SER A 231 -19.46 -20.91 22.23
CA SER A 231 -19.87 -20.12 21.05
C SER A 231 -21.40 -20.23 20.82
N VAL A 232 -21.94 -21.43 20.94
CA VAL A 232 -23.37 -21.74 20.64
C VAL A 232 -24.27 -21.21 21.77
N THR A 233 -23.71 -20.70 22.88
CA THR A 233 -24.48 -20.24 24.07
C THR A 233 -24.45 -18.71 24.18
N LYS A 234 -23.87 -18.02 23.20
CA LYS A 234 -23.81 -16.54 23.17
C LYS A 234 -25.11 -15.99 22.59
N LEU A 235 -25.26 -14.68 22.58
CA LEU A 235 -26.37 -14.04 21.83
C LEU A 235 -26.10 -14.26 20.35
N TRP A 236 -27.17 -14.31 19.55
CA TRP A 236 -27.15 -14.74 18.14
C TRP A 236 -26.06 -14.05 17.31
N PRO A 237 -25.89 -12.70 17.37
CA PRO A 237 -24.86 -12.04 16.57
C PRO A 237 -23.43 -12.55 16.81
N VAL A 238 -23.08 -12.81 18.07
CA VAL A 238 -21.77 -13.40 18.49
C VAL A 238 -21.65 -14.82 17.92
N THR A 239 -22.69 -15.65 18.12
CA THR A 239 -22.74 -17.05 17.63
C THR A 239 -22.50 -17.09 16.12
N LYS A 240 -23.24 -16.26 15.39
CA LYS A 240 -23.22 -16.19 13.91
C LYS A 240 -21.83 -15.77 13.44
N LEU A 241 -21.25 -14.74 14.06
CA LEU A 241 -19.94 -14.18 13.64
C LEU A 241 -18.81 -15.12 14.08
N THR A 242 -18.94 -15.83 15.19
CA THR A 242 -17.94 -16.88 15.55
C THR A 242 -18.00 -18.04 14.56
N ALA A 243 -19.18 -18.37 14.03
CA ALA A 243 -19.34 -19.45 13.03
C ALA A 243 -18.43 -19.18 11.84
N ASN A 244 -18.32 -17.91 11.41
CA ASN A 244 -17.47 -17.45 10.26
C ASN A 244 -16.00 -17.83 10.50
N ASP A 245 -15.49 -17.61 11.71
CA ASP A 245 -14.09 -17.92 12.06
C ASP A 245 -13.90 -19.44 12.09
N ILE A 246 -14.84 -20.17 12.69
CA ILE A 246 -14.84 -21.66 12.75
C ILE A 246 -14.76 -22.19 11.32
N TYR A 247 -15.63 -21.73 10.43
CA TYR A 247 -15.70 -22.23 9.04
C TYR A 247 -14.45 -21.77 8.26
N ALA A 248 -13.86 -20.63 8.62
CA ALA A 248 -12.64 -20.11 7.97
C ALA A 248 -11.51 -21.13 8.18
N GLU A 249 -11.38 -21.70 9.37
CA GLU A 249 -10.39 -22.77 9.66
C GLU A 249 -10.75 -24.06 8.93
N PHE A 250 -11.99 -24.54 9.08
CA PHE A 250 -12.43 -25.83 8.51
C PHE A 250 -12.22 -25.83 6.98
N TRP A 251 -12.56 -24.74 6.32
CA TRP A 251 -12.53 -24.67 4.84
C TRP A 251 -11.07 -24.69 4.35
N ALA A 252 -10.17 -24.02 5.07
CA ALA A 252 -8.70 -24.11 4.85
C ALA A 252 -8.26 -25.55 5.03
N GLU A 253 -8.74 -26.25 6.06
CA GLU A 253 -8.38 -27.68 6.27
C GLU A 253 -8.90 -28.50 5.09
N GLY A 254 -10.09 -28.16 4.58
CA GLY A 254 -10.70 -28.86 3.44
C GLY A 254 -9.85 -28.65 2.19
N ASP A 255 -9.35 -27.43 1.99
CA ASP A 255 -8.44 -27.07 0.88
C ASP A 255 -7.19 -27.96 0.96
N GLU A 256 -6.66 -28.17 2.17
CA GLU A 256 -5.41 -28.93 2.41
C GLU A 256 -5.67 -30.44 2.22
N MET A 257 -6.89 -30.90 2.53
CA MET A 257 -7.33 -32.28 2.22
C MET A 257 -7.29 -32.46 0.70
N LYS A 258 -7.85 -31.51 -0.06
CA LYS A 258 -7.89 -31.56 -1.55
C LYS A 258 -6.45 -31.57 -2.10
N LYS A 259 -5.52 -30.89 -1.42
CA LYS A 259 -4.08 -30.87 -1.80
C LYS A 259 -3.45 -32.25 -1.59
N LEU A 260 -3.89 -33.02 -0.59
CA LEU A 260 -3.43 -34.43 -0.38
C LEU A 260 -4.19 -35.40 -1.29
N GLY A 261 -5.16 -34.94 -2.09
CA GLY A 261 -5.93 -35.81 -3.03
C GLY A 261 -7.03 -36.55 -2.29
N ILE A 262 -7.62 -35.93 -1.26
CA ILE A 262 -8.73 -36.49 -0.44
C ILE A 262 -9.89 -35.49 -0.46
N GLN A 263 -11.08 -35.91 -0.86
CA GLN A 263 -12.29 -35.07 -0.77
C GLN A 263 -12.56 -34.89 0.73
N PRO A 264 -12.60 -33.65 1.24
CA PRO A 264 -12.97 -33.42 2.63
C PRO A 264 -14.46 -33.73 2.82
N ILE A 265 -14.89 -33.94 4.05
CA ILE A 265 -16.33 -34.02 4.42
C ILE A 265 -16.96 -32.66 4.15
N PRO A 266 -18.26 -32.60 3.79
CA PRO A 266 -18.94 -31.34 3.50
C PRO A 266 -18.66 -30.17 4.47
N MET A 267 -18.52 -30.47 5.76
CA MET A 267 -18.25 -29.46 6.83
C MET A 267 -16.96 -28.67 6.53
N MET A 268 -15.99 -29.29 5.86
CA MET A 268 -14.67 -28.65 5.59
C MET A 268 -14.57 -28.22 4.13
N ASP A 269 -15.60 -28.51 3.33
CA ASP A 269 -15.64 -28.18 1.89
C ASP A 269 -16.32 -26.82 1.70
N ARG A 270 -15.54 -25.81 1.31
CA ARG A 270 -16.07 -24.45 1.02
C ARG A 270 -17.03 -24.49 -0.17
N ASP A 271 -16.99 -25.52 -1.02
CA ASP A 271 -17.90 -25.63 -2.20
C ASP A 271 -19.34 -25.86 -1.74
N LYS A 272 -19.52 -26.33 -0.50
CA LYS A 272 -20.83 -26.67 0.11
C LYS A 272 -21.15 -25.73 1.27
N LYS A 273 -20.87 -24.42 1.12
CA LYS A 273 -21.25 -23.32 2.05
C LYS A 273 -22.77 -23.30 2.25
N ASP A 274 -23.53 -23.54 1.18
CA ASP A 274 -25.01 -23.58 1.15
C ASP A 274 -25.55 -24.54 2.22
N GLU A 275 -24.85 -25.63 2.54
CA GLU A 275 -25.33 -26.68 3.47
C GLU A 275 -25.00 -26.31 4.94
N VAL A 276 -24.47 -25.11 5.21
CA VAL A 276 -24.04 -24.69 6.59
C VAL A 276 -25.24 -24.71 7.52
N PRO A 277 -26.34 -23.99 7.20
CA PRO A 277 -27.52 -23.97 8.08
C PRO A 277 -28.00 -25.36 8.53
N GLN A 278 -28.15 -26.31 7.59
CA GLN A 278 -28.55 -27.70 7.94
C GLN A 278 -27.43 -28.38 8.74
N GLY A 279 -26.16 -28.17 8.37
CA GLY A 279 -25.01 -28.67 9.16
C GLY A 279 -25.08 -28.23 10.61
N GLN A 280 -25.49 -26.99 10.86
CA GLN A 280 -25.57 -26.42 12.24
C GLN A 280 -26.69 -27.11 13.03
N LEU A 281 -27.85 -27.36 12.41
CA LEU A 281 -28.96 -28.10 13.06
C LEU A 281 -28.46 -29.45 13.58
N GLY A 282 -27.79 -30.24 12.74
CA GLY A 282 -27.24 -31.56 13.11
C GLY A 282 -26.33 -31.45 14.31
N PHE A 283 -25.43 -30.46 14.28
CA PHE A 283 -24.45 -30.16 15.35
C PHE A 283 -25.16 -29.76 16.64
N TYR A 284 -26.20 -28.92 16.58
CA TYR A 284 -26.96 -28.52 17.79
C TYR A 284 -27.64 -29.76 18.40
N ASN A 285 -28.36 -30.52 17.57
CA ASN A 285 -29.18 -31.71 17.97
C ASN A 285 -28.26 -32.86 18.42
N ALA A 286 -27.15 -33.11 17.72
CA ALA A 286 -26.23 -34.24 17.97
C ALA A 286 -25.26 -33.94 19.11
N VAL A 287 -24.74 -32.72 19.19
CA VAL A 287 -23.59 -32.41 20.10
C VAL A 287 -24.04 -31.42 21.16
N ALA A 288 -24.44 -30.22 20.76
CA ALA A 288 -24.58 -29.05 21.65
C ALA A 288 -25.72 -29.25 22.67
N ILE A 289 -26.94 -29.51 22.21
CA ILE A 289 -28.13 -29.59 23.13
C ILE A 289 -27.94 -30.76 24.10
N PRO A 290 -27.59 -31.98 23.66
CA PRO A 290 -27.32 -33.08 24.59
C PRO A 290 -26.27 -32.73 25.65
N CYS A 291 -25.22 -32.00 25.25
CA CYS A 291 -24.11 -31.56 26.12
C CYS A 291 -24.63 -30.68 27.26
N TYR A 292 -25.31 -29.57 26.93
CA TYR A 292 -25.82 -28.61 27.94
C TYR A 292 -27.03 -29.21 28.69
N THR A 293 -27.78 -30.14 28.10
CA THR A 293 -28.89 -30.86 28.81
C THR A 293 -28.31 -31.73 29.93
N THR A 294 -27.35 -32.60 29.63
CA THR A 294 -26.75 -33.51 30.64
C THR A 294 -26.07 -32.63 31.69
N LEU A 295 -25.45 -31.52 31.26
CA LEU A 295 -24.75 -30.61 32.20
C LEU A 295 -25.77 -29.98 33.14
N THR A 296 -26.92 -29.54 32.63
CA THR A 296 -27.98 -28.89 33.44
C THR A 296 -28.53 -29.90 34.47
N GLN A 297 -28.77 -31.14 34.04
CA GLN A 297 -29.22 -32.24 34.94
C GLN A 297 -28.25 -32.37 36.12
N ILE A 298 -26.94 -32.38 35.85
CA ILE A 298 -25.91 -32.63 36.90
C ILE A 298 -25.69 -31.34 37.71
N LEU A 299 -25.63 -30.19 37.05
CA LEU A 299 -25.42 -28.87 37.72
C LEU A 299 -26.55 -27.94 37.33
N PRO A 300 -27.69 -27.97 38.06
CA PRO A 300 -28.87 -27.18 37.71
C PRO A 300 -28.60 -25.72 37.38
N PRO A 301 -27.73 -24.98 38.11
CA PRO A 301 -27.51 -23.57 37.81
C PRO A 301 -26.84 -23.23 36.47
N THR A 302 -26.50 -24.22 35.64
CA THR A 302 -25.91 -23.99 34.29
C THR A 302 -27.02 -23.99 33.23
N GLU A 303 -28.27 -23.91 33.68
CA GLU A 303 -29.47 -23.91 32.79
C GLU A 303 -29.38 -22.78 31.76
N PRO A 304 -28.87 -21.58 32.10
CA PRO A 304 -28.81 -20.48 31.13
C PRO A 304 -28.06 -20.87 29.84
N LEU A 305 -27.02 -21.71 29.93
CA LEU A 305 -26.27 -22.24 28.75
C LEU A 305 -27.23 -23.05 27.87
N LEU A 306 -28.00 -23.96 28.45
CA LEU A 306 -28.95 -24.79 27.66
C LEU A 306 -29.96 -23.85 26.99
N LYS A 307 -30.48 -22.87 27.73
CA LYS A 307 -31.51 -21.93 27.24
C LYS A 307 -30.98 -21.15 26.04
N ALA A 308 -29.76 -20.61 26.15
CA ALA A 308 -29.10 -19.85 25.05
C ALA A 308 -28.83 -20.77 23.86
N CYS A 309 -28.41 -22.01 24.10
CA CYS A 309 -28.21 -23.02 23.04
C CYS A 309 -29.52 -23.22 22.25
N ARG A 310 -30.63 -23.40 22.95
CA ARG A 310 -31.94 -23.66 22.29
CA ARG A 310 -31.96 -23.64 22.33
C ARG A 310 -32.37 -22.42 21.48
N ASP A 311 -32.13 -21.22 22.03
CA ASP A 311 -32.42 -19.94 21.34
C ASP A 311 -31.66 -19.93 20.01
N ASN A 312 -30.39 -20.36 20.00
CA ASN A 312 -29.53 -20.33 18.78
C ASN A 312 -29.96 -21.44 17.80
N LEU A 313 -30.31 -22.62 18.30
CA LEU A 313 -30.91 -23.65 17.42
C LEU A 313 -32.10 -23.02 16.67
N SER A 314 -32.99 -22.35 17.39
CA SER A 314 -34.17 -21.67 16.83
C SER A 314 -33.76 -20.66 15.75
N GLN A 315 -32.65 -19.93 15.95
CA GLN A 315 -32.19 -18.89 14.99
C GLN A 315 -31.75 -19.56 13.69
N TRP A 316 -31.07 -20.71 13.79
CA TRP A 316 -30.58 -21.49 12.61
C TRP A 316 -31.76 -22.07 11.85
N GLU A 317 -32.79 -22.52 12.58
CA GLU A 317 -34.01 -23.04 11.93
C GLU A 317 -34.65 -21.93 11.10
N LYS A 318 -34.62 -20.68 11.59
CA LYS A 318 -35.12 -19.49 10.86
C LYS A 318 -34.29 -19.24 9.60
N VAL A 319 -32.97 -19.41 9.66
CA VAL A 319 -32.12 -19.19 8.45
C VAL A 319 -32.63 -20.11 7.33
N ILE A 320 -32.83 -21.40 7.62
CA ILE A 320 -33.28 -22.41 6.62
C ILE A 320 -34.62 -21.97 6.02
N ARG A 321 -35.53 -21.44 6.85
CA ARG A 321 -36.90 -21.03 6.44
C ARG A 321 -36.87 -19.67 5.72
N GLY A 322 -35.67 -19.18 5.37
CA GLY A 322 -35.46 -17.93 4.61
C GLY A 322 -36.04 -16.72 5.32
N GLU A 323 -36.16 -16.77 6.65
CA GLU A 323 -36.59 -15.64 7.51
C GLU A 323 -35.36 -14.79 7.88
N GLU A 324 -34.16 -15.36 7.72
CA GLU A 324 -32.85 -14.65 7.72
C GLU A 324 -31.76 -15.61 7.20
N GLN B 11 28.06 16.09 9.46
CA GLN B 11 26.77 15.44 9.10
C GLN B 11 25.60 16.42 9.30
N GLY B 12 25.74 17.63 8.76
CA GLY B 12 24.78 18.74 8.90
C GLY B 12 24.01 18.99 7.62
N LEU B 13 24.72 19.20 6.50
CA LEU B 13 24.13 19.57 5.18
C LEU B 13 23.72 18.31 4.41
N MET B 14 22.96 17.44 5.06
CA MET B 14 22.26 16.28 4.45
C MET B 14 20.81 16.67 4.21
N GLN B 15 20.35 16.59 2.97
CA GLN B 15 18.92 16.72 2.62
C GLN B 15 18.43 15.34 2.15
N PHE B 16 17.15 15.05 2.38
CA PHE B 16 16.46 13.86 1.84
C PHE B 16 16.07 14.16 0.39
N THR B 17 16.39 13.25 -0.51
CA THR B 17 15.99 13.32 -1.94
C THR B 17 15.03 12.16 -2.19
N LEU B 18 14.05 12.39 -3.06
CA LEU B 18 13.13 11.35 -3.53
C LEU B 18 13.47 11.05 -4.97
N PRO B 19 13.05 9.86 -5.49
CA PRO B 19 13.03 9.63 -6.93
C PRO B 19 12.22 10.71 -7.65
N VAL B 20 12.51 10.90 -8.94
CA VAL B 20 12.01 12.03 -9.77
C VAL B 20 10.49 12.08 -9.68
N ARG B 21 9.79 10.96 -9.88
CA ARG B 21 8.32 10.94 -9.97
C ARG B 21 7.75 11.45 -8.64
N LEU B 22 8.21 10.91 -7.52
CA LEU B 22 7.73 11.31 -6.17
C LEU B 22 8.05 12.79 -5.96
N CYS B 23 9.27 13.20 -6.28
CA CYS B 23 9.81 14.55 -6.05
C CYS B 23 8.88 15.62 -6.66
N LYS B 24 8.42 15.40 -7.89
CA LYS B 24 7.48 16.31 -8.59
C LYS B 24 6.07 16.09 -8.02
N GLU B 25 5.66 14.85 -7.77
CA GLU B 25 4.24 14.47 -7.53
C GLU B 25 3.83 14.89 -6.11
N ILE B 26 4.80 15.00 -5.20
CA ILE B 26 4.52 15.22 -3.75
C ILE B 26 4.03 16.65 -3.52
N GLU B 27 4.35 17.57 -4.43
CA GLU B 27 3.89 18.98 -4.39
C GLU B 27 2.40 19.05 -4.73
N LEU B 28 1.83 18.02 -5.35
CA LEU B 28 0.40 17.99 -5.70
C LEU B 28 -0.40 17.52 -4.47
N PHE B 29 -1.61 18.08 -4.31
CA PHE B 29 -2.58 17.71 -3.25
C PHE B 29 -3.02 16.25 -3.42
N HIS B 30 -3.12 15.73 -4.65
CA HIS B 30 -3.75 14.40 -4.91
C HIS B 30 -2.71 13.27 -4.91
N PHE B 31 -1.49 13.56 -4.45
CA PHE B 31 -0.35 12.61 -4.31
C PHE B 31 -0.76 11.46 -3.38
N ASP B 32 -0.47 10.24 -3.80
CA ASP B 32 -0.59 8.99 -3.00
C ASP B 32 0.82 8.60 -2.59
N ILE B 33 1.07 8.33 -1.30
CA ILE B 33 2.44 8.04 -0.79
C ILE B 33 2.90 6.62 -1.18
N GLY B 34 2.05 5.84 -1.86
CA GLY B 34 2.42 4.54 -2.45
C GLY B 34 2.44 3.40 -1.43
N PRO B 35 2.65 2.13 -1.87
CA PRO B 35 2.58 0.95 -0.99
C PRO B 35 3.87 0.49 -0.33
N PHE B 36 4.97 1.23 -0.50
CA PHE B 36 6.29 0.88 0.11
C PHE B 36 6.45 1.61 1.45
N GLU B 37 6.15 0.90 2.55
CA GLU B 37 6.10 1.43 3.94
C GLU B 37 7.46 1.99 4.35
N ASN B 38 8.54 1.39 3.87
CA ASN B 38 9.94 1.75 4.25
C ASN B 38 10.30 3.12 3.68
N MET B 39 9.56 3.63 2.70
CA MET B 39 9.81 4.97 2.12
C MET B 39 9.03 6.07 2.86
N TRP B 40 8.01 5.73 3.64
CA TRP B 40 7.12 6.75 4.26
C TRP B 40 7.90 7.64 5.21
N PRO B 41 8.77 7.11 6.11
CA PRO B 41 9.47 7.96 7.07
C PRO B 41 10.31 9.06 6.38
N GLY B 42 10.99 8.70 5.29
CA GLY B 42 11.83 9.62 4.49
C GLY B 42 10.96 10.63 3.75
N ILE B 43 9.79 10.22 3.26
CA ILE B 43 8.80 11.14 2.62
C ILE B 43 8.40 12.20 3.65
N PHE B 44 8.27 11.81 4.92
CA PHE B 44 7.85 12.74 6.02
C PHE B 44 8.99 13.69 6.41
N VAL B 45 10.22 13.19 6.54
CA VAL B 45 11.41 14.04 6.88
C VAL B 45 11.62 15.02 5.72
N TYR B 46 11.50 14.54 4.47
CA TYR B 46 11.58 15.36 3.24
C TYR B 46 10.60 16.54 3.29
N MET B 47 9.33 16.25 3.62
CA MET B 47 8.27 17.29 3.76
C MET B 47 8.65 18.26 4.89
N VAL B 48 9.18 17.75 6.02
CA VAL B 48 9.59 18.59 7.18
C VAL B 48 10.74 19.51 6.78
N HIS B 49 11.72 19.02 6.01
CA HIS B 49 12.92 19.80 5.59
C HIS B 49 12.49 20.94 4.67
N ARG B 50 11.72 20.64 3.62
CA ARG B 50 11.28 21.63 2.60
C ARG B 50 10.25 22.60 3.19
N SER B 51 9.51 22.18 4.22
CA SER B 51 8.34 22.95 4.74
C SER B 51 8.79 24.00 5.76
N CYS B 52 9.64 23.63 6.72
CA CYS B 52 10.07 24.56 7.80
C CYS B 52 11.60 24.64 7.93
N GLY B 53 12.36 23.73 7.31
CA GLY B 53 13.83 23.83 7.24
C GLY B 53 14.56 22.59 7.75
N THR B 54 15.81 22.40 7.29
CA THR B 54 16.69 21.23 7.60
C THR B 54 17.31 21.40 8.99
N SER B 55 16.98 22.50 9.68
CA SER B 55 17.46 22.85 11.04
C SER B 55 16.30 22.87 12.04
N CYS B 56 15.06 22.62 11.59
CA CYS B 56 13.84 22.60 12.45
C CYS B 56 14.03 21.58 13.58
N PHE B 57 14.65 20.45 13.27
CA PHE B 57 14.83 19.30 14.19
C PHE B 57 16.23 18.70 13.98
N GLU B 58 16.86 18.23 15.06
CA GLU B 58 18.05 17.35 14.98
C GLU B 58 17.57 16.02 14.37
N LEU B 59 18.16 15.62 13.23
CA LEU B 59 17.71 14.47 12.41
C LEU B 59 17.65 13.20 13.27
N GLU B 60 18.58 13.02 14.21
CA GLU B 60 18.66 11.77 15.03
C GLU B 60 17.41 11.66 15.91
N LYS B 61 17.08 12.73 16.64
CA LYS B 61 15.84 12.82 17.46
C LYS B 61 14.59 12.67 16.58
N LEU B 62 14.55 13.34 15.42
CA LEU B 62 13.38 13.28 14.50
C LEU B 62 13.14 11.84 14.06
N CME B 63 14.17 11.18 13.52
CA CME B 63 14.12 9.77 13.02
CB CME B 63 15.43 9.35 12.36
SG CME B 63 15.67 9.97 10.67
SD CME B 63 14.11 9.11 9.64
CE CME B 63 14.71 7.49 9.12
CZ CME B 63 15.57 7.57 7.89
OH CME B 63 16.45 6.47 7.80
C CME B 63 13.67 8.85 14.16
O CME B 63 12.85 7.95 13.91
N ARG B 64 14.15 9.09 15.37
CA ARG B 64 13.80 8.32 16.59
C ARG B 64 12.31 8.56 16.95
N PHE B 65 11.87 9.81 16.93
CA PHE B 65 10.45 10.21 17.14
C PHE B 65 9.56 9.45 16.14
N ILE B 66 9.88 9.57 14.85
CA ILE B 66 9.07 9.01 13.72
C ILE B 66 8.90 7.49 13.92
N MET B 67 9.97 6.79 14.26
CA MET B 67 9.95 5.31 14.40
C MET B 67 9.16 4.92 15.65
N SER B 68 9.22 5.70 16.74
CA SER B 68 8.40 5.46 17.95
C SER B 68 6.92 5.73 17.67
N VAL B 69 6.63 6.75 16.85
CA VAL B 69 5.24 7.05 16.42
C VAL B 69 4.72 5.90 15.58
N LYS B 70 5.48 5.47 14.57
CA LYS B 70 5.10 4.35 13.67
C LYS B 70 4.72 3.14 14.52
N LYS B 71 5.61 2.78 15.44
CA LYS B 71 5.49 1.63 16.37
C LYS B 71 4.15 1.69 17.12
N ASN B 72 3.60 2.89 17.39
CA ASN B 72 2.41 3.07 18.26
C ASN B 72 1.13 3.27 17.42
N TYR B 73 1.22 3.13 16.11
CA TYR B 73 0.04 2.91 15.22
C TYR B 73 -0.17 1.40 15.06
N ARG B 74 -1.43 0.96 15.06
CA ARG B 74 -1.82 -0.48 15.01
C ARG B 74 -2.12 -0.90 13.56
N ARG B 75 -2.08 -2.20 13.31
CA ARG B 75 -2.38 -2.80 11.99
C ARG B 75 -3.90 -2.92 11.84
N VAL B 76 -4.55 -1.79 11.61
CA VAL B 76 -6.01 -1.67 11.37
C VAL B 76 -6.18 -1.36 9.89
N PRO B 77 -7.36 -1.63 9.28
CA PRO B 77 -7.55 -1.42 7.85
C PRO B 77 -7.29 0.04 7.43
N TYR B 78 -7.63 1.02 8.26
CA TYR B 78 -7.64 2.44 7.80
C TYR B 78 -6.84 3.33 8.74
N HIS B 79 -7.21 3.39 10.03
CA HIS B 79 -6.60 4.29 11.03
C HIS B 79 -5.21 3.81 11.44
N ASN B 80 -4.31 3.77 10.46
CA ASN B 80 -2.98 3.11 10.57
C ASN B 80 -1.89 4.12 10.17
N TRP B 81 -0.64 3.65 10.18
CA TRP B 81 0.57 4.43 9.84
C TRP B 81 0.42 5.14 8.50
N LYS B 82 -0.12 4.46 7.49
CA LYS B 82 -0.28 5.05 6.14
C LYS B 82 -1.18 6.29 6.23
N HIS B 83 -2.25 6.22 7.03
CA HIS B 83 -3.21 7.33 7.21
C HIS B 83 -2.43 8.51 7.80
N ALA B 84 -1.66 8.27 8.85
CA ALA B 84 -0.88 9.30 9.57
C ALA B 84 -0.05 10.13 8.57
N VAL B 85 0.66 9.46 7.67
CA VAL B 85 1.63 10.10 6.73
C VAL B 85 0.82 10.80 5.64
N THR B 86 -0.21 10.15 5.09
CA THR B 86 -1.14 10.76 4.11
C THR B 86 -1.73 12.08 4.63
N VAL B 87 -2.21 12.12 5.86
CA VAL B 87 -2.80 13.35 6.49
C VAL B 87 -1.69 14.39 6.64
N ALA B 88 -0.47 13.98 6.97
CA ALA B 88 0.70 14.89 7.08
C ALA B 88 1.05 15.45 5.70
N HIS B 89 0.98 14.65 4.64
CA HIS B 89 1.22 15.11 3.26
C HIS B 89 0.22 16.20 2.87
N CYS B 90 -1.08 16.03 3.15
CA CYS B 90 -2.12 17.05 2.81
C CYS B 90 -1.75 18.35 3.52
N MET B 91 -1.34 18.29 4.79
CA MET B 91 -0.92 19.49 5.56
C MET B 91 0.31 20.12 4.88
N TYR B 92 1.28 19.29 4.51
CA TYR B 92 2.49 19.73 3.77
C TYR B 92 2.05 20.52 2.53
N ALA B 93 1.12 19.99 1.75
CA ALA B 93 0.62 20.65 0.51
C ALA B 93 -0.06 21.99 0.83
N ILE B 94 -0.87 22.07 1.89
CA ILE B 94 -1.56 23.33 2.31
C ILE B 94 -0.50 24.36 2.73
N LEU B 95 0.48 23.94 3.54
CA LEU B 95 1.53 24.85 4.08
C LEU B 95 2.43 25.37 2.95
N GLN B 96 2.84 24.51 2.02
CA GLN B 96 3.71 24.89 0.87
C GLN B 96 3.00 25.92 -0.03
N ASN B 97 1.66 25.87 -0.09
CA ASN B 97 0.85 26.78 -0.95
C ASN B 97 0.33 28.00 -0.18
N ASN B 98 0.67 28.16 1.10
CA ASN B 98 0.24 29.32 1.93
C ASN B 98 1.37 29.65 2.93
N HIS B 99 2.62 29.64 2.50
CA HIS B 99 3.78 29.47 3.43
C HIS B 99 3.96 30.71 4.31
N THR B 100 3.64 31.91 3.82
CA THR B 100 3.86 33.17 4.59
C THR B 100 2.76 33.37 5.64
N LEU B 101 1.63 32.68 5.54
CA LEU B 101 0.47 32.85 6.48
C LEU B 101 0.78 32.25 7.86
N PHE B 102 1.65 31.25 7.96
CA PHE B 102 1.91 30.50 9.21
C PHE B 102 3.32 30.77 9.73
N THR B 103 3.44 30.75 11.06
CA THR B 103 4.70 30.97 11.79
C THR B 103 5.53 29.68 11.73
N ASP B 104 6.82 29.80 12.07
CA ASP B 104 7.78 28.66 12.10
C ASP B 104 7.28 27.60 13.11
N LEU B 105 6.78 28.05 14.27
CA LEU B 105 6.20 27.16 15.32
C LEU B 105 5.01 26.39 14.75
N GLU B 106 4.10 27.07 14.04
CA GLU B 106 2.88 26.46 13.46
C GLU B 106 3.33 25.42 12.43
N ARG B 107 4.27 25.76 11.55
CA ARG B 107 4.74 24.85 10.47
C ARG B 107 5.34 23.58 11.12
N LYS B 108 6.14 23.74 12.17
CA LYS B 108 6.73 22.61 12.96
C LYS B 108 5.59 21.77 13.54
N GLY B 109 4.70 22.42 14.27
CA GLY B 109 3.66 21.80 15.13
C GLY B 109 2.67 20.98 14.31
N LEU B 110 2.31 21.49 13.14
CA LEU B 110 1.15 20.98 12.37
C LEU B 110 1.53 19.69 11.63
N LEU B 111 2.77 19.54 11.13
CA LEU B 111 3.17 18.26 10.46
C LEU B 111 3.30 17.16 11.51
N ILE B 112 3.86 17.49 12.68
CA ILE B 112 3.94 16.58 13.86
C ILE B 112 2.52 16.24 14.35
N ALA B 113 1.62 17.23 14.42
CA ALA B 113 0.23 16.97 14.84
C ALA B 113 -0.40 15.95 13.89
N CYS B 114 -0.27 16.16 12.58
CA CYS B 114 -0.85 15.28 11.55
C CYS B 114 -0.29 13.86 11.69
N LEU B 115 1.02 13.70 11.86
CA LEU B 115 1.66 12.37 12.02
C LEU B 115 1.10 11.64 13.25
N CYS B 116 0.79 12.38 14.32
CA CYS B 116 0.43 11.82 15.65
C CYS B 116 -1.10 11.79 15.89
N HIS B 117 -1.89 12.34 14.97
CA HIS B 117 -3.32 12.68 15.22
C HIS B 117 -4.17 11.45 15.50
N ASP B 118 -3.79 10.25 15.06
CA ASP B 118 -4.58 9.01 15.31
C ASP B 118 -3.74 7.99 16.10
N LEU B 119 -2.73 8.43 16.83
CA LEU B 119 -1.83 7.50 17.57
C LEU B 119 -2.64 6.48 18.40
N ASP B 120 -2.35 5.20 18.18
CA ASP B 120 -2.85 4.09 19.02
C ASP B 120 -4.36 3.91 18.80
N HIS B 121 -4.84 4.24 17.60
CA HIS B 121 -6.25 4.02 17.17
C HIS B 121 -6.52 2.51 17.15
N ARG B 122 -7.66 2.06 17.67
CA ARG B 122 -8.01 0.61 17.73
C ARG B 122 -8.94 0.22 16.58
N GLY B 123 -9.33 1.19 15.73
CA GLY B 123 -10.27 0.99 14.61
C GLY B 123 -11.71 1.23 15.03
N PHE B 124 -11.94 1.82 16.20
CA PHE B 124 -13.31 2.04 16.73
C PHE B 124 -13.53 3.52 16.97
N SER B 125 -14.76 3.95 16.74
CA SER B 125 -15.24 5.33 16.98
C SER B 125 -15.38 5.58 18.49
N ASN B 126 -15.45 6.85 18.86
CA ASN B 126 -15.74 7.34 20.24
C ASN B 126 -17.06 6.73 20.77
N SER B 127 -18.09 6.63 19.92
CA SER B 127 -19.41 6.03 20.29
C SER B 127 -19.23 4.58 20.70
N TYR B 128 -18.45 3.79 19.96
CA TYR B 128 -18.26 2.34 20.30
C TYR B 128 -17.57 2.23 21.66
N LEU B 129 -16.51 3.02 21.89
CA LEU B 129 -15.76 3.02 23.18
C LEU B 129 -16.76 3.32 24.31
N GLN B 130 -17.61 4.33 24.12
CA GLN B 130 -18.69 4.74 25.05
C GLN B 130 -19.60 3.55 25.35
N LYS B 131 -20.19 2.94 24.33
CA LYS B 131 -21.18 1.84 24.49
C LYS B 131 -20.51 0.60 25.09
N PHE B 132 -19.25 0.32 24.74
CA PHE B 132 -18.50 -0.85 25.24
C PHE B 132 -18.15 -0.61 26.71
N ASP B 133 -18.06 0.65 27.09
CA ASP B 133 -17.61 1.08 28.45
C ASP B 133 -16.11 0.75 28.54
N HIS B 134 -15.34 1.15 27.53
CA HIS B 134 -13.86 1.07 27.52
C HIS B 134 -13.30 2.04 28.56
N PRO B 135 -12.23 1.68 29.30
CA PRO B 135 -11.55 2.59 30.22
C PRO B 135 -11.27 4.01 29.69
N LEU B 136 -10.91 4.12 28.41
CA LEU B 136 -10.62 5.43 27.78
C LEU B 136 -11.86 6.32 27.83
N ALA B 137 -13.07 5.75 27.78
CA ALA B 137 -14.34 6.52 27.83
C ALA B 137 -14.53 7.17 29.20
N ALA B 138 -14.12 6.51 30.29
CA ALA B 138 -14.22 7.04 31.69
C ALA B 138 -13.14 8.10 31.92
N LEU B 139 -11.95 7.88 31.35
CA LEU B 139 -10.83 8.84 31.44
C LEU B 139 -11.16 10.10 30.60
N TYR B 140 -11.73 9.95 29.41
CA TYR B 140 -11.98 11.06 28.46
C TYR B 140 -13.46 11.04 28.03
N SER B 141 -14.30 11.91 28.61
CA SER B 141 -15.77 11.86 28.46
C SER B 141 -16.19 12.38 27.07
N THR B 142 -15.51 13.40 26.53
CA THR B 142 -15.68 13.83 25.11
C THR B 142 -14.35 13.73 24.36
N SER B 143 -14.44 13.71 23.03
CA SER B 143 -13.32 13.56 22.09
C SER B 143 -12.38 12.48 22.64
N THR B 144 -12.93 11.30 22.93
CA THR B 144 -12.27 10.24 23.74
C THR B 144 -10.97 9.84 23.07
N MET B 145 -11.04 9.40 21.81
CA MET B 145 -9.83 8.90 21.12
C MET B 145 -8.86 10.06 20.90
N GLU B 146 -9.35 11.28 20.67
CA GLU B 146 -8.44 12.39 20.27
C GLU B 146 -7.67 12.86 21.49
N GLN B 147 -8.29 12.87 22.67
CA GLN B 147 -7.57 13.16 23.92
C GLN B 147 -6.50 12.07 24.12
N HIS B 148 -6.83 10.81 23.80
CA HIS B 148 -5.87 9.68 23.89
C HIS B 148 -4.71 9.90 22.90
N HIS B 149 -5.01 10.23 21.64
CA HIS B 149 -3.97 10.51 20.61
C HIS B 149 -2.99 11.57 21.15
N PHE B 150 -3.48 12.64 21.77
CA PHE B 150 -2.60 13.73 22.26
C PHE B 150 -1.72 13.20 23.39
N SER B 151 -2.31 12.46 24.33
CA SER B 151 -1.61 11.88 25.51
C SER B 151 -0.47 10.99 25.02
N GLN B 152 -0.71 10.24 23.95
CA GLN B 152 0.27 9.31 23.34
C GLN B 152 1.41 10.13 22.76
N THR B 153 1.09 11.23 22.08
CA THR B 153 2.06 12.16 21.48
C THR B 153 3.00 12.64 22.58
N VAL B 154 2.45 13.04 23.72
CA VAL B 154 3.25 13.63 24.83
C VAL B 154 4.11 12.53 25.46
N SER B 155 3.59 11.31 25.60
CA SER B 155 4.37 10.15 26.12
C SER B 155 5.61 9.97 25.25
N ILE B 156 5.46 9.99 23.93
CA ILE B 156 6.56 9.67 22.98
C ILE B 156 7.60 10.80 23.05
N LEU B 157 7.15 12.06 23.17
CA LEU B 157 8.03 13.25 23.25
C LEU B 157 8.90 13.20 24.50
N GLN B 158 8.44 12.52 25.55
CA GLN B 158 9.16 12.46 26.86
C GLN B 158 10.04 11.21 26.94
N LEU B 159 9.99 10.32 25.94
CA LEU B 159 10.93 9.16 25.81
C LEU B 159 12.36 9.72 25.72
N GLU B 160 13.34 8.98 26.26
CA GLU B 160 14.79 9.36 26.25
C GLU B 160 15.20 9.58 24.79
N GLY B 161 15.74 10.76 24.47
CA GLY B 161 16.26 11.11 23.14
C GLY B 161 15.17 11.39 22.10
N HIS B 162 13.92 11.62 22.50
CA HIS B 162 12.78 11.78 21.56
C HIS B 162 12.28 13.22 21.50
N ASN B 163 12.80 14.11 22.34
CA ASN B 163 12.25 15.49 22.48
C ASN B 163 12.72 16.36 21.33
N ILE B 164 12.00 16.30 20.22
CA ILE B 164 12.36 16.94 18.92
C ILE B 164 12.25 18.46 19.04
N PHE B 165 11.64 18.96 20.12
CA PHE B 165 11.47 20.41 20.42
C PHE B 165 12.46 20.83 21.51
N SER B 166 13.61 20.16 21.62
CA SER B 166 14.60 20.36 22.71
C SER B 166 15.11 21.81 22.69
N THR B 167 15.33 22.36 21.49
CA THR B 167 16.02 23.66 21.25
C THR B 167 15.05 24.84 21.32
N LEU B 168 13.75 24.61 21.60
CA LEU B 168 12.75 25.70 21.81
C LEU B 168 12.88 26.21 23.25
N SER B 169 12.69 27.51 23.46
CA SER B 169 12.47 28.10 24.81
C SER B 169 11.27 27.43 25.46
N SER B 170 11.12 27.57 26.77
CA SER B 170 9.99 27.02 27.57
C SER B 170 8.66 27.56 27.01
N SER B 171 8.61 28.85 26.65
CA SER B 171 7.42 29.53 26.09
C SER B 171 7.08 28.96 24.72
N GLU B 172 8.06 28.86 23.83
CA GLU B 172 7.89 28.29 22.46
C GLU B 172 7.42 26.83 22.57
N TYR B 173 8.05 26.03 23.45
CA TYR B 173 7.68 24.61 23.71
C TYR B 173 6.20 24.54 24.10
N GLU B 174 5.77 25.40 25.03
CA GLU B 174 4.39 25.41 25.59
C GLU B 174 3.41 25.80 24.49
N GLN B 175 3.80 26.74 23.63
CA GLN B 175 2.98 27.20 22.48
C GLN B 175 2.83 26.08 21.46
N VAL B 176 3.89 25.34 21.14
CA VAL B 176 3.87 24.30 20.07
C VAL B 176 3.03 23.10 20.57
N LEU B 177 3.11 22.73 21.85
CA LEU B 177 2.29 21.63 22.42
C LEU B 177 0.82 22.06 22.47
N GLU B 178 0.57 23.36 22.59
CA GLU B 178 -0.82 23.89 22.62
C GLU B 178 -1.38 23.90 21.19
N ILE B 179 -0.58 24.25 20.19
CA ILE B 179 -0.94 24.12 18.76
C ILE B 179 -1.26 22.65 18.46
N ILE B 180 -0.37 21.74 18.83
CA ILE B 180 -0.51 20.29 18.52
C ILE B 180 -1.80 19.78 19.18
N ARG B 181 -2.03 20.09 20.45
CA ARG B 181 -3.21 19.60 21.23
C ARG B 181 -4.50 20.06 20.55
N LYS B 182 -4.59 21.34 20.20
CA LYS B 182 -5.80 21.93 19.58
C LYS B 182 -6.02 21.27 18.21
N ALA B 183 -4.94 21.09 17.45
CA ALA B 183 -5.01 20.48 16.09
C ALA B 183 -5.53 19.05 16.24
N ILE B 184 -4.97 18.28 17.16
CA ILE B 184 -5.38 16.86 17.35
C ILE B 184 -6.84 16.82 17.81
N ILE B 185 -7.25 17.64 18.77
CA ILE B 185 -8.67 17.62 19.27
C ILE B 185 -9.63 17.96 18.13
N ALA B 186 -9.22 18.87 17.23
CA ALA B 186 -10.04 19.34 16.08
C ALA B 186 -10.37 18.18 15.12
N THR B 187 -9.61 17.08 15.14
CA THR B 187 -9.85 15.94 14.20
C THR B 187 -11.05 15.11 14.64
N ASP B 188 -11.62 15.39 15.83
CA ASP B 188 -12.94 14.84 16.24
C ASP B 188 -14.01 15.47 15.33
N LEU B 189 -14.56 14.71 14.38
CA LEU B 189 -15.48 15.22 13.34
C LEU B 189 -16.75 15.79 13.99
N ALA B 190 -17.13 15.34 15.19
CA ALA B 190 -18.22 15.97 15.98
C ALA B 190 -17.99 17.48 16.10
N LEU B 191 -16.72 17.91 16.23
CA LEU B 191 -16.40 19.33 16.55
C LEU B 191 -16.34 20.15 15.27
N TYR B 192 -16.13 19.51 14.12
CA TYR B 192 -16.01 20.15 12.78
C TYR B 192 -17.25 21.00 12.41
N PHE B 193 -18.46 20.49 12.63
CA PHE B 193 -19.72 21.10 12.13
C PHE B 193 -19.85 22.52 12.69
N GLY B 194 -19.74 22.68 14.01
CA GLY B 194 -19.71 23.97 14.71
C GLY B 194 -18.54 24.84 14.26
N ASN B 195 -17.34 24.25 14.11
CA ASN B 195 -16.14 25.03 13.72
C ASN B 195 -16.32 25.61 12.30
N ARG B 196 -16.70 24.78 11.33
CA ARG B 196 -16.89 25.27 9.95
C ARG B 196 -18.02 26.29 9.89
N LYS B 197 -19.11 26.10 10.66
CA LYS B 197 -20.27 27.03 10.66
C LYS B 197 -19.79 28.42 11.08
N GLN B 198 -19.12 28.53 12.23
CA GLN B 198 -18.50 29.80 12.70
C GLN B 198 -17.59 30.40 11.62
N LEU B 199 -16.70 29.60 11.01
CA LEU B 199 -15.73 30.12 10.01
C LEU B 199 -16.47 30.65 8.79
N GLU B 200 -17.47 29.91 8.30
CA GLU B 200 -18.29 30.31 7.14
C GLU B 200 -18.93 31.68 7.41
N GLU B 201 -19.41 31.89 8.63
CA GLU B 201 -20.10 33.14 9.05
C GLU B 201 -19.07 34.28 9.16
N MET B 202 -17.94 34.05 9.82
CA MET B 202 -16.85 35.06 9.96
C MET B 202 -16.35 35.45 8.56
N TYR B 203 -16.03 34.47 7.72
CA TYR B 203 -15.54 34.75 6.35
C TYR B 203 -16.54 35.58 5.56
N GLN B 204 -17.83 35.23 5.65
CA GLN B 204 -18.82 35.84 4.72
C GLN B 204 -19.23 37.24 5.18
N THR B 205 -19.04 37.57 6.47
CA THR B 205 -19.29 38.92 7.05
C THR B 205 -18.03 39.78 7.01
N GLY B 206 -16.85 39.20 6.74
CA GLY B 206 -15.55 39.90 6.72
C GLY B 206 -15.01 40.17 8.12
N SER B 207 -15.44 39.43 9.14
CA SER B 207 -14.90 39.60 10.52
C SER B 207 -13.73 38.64 10.76
N LEU B 208 -13.49 37.69 9.84
CA LEU B 208 -12.40 36.69 9.97
C LEU B 208 -11.06 37.44 10.04
N ASN B 209 -10.34 37.28 11.14
CA ASN B 209 -9.08 37.99 11.44
C ASN B 209 -7.99 36.97 11.82
N LEU B 210 -7.04 36.70 10.93
CA LEU B 210 -5.96 35.70 11.15
C LEU B 210 -4.94 36.20 12.18
N ASN B 211 -5.03 37.45 12.64
CA ASN B 211 -4.17 37.99 13.74
C ASN B 211 -4.89 37.79 15.07
N ASN B 212 -6.19 37.48 15.02
CA ASN B 212 -6.95 36.97 16.19
C ASN B 212 -6.56 35.49 16.34
N GLN B 213 -6.02 35.10 17.51
CA GLN B 213 -5.52 33.72 17.77
C GLN B 213 -6.71 32.75 17.82
N SER B 214 -7.84 33.22 18.35
CA SER B 214 -9.14 32.50 18.42
C SER B 214 -9.54 32.10 17.00
N HIS B 215 -9.37 33.01 16.05
CA HIS B 215 -9.69 32.78 14.61
C HIS B 215 -8.63 31.86 13.98
N ARG B 216 -7.34 32.02 14.31
CA ARG B 216 -6.26 31.16 13.80
C ARG B 216 -6.56 29.70 14.19
N ASP B 217 -6.90 29.49 15.46
CA ASP B 217 -7.19 28.14 16.03
C ASP B 217 -8.24 27.48 15.15
N ARG B 218 -9.33 28.21 14.83
CA ARG B 218 -10.48 27.68 14.09
C ARG B 218 -9.99 27.29 12.69
N VAL B 219 -9.22 28.17 12.05
CA VAL B 219 -8.75 27.93 10.66
C VAL B 219 -7.84 26.70 10.66
N ILE B 220 -7.00 26.54 11.67
CA ILE B 220 -6.08 25.36 11.79
C ILE B 220 -6.98 24.13 11.98
N GLY B 221 -8.00 24.25 12.83
CA GLY B 221 -9.00 23.18 13.07
C GLY B 221 -9.61 22.72 11.77
N LEU B 222 -9.96 23.67 10.88
CA LEU B 222 -10.58 23.32 9.57
C LEU B 222 -9.51 22.70 8.68
N MET B 223 -8.30 23.20 8.72
CA MET B 223 -7.17 22.59 7.95
C MET B 223 -6.99 21.13 8.37
N MET B 224 -7.08 20.84 9.67
CA MET B 224 -6.91 19.46 10.22
C MET B 224 -8.02 18.55 9.71
N THR B 225 -9.27 19.02 9.74
CA THR B 225 -10.42 18.25 9.18
C THR B 225 -10.15 17.94 7.71
N ALA B 226 -9.80 18.98 6.93
CA ALA B 226 -9.55 18.88 5.47
C ALA B 226 -8.46 17.83 5.20
N CYS B 227 -7.35 17.87 5.92
CA CYS B 227 -6.28 16.85 5.81
C CYS B 227 -6.82 15.48 6.22
N ASP B 228 -7.64 15.44 7.27
CA ASP B 228 -8.12 14.16 7.83
C ASP B 228 -9.08 13.50 6.84
N LEU B 229 -9.85 14.27 6.06
CA LEU B 229 -10.82 13.71 5.09
C LEU B 229 -10.21 13.59 3.70
N CYS B 230 -8.89 13.77 3.54
CA CYS B 230 -8.25 14.05 2.23
C CYS B 230 -8.40 12.88 1.27
N SER B 231 -8.81 11.70 1.76
CA SER B 231 -9.22 10.55 0.91
C SER B 231 -10.12 11.02 -0.25
N VAL B 232 -11.05 11.94 0.03
CA VAL B 232 -12.10 12.36 -0.94
C VAL B 232 -11.50 13.38 -1.92
N THR B 233 -10.23 13.78 -1.75
CA THR B 233 -9.56 14.79 -2.61
C THR B 233 -8.51 14.11 -3.50
N LYS B 234 -8.43 12.79 -3.47
CA LYS B 234 -7.50 12.03 -4.35
C LYS B 234 -8.20 11.83 -5.69
N LEU B 235 -7.47 11.30 -6.67
CA LEU B 235 -8.07 10.85 -7.94
C LEU B 235 -8.98 9.65 -7.63
N TRP B 236 -9.98 9.43 -8.47
CA TRP B 236 -11.09 8.46 -8.21
C TRP B 236 -10.56 7.08 -7.83
N PRO B 237 -9.59 6.49 -8.55
CA PRO B 237 -9.12 5.14 -8.22
C PRO B 237 -8.62 5.01 -6.77
N VAL B 238 -7.83 5.98 -6.30
CA VAL B 238 -7.30 6.06 -4.90
C VAL B 238 -8.49 6.23 -3.94
N THR B 239 -9.39 7.15 -4.25
CA THR B 239 -10.58 7.51 -3.43
C THR B 239 -11.44 6.26 -3.22
N LYS B 240 -11.72 5.54 -4.30
CA LYS B 240 -12.54 4.30 -4.34
C LYS B 240 -11.88 3.22 -3.46
N LEU B 241 -10.60 2.94 -3.70
CA LEU B 241 -9.86 1.88 -2.98
C LEU B 241 -9.74 2.23 -1.50
N THR B 242 -9.51 3.50 -1.16
CA THR B 242 -9.42 3.97 0.24
C THR B 242 -10.75 3.72 0.95
N ALA B 243 -11.87 3.89 0.23
CA ALA B 243 -13.23 3.68 0.75
C ALA B 243 -13.40 2.24 1.26
N ASN B 244 -12.77 1.26 0.59
CA ASN B 244 -12.79 -0.17 0.98
C ASN B 244 -12.18 -0.35 2.38
N ASP B 245 -11.05 0.31 2.65
CA ASP B 245 -10.34 0.27 3.96
C ASP B 245 -11.17 0.92 5.06
N ILE B 246 -11.76 2.09 4.79
CA ILE B 246 -12.66 2.82 5.74
C ILE B 246 -13.83 1.90 6.13
N TYR B 247 -14.52 1.29 5.16
CA TYR B 247 -15.73 0.47 5.40
C TYR B 247 -15.35 -0.83 6.12
N ALA B 248 -14.14 -1.35 5.88
CA ALA B 248 -13.63 -2.58 6.54
C ALA B 248 -13.59 -2.33 8.06
N GLU B 249 -13.14 -1.13 8.47
CA GLU B 249 -13.15 -0.72 9.90
C GLU B 249 -14.58 -0.49 10.38
N PHE B 250 -15.38 0.30 9.66
CA PHE B 250 -16.77 0.62 10.04
C PHE B 250 -17.59 -0.66 10.22
N TRP B 251 -17.47 -1.62 9.30
CA TRP B 251 -18.29 -2.86 9.31
C TRP B 251 -17.87 -3.75 10.49
N ALA B 252 -16.58 -3.82 10.80
CA ALA B 252 -16.03 -4.57 11.94
C ALA B 252 -16.59 -3.95 13.22
N GLU B 253 -16.70 -2.62 13.28
CA GLU B 253 -17.33 -1.90 14.41
C GLU B 253 -18.82 -2.23 14.46
N GLY B 254 -19.51 -2.20 13.30
CA GLY B 254 -20.93 -2.60 13.23
C GLY B 254 -21.14 -4.00 13.79
N ASP B 255 -20.26 -4.94 13.44
CA ASP B 255 -20.33 -6.33 13.97
C ASP B 255 -20.21 -6.28 15.49
N GLU B 256 -19.27 -5.48 16.00
CA GLU B 256 -19.03 -5.37 17.46
C GLU B 256 -20.24 -4.72 18.14
N MET B 257 -20.90 -3.76 17.50
CA MET B 257 -22.15 -3.16 18.02
C MET B 257 -23.22 -4.26 18.13
N LYS B 258 -23.41 -5.07 17.08
CA LYS B 258 -24.40 -6.17 17.10
C LYS B 258 -24.05 -7.13 18.25
N LYS B 259 -22.77 -7.41 18.49
CA LYS B 259 -22.36 -8.28 19.64
C LYS B 259 -22.78 -7.64 20.96
N LEU B 260 -22.86 -6.31 21.05
CA LEU B 260 -23.35 -5.63 22.29
C LEU B 260 -24.89 -5.64 22.34
N GLY B 261 -25.55 -6.15 21.31
CA GLY B 261 -27.02 -6.12 21.20
C GLY B 261 -27.52 -4.75 20.74
N ILE B 262 -26.66 -3.95 20.13
CA ILE B 262 -27.05 -2.60 19.60
C ILE B 262 -27.05 -2.66 18.07
N GLN B 263 -28.15 -2.29 17.43
CA GLN B 263 -28.25 -2.15 15.96
C GLN B 263 -27.37 -0.99 15.54
N PRO B 264 -26.31 -1.22 14.76
CA PRO B 264 -25.40 -0.14 14.39
C PRO B 264 -26.12 0.76 13.36
N ILE B 265 -25.60 1.96 13.14
CA ILE B 265 -26.11 2.85 12.07
C ILE B 265 -25.77 2.22 10.72
N PRO B 266 -26.54 2.52 9.65
CA PRO B 266 -26.33 1.89 8.35
C PRO B 266 -24.88 1.93 7.85
N MET B 267 -24.19 3.05 8.08
CA MET B 267 -22.79 3.29 7.65
C MET B 267 -21.89 2.17 8.17
N MET B 268 -22.17 1.62 9.35
CA MET B 268 -21.35 0.56 10.01
C MET B 268 -21.96 -0.84 9.84
N ASP B 269 -23.10 -0.95 9.15
CA ASP B 269 -23.82 -2.24 8.98
C ASP B 269 -23.44 -2.83 7.62
N ARG B 270 -22.67 -3.92 7.62
CA ARG B 270 -22.20 -4.56 6.37
C ARG B 270 -23.42 -5.08 5.58
N ASP B 271 -24.55 -5.36 6.23
CA ASP B 271 -25.77 -5.87 5.55
C ASP B 271 -26.36 -4.77 4.64
N LYS B 272 -25.99 -3.51 4.86
CA LYS B 272 -26.50 -2.34 4.08
C LYS B 272 -25.41 -1.80 3.14
N LYS B 273 -24.49 -2.68 2.70
CA LYS B 273 -23.44 -2.44 1.67
C LYS B 273 -24.00 -1.79 0.40
N ASP B 274 -25.18 -2.22 -0.05
CA ASP B 274 -25.79 -1.77 -1.33
C ASP B 274 -26.06 -0.26 -1.26
N GLU B 275 -26.31 0.30 -0.06
CA GLU B 275 -26.62 1.74 0.15
C GLU B 275 -25.33 2.59 0.22
N VAL B 276 -24.15 2.03 -0.11
CA VAL B 276 -22.84 2.73 0.05
C VAL B 276 -22.77 3.94 -0.87
N PRO B 277 -23.11 3.82 -2.18
CA PRO B 277 -23.06 4.97 -3.09
C PRO B 277 -23.90 6.16 -2.59
N GLN B 278 -25.18 5.94 -2.24
CA GLN B 278 -26.07 6.99 -1.68
C GLN B 278 -25.50 7.56 -0.38
N GLY B 279 -24.90 6.71 0.46
CA GLY B 279 -24.26 7.17 1.72
C GLY B 279 -23.07 8.07 1.45
N GLN B 280 -22.26 7.75 0.42
CA GLN B 280 -21.09 8.59 0.01
C GLN B 280 -21.60 9.93 -0.51
N LEU B 281 -22.60 9.91 -1.40
CA LEU B 281 -23.31 11.12 -1.89
C LEU B 281 -23.69 12.01 -0.70
N GLY B 282 -24.32 11.43 0.33
CA GLY B 282 -24.79 12.18 1.51
C GLY B 282 -23.63 12.77 2.30
N PHE B 283 -22.53 12.02 2.43
CA PHE B 283 -21.31 12.47 3.14
C PHE B 283 -20.69 13.66 2.39
N TYR B 284 -20.59 13.56 1.06
CA TYR B 284 -19.99 14.63 0.23
C TYR B 284 -20.82 15.92 0.36
N ASN B 285 -22.14 15.82 0.31
CA ASN B 285 -23.06 16.99 0.37
C ASN B 285 -23.03 17.59 1.78
N ALA B 286 -22.97 16.76 2.82
CA ALA B 286 -23.18 17.15 4.24
C ALA B 286 -21.85 17.60 4.88
N VAL B 287 -20.71 17.00 4.49
CA VAL B 287 -19.43 17.18 5.23
C VAL B 287 -18.33 17.68 4.28
N ALA B 288 -17.99 16.88 3.26
CA ALA B 288 -16.77 17.08 2.46
C ALA B 288 -16.83 18.39 1.67
N ILE B 289 -17.89 18.60 0.87
CA ILE B 289 -17.98 19.79 -0.04
C ILE B 289 -17.98 21.07 0.81
N PRO B 290 -18.82 21.19 1.84
CA PRO B 290 -18.76 22.36 2.71
C PRO B 290 -17.39 22.58 3.35
N CYS B 291 -16.69 21.51 3.72
CA CYS B 291 -15.35 21.58 4.35
C CYS B 291 -14.39 22.27 3.38
N TYR B 292 -14.25 21.74 2.15
CA TYR B 292 -13.26 22.21 1.15
C TYR B 292 -13.72 23.52 0.47
N THR B 293 -15.03 23.80 0.38
CA THR B 293 -15.57 25.11 -0.07
C THR B 293 -15.07 26.20 0.91
N THR B 294 -15.37 26.06 2.21
CA THR B 294 -15.00 27.04 3.26
C THR B 294 -13.47 27.18 3.32
N LEU B 295 -12.72 26.09 3.16
CA LEU B 295 -11.24 26.17 3.25
C LEU B 295 -10.73 27.00 2.05
N THR B 296 -11.28 26.78 0.87
CA THR B 296 -10.90 27.44 -0.41
C THR B 296 -11.17 28.93 -0.30
N GLN B 297 -12.30 29.31 0.27
CA GLN B 297 -12.68 30.72 0.55
C GLN B 297 -11.59 31.33 1.43
N ILE B 298 -11.15 30.65 2.48
CA ILE B 298 -10.20 31.24 3.46
C ILE B 298 -8.78 31.12 2.91
N LEU B 299 -8.45 30.02 2.24
CA LEU B 299 -7.08 29.73 1.71
C LEU B 299 -7.21 29.37 0.24
N PRO B 300 -7.42 30.37 -0.64
CA PRO B 300 -7.61 30.13 -2.08
C PRO B 300 -6.68 29.14 -2.78
N PRO B 301 -5.37 29.05 -2.46
CA PRO B 301 -4.50 28.02 -3.07
C PRO B 301 -4.81 26.56 -2.70
N THR B 302 -5.78 26.31 -1.80
CA THR B 302 -6.26 24.95 -1.43
C THR B 302 -7.33 24.47 -2.42
N GLU B 303 -7.73 25.34 -3.36
CA GLU B 303 -8.75 25.11 -4.42
C GLU B 303 -8.71 23.68 -4.97
N PRO B 304 -7.53 23.11 -5.30
CA PRO B 304 -7.50 21.77 -5.92
C PRO B 304 -8.13 20.67 -5.06
N LEU B 305 -8.14 20.85 -3.73
CA LEU B 305 -8.83 19.93 -2.81
C LEU B 305 -10.33 19.93 -3.15
N LEU B 306 -10.93 21.10 -3.29
CA LEU B 306 -12.38 21.23 -3.60
C LEU B 306 -12.65 20.67 -4.99
N LYS B 307 -11.78 20.96 -5.96
CA LYS B 307 -11.94 20.51 -7.37
C LYS B 307 -11.95 18.98 -7.43
N ALA B 308 -11.01 18.32 -6.77
CA ALA B 308 -10.91 16.83 -6.71
C ALA B 308 -12.12 16.23 -5.98
N CYS B 309 -12.60 16.91 -4.93
CA CYS B 309 -13.77 16.49 -4.13
C CYS B 309 -15.04 16.49 -4.99
N ARG B 310 -15.23 17.55 -5.81
CA ARG B 310 -16.41 17.66 -6.73
CA ARG B 310 -16.39 17.69 -6.75
C ARG B 310 -16.29 16.61 -7.84
N ASP B 311 -15.08 16.31 -8.29
CA ASP B 311 -14.87 15.24 -9.29
C ASP B 311 -15.36 13.92 -8.69
N ASN B 312 -14.92 13.59 -7.47
CA ASN B 312 -15.31 12.34 -6.76
C ASN B 312 -16.83 12.34 -6.51
N LEU B 313 -17.44 13.47 -6.12
CA LEU B 313 -18.92 13.51 -5.97
C LEU B 313 -19.56 13.07 -7.28
N SER B 314 -19.11 13.63 -8.40
CA SER B 314 -19.63 13.33 -9.76
C SER B 314 -19.43 11.84 -10.09
N GLN B 315 -18.31 11.25 -9.67
CA GLN B 315 -18.04 9.79 -9.87
C GLN B 315 -19.02 8.93 -9.07
N TRP B 316 -19.41 9.35 -7.85
CA TRP B 316 -20.38 8.61 -6.99
C TRP B 316 -21.81 8.74 -7.54
N GLU B 317 -22.18 9.88 -8.11
CA GLU B 317 -23.51 10.07 -8.75
C GLU B 317 -23.64 9.10 -9.94
N LYS B 318 -22.57 8.89 -10.69
CA LYS B 318 -22.53 7.92 -11.82
C LYS B 318 -22.78 6.51 -11.28
N VAL B 319 -22.18 6.15 -10.15
CA VAL B 319 -22.30 4.79 -9.55
C VAL B 319 -23.76 4.56 -9.15
N ILE B 320 -24.40 5.57 -8.53
CA ILE B 320 -25.82 5.48 -8.09
C ILE B 320 -26.71 5.18 -9.31
N ARG B 321 -26.43 5.84 -10.43
CA ARG B 321 -27.22 5.72 -11.69
C ARG B 321 -26.88 4.41 -12.41
N GLY B 322 -25.72 3.82 -12.08
CA GLY B 322 -25.26 2.53 -12.63
C GLY B 322 -24.31 2.70 -13.80
N GLU B 323 -23.94 3.94 -14.11
CA GLU B 323 -23.04 4.29 -15.23
C GLU B 323 -21.59 3.83 -14.95
N GLU B 324 -21.28 3.44 -13.70
CA GLU B 324 -19.95 2.88 -13.33
C GLU B 324 -20.09 1.86 -12.18
N THR B 325 -19.17 0.88 -12.13
CA THR B 325 -19.01 -0.13 -11.04
C THR B 325 -17.99 0.40 -10.02
N GLY C 12 28.89 -34.96 9.46
CA GLY C 12 27.41 -34.88 9.35
C GLY C 12 26.73 -36.06 10.04
N LEU C 13 26.88 -36.17 11.36
CA LEU C 13 26.29 -37.28 12.17
C LEU C 13 24.76 -37.16 12.18
N MET C 14 24.24 -35.96 12.45
CA MET C 14 22.78 -35.68 12.49
C MET C 14 22.24 -35.60 11.06
N GLN C 15 21.39 -36.58 10.68
CA GLN C 15 20.58 -36.53 9.44
C GLN C 15 19.17 -36.09 9.82
N PHE C 16 18.38 -35.71 8.81
CA PHE C 16 16.92 -35.47 8.94
C PHE C 16 16.20 -36.65 8.31
N THR C 17 15.09 -37.06 8.94
CA THR C 17 14.13 -38.04 8.39
C THR C 17 12.78 -37.34 8.29
N LEU C 18 11.96 -37.78 7.35
CA LEU C 18 10.60 -37.27 7.16
C LEU C 18 9.64 -38.42 7.48
N PRO C 19 8.46 -38.13 8.08
CA PRO C 19 7.40 -39.13 8.17
C PRO C 19 7.36 -39.91 6.85
N VAL C 20 6.85 -41.13 6.90
CA VAL C 20 6.86 -42.10 5.77
C VAL C 20 6.22 -41.48 4.53
N ARG C 21 5.05 -40.81 4.64
CA ARG C 21 4.36 -40.24 3.45
C ARG C 21 5.27 -39.16 2.83
N LEU C 22 5.92 -38.33 3.64
CA LEU C 22 6.78 -37.23 3.11
C LEU C 22 8.04 -37.84 2.47
N CYS C 23 8.67 -38.80 3.14
CA CYS C 23 9.88 -39.52 2.65
C CYS C 23 9.62 -40.09 1.25
N LYS C 24 8.44 -40.64 1.02
CA LYS C 24 8.01 -41.26 -0.27
C LYS C 24 7.58 -40.17 -1.25
N GLU C 25 6.74 -39.24 -0.80
CA GLU C 25 6.08 -38.25 -1.69
C GLU C 25 7.09 -37.18 -2.12
N ILE C 26 8.12 -36.89 -1.33
CA ILE C 26 9.05 -35.74 -1.59
C ILE C 26 9.86 -36.02 -2.86
N GLU C 27 10.02 -37.29 -3.25
CA GLU C 27 10.77 -37.69 -4.47
C GLU C 27 9.93 -37.39 -5.71
N LEU C 28 8.63 -37.15 -5.57
CA LEU C 28 7.74 -36.90 -6.75
C LEU C 28 7.84 -35.43 -7.15
N PHE C 29 7.78 -35.15 -8.44
CA PHE C 29 7.85 -33.78 -8.99
C PHE C 29 6.66 -32.94 -8.46
N HIS C 30 5.48 -33.55 -8.24
CA HIS C 30 4.22 -32.84 -7.92
C HIS C 30 4.00 -32.73 -6.40
N PHE C 31 4.98 -33.13 -5.59
CA PHE C 31 4.94 -32.98 -4.11
C PHE C 31 4.57 -31.54 -3.72
N ASP C 32 3.72 -31.43 -2.70
CA ASP C 32 3.33 -30.15 -2.04
C ASP C 32 3.94 -30.18 -0.64
N ILE C 33 4.64 -29.11 -0.23
CA ILE C 33 5.43 -29.13 1.05
C ILE C 33 4.50 -28.99 2.26
N GLY C 34 3.20 -28.78 2.06
CA GLY C 34 2.21 -28.77 3.15
C GLY C 34 2.11 -27.43 3.86
N PRO C 35 1.09 -27.24 4.73
CA PRO C 35 0.83 -25.97 5.40
C PRO C 35 1.55 -25.76 6.74
N PHE C 36 2.42 -26.70 7.15
CA PHE C 36 3.17 -26.60 8.42
C PHE C 36 4.50 -25.88 8.20
N GLU C 37 4.52 -24.57 8.46
CA GLU C 37 5.71 -23.68 8.23
C GLU C 37 6.95 -24.23 8.94
N ASN C 38 6.79 -24.74 10.15
CA ASN C 38 7.93 -25.11 11.04
C ASN C 38 8.61 -26.39 10.54
N MET C 39 7.99 -27.11 9.61
CA MET C 39 8.57 -28.32 8.95
C MET C 39 9.41 -27.95 7.71
N TRP C 40 9.16 -26.79 7.11
CA TRP C 40 9.79 -26.45 5.81
C TRP C 40 11.31 -26.44 5.94
N PRO C 41 11.90 -25.82 6.99
CA PRO C 41 13.36 -25.81 7.14
C PRO C 41 14.00 -27.20 7.13
N GLY C 42 13.37 -28.15 7.82
CA GLY C 42 13.86 -29.54 7.89
C GLY C 42 13.68 -30.25 6.57
N ILE C 43 12.60 -29.94 5.85
CA ILE C 43 12.36 -30.45 4.47
C ILE C 43 13.49 -29.96 3.56
N PHE C 44 13.95 -28.72 3.73
CA PHE C 44 15.04 -28.15 2.89
C PHE C 44 16.37 -28.84 3.23
N VAL C 45 16.66 -29.04 4.51
CA VAL C 45 17.93 -29.67 4.98
C VAL C 45 17.95 -31.13 4.50
N TYR C 46 16.81 -31.83 4.60
CA TYR C 46 16.67 -33.22 4.08
C TYR C 46 17.08 -33.27 2.60
N MET C 47 16.63 -32.30 1.80
CA MET C 47 16.85 -32.26 0.34
C MET C 47 18.31 -31.92 0.05
N VAL C 48 18.93 -31.07 0.88
CA VAL C 48 20.39 -30.74 0.78
C VAL C 48 21.23 -31.97 1.14
N HIS C 49 20.88 -32.72 2.20
CA HIS C 49 21.64 -33.93 2.62
C HIS C 49 21.57 -35.01 1.52
N ARG C 50 20.40 -35.26 0.94
CA ARG C 50 20.21 -36.30 -0.11
C ARG C 50 20.81 -35.88 -1.45
N SER C 51 20.65 -34.62 -1.88
CA SER C 51 21.05 -34.17 -3.24
C SER C 51 22.52 -33.75 -3.26
N CYS C 52 23.03 -33.20 -2.16
CA CYS C 52 24.41 -32.67 -2.07
C CYS C 52 25.30 -33.62 -1.25
N GLY C 53 24.79 -34.17 -0.15
CA GLY C 53 25.53 -35.00 0.82
C GLY C 53 25.58 -34.33 2.18
N THR C 54 25.76 -35.13 3.24
CA THR C 54 25.61 -34.73 4.66
C THR C 54 26.77 -33.84 5.14
N SER C 55 27.79 -33.63 4.30
CA SER C 55 29.02 -32.87 4.65
C SER C 55 29.21 -31.64 3.73
N CYS C 56 28.28 -31.39 2.81
CA CYS C 56 28.31 -30.23 1.88
C CYS C 56 28.36 -28.92 2.67
N PHE C 57 27.61 -28.85 3.75
CA PHE C 57 27.52 -27.68 4.66
C PHE C 57 27.64 -28.17 6.10
N GLU C 58 28.09 -27.28 6.98
CA GLU C 58 28.06 -27.47 8.45
C GLU C 58 26.65 -27.11 8.94
N LEU C 59 26.01 -28.01 9.69
CA LEU C 59 24.57 -27.91 10.08
C LEU C 59 24.29 -26.61 10.83
N GLU C 60 25.10 -26.27 11.83
CA GLU C 60 24.94 -25.04 12.66
C GLU C 60 24.85 -23.81 11.75
N LYS C 61 25.71 -23.74 10.73
CA LYS C 61 25.80 -22.58 9.80
C LYS C 61 24.62 -22.59 8.83
N LEU C 62 24.26 -23.77 8.30
CA LEU C 62 23.12 -23.96 7.36
C LEU C 62 21.84 -23.45 8.04
N CME C 63 21.52 -23.99 9.21
CA CME C 63 20.28 -23.68 9.97
CB CME C 63 20.17 -24.49 11.26
SG CME C 63 19.56 -26.18 11.04
SD CME C 63 17.70 -25.85 10.23
CE CME C 63 16.59 -26.91 11.20
CZ CME C 63 15.44 -26.13 11.77
OH CME C 63 14.34 -26.98 11.97
C CME C 63 20.19 -22.16 10.19
O CME C 63 19.09 -21.62 10.01
N ARG C 64 21.29 -21.48 10.55
CA ARG C 64 21.18 -20.04 10.86
C ARG C 64 21.09 -19.24 9.55
N PHE C 65 21.76 -19.67 8.48
CA PHE C 65 21.54 -19.16 7.10
C PHE C 65 20.05 -19.31 6.73
N ILE C 66 19.50 -20.50 6.92
CA ILE C 66 18.10 -20.82 6.53
C ILE C 66 17.18 -19.85 7.26
N MET C 67 17.38 -19.65 8.56
CA MET C 67 16.43 -18.88 9.39
C MET C 67 16.57 -17.38 9.09
N SER C 68 17.76 -16.93 8.69
CA SER C 68 18.02 -15.54 8.23
C SER C 68 17.33 -15.29 6.88
N VAL C 69 17.41 -16.27 5.97
CA VAL C 69 16.75 -16.18 4.64
C VAL C 69 15.24 -16.03 4.86
N LYS C 70 14.65 -16.92 5.68
CA LYS C 70 13.20 -16.96 6.02
C LYS C 70 12.74 -15.58 6.52
N LYS C 71 13.48 -15.02 7.48
CA LYS C 71 13.24 -13.70 8.11
C LYS C 71 13.14 -12.62 7.03
N ASN C 72 13.85 -12.78 5.90
CA ASN C 72 13.95 -11.72 4.86
C ASN C 72 12.99 -12.01 3.71
N TYR C 73 12.10 -12.98 3.86
CA TYR C 73 10.88 -13.10 3.02
C TYR C 73 9.74 -12.42 3.76
N ARG C 74 8.88 -11.71 3.03
CA ARG C 74 7.76 -10.92 3.57
C ARG C 74 6.45 -11.72 3.49
N ARG C 75 5.46 -11.33 4.29
CA ARG C 75 4.13 -11.98 4.36
C ARG C 75 3.26 -11.46 3.21
N VAL C 76 3.67 -11.77 1.97
CA VAL C 76 2.92 -11.47 0.73
C VAL C 76 2.18 -12.75 0.33
N PRO C 77 1.12 -12.68 -0.48
CA PRO C 77 0.31 -13.87 -0.76
C PRO C 77 1.04 -15.02 -1.47
N TYR C 78 1.95 -14.73 -2.39
CA TYR C 78 2.60 -15.77 -3.25
C TYR C 78 4.12 -15.76 -3.12
N HIS C 79 4.77 -14.62 -3.30
CA HIS C 79 6.25 -14.51 -3.33
C HIS C 79 6.81 -14.54 -1.90
N ASN C 80 6.55 -15.64 -1.20
CA ASN C 80 6.76 -15.78 0.26
C ASN C 80 7.73 -16.94 0.52
N TRP C 81 8.00 -17.21 1.80
CA TRP C 81 8.87 -18.32 2.27
C TRP C 81 8.38 -19.64 1.67
N LYS C 82 7.07 -19.85 1.61
CA LYS C 82 6.52 -21.11 1.05
C LYS C 82 6.97 -21.28 -0.40
N HIS C 83 6.89 -20.22 -1.21
CA HIS C 83 7.29 -20.25 -2.64
C HIS C 83 8.76 -20.66 -2.74
N ALA C 84 9.61 -20.09 -1.89
CA ALA C 84 11.07 -20.35 -1.85
C ALA C 84 11.34 -21.83 -1.65
N VAL C 85 10.72 -22.45 -0.65
CA VAL C 85 11.00 -23.88 -0.33
C VAL C 85 10.42 -24.73 -1.46
N THR C 86 9.29 -24.33 -2.03
CA THR C 86 8.59 -25.08 -3.09
C THR C 86 9.46 -25.10 -4.34
N VAL C 87 10.07 -23.96 -4.68
CA VAL C 87 10.96 -23.86 -5.86
C VAL C 87 12.22 -24.70 -5.61
N ALA C 88 12.76 -24.63 -4.40
CA ALA C 88 13.91 -25.46 -3.97
C ALA C 88 13.55 -26.93 -4.13
N HIS C 89 12.32 -27.34 -3.78
CA HIS C 89 11.92 -28.77 -3.86
C HIS C 89 11.95 -29.22 -5.33
N CYS C 90 11.43 -28.39 -6.25
CA CYS C 90 11.38 -28.74 -7.69
C CYS C 90 12.82 -28.95 -8.20
N MET C 91 13.75 -28.09 -7.80
CA MET C 91 15.19 -28.20 -8.15
C MET C 91 15.73 -29.52 -7.59
N TYR C 92 15.38 -29.87 -6.36
CA TYR C 92 15.75 -31.16 -5.70
C TYR C 92 15.36 -32.34 -6.61
N ALA C 93 14.12 -32.34 -7.12
CA ALA C 93 13.56 -33.40 -7.97
C ALA C 93 14.38 -33.49 -9.27
N ILE C 94 14.66 -32.34 -9.88
CA ILE C 94 15.42 -32.28 -11.17
C ILE C 94 16.82 -32.88 -10.96
N LEU C 95 17.51 -32.47 -9.90
CA LEU C 95 18.92 -32.89 -9.59
C LEU C 95 18.96 -34.40 -9.28
N GLN C 96 18.05 -34.91 -8.45
CA GLN C 96 18.03 -36.34 -8.07
C GLN C 96 17.76 -37.22 -9.31
N ASN C 97 16.95 -36.76 -10.25
CA ASN C 97 16.54 -37.57 -11.44
C ASN C 97 17.56 -37.39 -12.56
N ASN C 98 18.58 -36.54 -12.37
CA ASN C 98 19.61 -36.22 -13.37
C ASN C 98 20.98 -36.16 -12.68
N HIS C 99 21.24 -37.03 -11.70
CA HIS C 99 22.32 -36.84 -10.71
C HIS C 99 23.72 -36.92 -11.35
N THR C 100 23.87 -37.57 -12.52
CA THR C 100 25.19 -37.72 -13.19
C THR C 100 25.60 -36.44 -13.93
N LEU C 101 24.65 -35.54 -14.21
CA LEU C 101 24.86 -34.38 -15.13
C LEU C 101 25.47 -33.18 -14.41
N PHE C 102 25.43 -33.10 -13.07
CA PHE C 102 25.75 -31.84 -12.34
C PHE C 102 26.93 -32.04 -11.40
N THR C 103 27.78 -31.01 -11.31
CA THR C 103 29.00 -30.98 -10.47
C THR C 103 28.60 -30.84 -9.00
N ASP C 104 29.60 -30.92 -8.13
CA ASP C 104 29.47 -30.76 -6.66
C ASP C 104 29.09 -29.32 -6.32
N LEU C 105 29.78 -28.34 -6.91
CA LEU C 105 29.51 -26.89 -6.70
C LEU C 105 28.08 -26.55 -7.16
N GLU C 106 27.64 -27.09 -8.30
CA GLU C 106 26.30 -26.79 -8.89
C GLU C 106 25.21 -27.30 -7.94
N ARG C 107 25.38 -28.51 -7.41
CA ARG C 107 24.40 -29.11 -6.45
C ARG C 107 24.30 -28.23 -5.19
N LYS C 108 25.43 -27.81 -4.62
CA LYS C 108 25.47 -26.84 -3.49
C LYS C 108 24.76 -25.55 -3.88
N GLY C 109 25.15 -24.95 -5.02
CA GLY C 109 24.70 -23.61 -5.44
C GLY C 109 23.22 -23.53 -5.77
N LEU C 110 22.64 -24.55 -6.40
CA LEU C 110 21.33 -24.42 -7.09
C LEU C 110 20.19 -24.45 -6.06
N LEU C 111 20.32 -25.25 -5.00
CA LEU C 111 19.29 -25.36 -3.93
C LEU C 111 19.33 -24.07 -3.09
N ILE C 112 20.52 -23.57 -2.76
CA ILE C 112 20.70 -22.25 -2.06
C ILE C 112 20.10 -21.15 -2.93
N ALA C 113 20.34 -21.20 -4.25
CA ALA C 113 19.87 -20.19 -5.23
C ALA C 113 18.34 -20.16 -5.22
N CYS C 114 17.70 -21.33 -5.29
CA CYS C 114 16.24 -21.49 -5.28
C CYS C 114 15.69 -20.95 -3.96
N LEU C 115 16.31 -21.31 -2.84
CA LEU C 115 15.82 -20.81 -1.53
C LEU C 115 15.87 -19.28 -1.51
N CYS C 116 16.87 -18.67 -2.16
CA CYS C 116 17.16 -17.21 -2.06
C CYS C 116 16.60 -16.38 -3.23
N HIS C 117 15.93 -16.99 -4.22
CA HIS C 117 15.71 -16.38 -5.56
C HIS C 117 14.69 -15.24 -5.50
N ASP C 118 13.81 -15.19 -4.50
CA ASP C 118 12.83 -14.09 -4.35
C ASP C 118 13.02 -13.38 -2.99
N LEU C 119 14.24 -13.36 -2.47
CA LEU C 119 14.52 -12.72 -1.15
C LEU C 119 14.00 -11.29 -1.16
N ASP C 120 13.17 -10.94 -0.16
CA ASP C 120 12.72 -9.56 0.12
C ASP C 120 11.80 -9.06 -0.99
N HIS C 121 11.08 -9.97 -1.65
CA HIS C 121 10.08 -9.61 -2.69
C HIS C 121 8.94 -8.86 -2.00
N ARG C 122 8.34 -7.85 -2.65
CA ARG C 122 7.27 -7.04 -2.01
CA ARG C 122 7.29 -6.97 -2.08
C ARG C 122 5.92 -7.32 -2.66
N GLY C 123 5.87 -8.28 -3.60
CA GLY C 123 4.64 -8.68 -4.30
C GLY C 123 4.37 -7.78 -5.49
N PHE C 124 5.37 -7.00 -5.94
CA PHE C 124 5.28 -6.13 -7.15
C PHE C 124 6.33 -6.55 -8.20
N SER C 125 5.92 -6.50 -9.46
CA SER C 125 6.75 -6.81 -10.66
C SER C 125 7.82 -5.74 -10.84
N ASN C 126 8.82 -6.07 -11.65
CA ASN C 126 9.82 -5.10 -12.18
C ASN C 126 9.12 -3.92 -12.86
N SER C 127 8.04 -4.16 -13.62
CA SER C 127 7.26 -3.09 -14.32
C SER C 127 6.79 -2.04 -13.32
N TYR C 128 6.07 -2.47 -12.28
CA TYR C 128 5.49 -1.55 -11.27
C TYR C 128 6.61 -0.78 -10.56
N LEU C 129 7.72 -1.43 -10.19
CA LEU C 129 8.86 -0.72 -9.53
C LEU C 129 9.34 0.40 -10.45
N GLN C 130 9.38 0.14 -11.75
CA GLN C 130 9.84 1.10 -12.78
C GLN C 130 8.82 2.23 -12.88
N LYS C 131 7.54 1.90 -13.04
CA LYS C 131 6.47 2.92 -13.24
C LYS C 131 6.36 3.77 -11.97
N PHE C 132 6.47 3.15 -10.79
CA PHE C 132 6.45 3.84 -9.48
C PHE C 132 7.70 4.71 -9.33
N ASP C 133 8.76 4.38 -10.05
CA ASP C 133 10.10 5.04 -9.95
C ASP C 133 10.68 4.73 -8.56
N HIS C 134 10.70 3.44 -8.20
CA HIS C 134 11.25 2.94 -6.93
C HIS C 134 12.77 3.06 -6.94
N PRO C 135 13.42 3.41 -5.82
CA PRO C 135 14.88 3.51 -5.78
C PRO C 135 15.65 2.30 -6.34
N LEU C 136 15.12 1.07 -6.19
CA LEU C 136 15.74 -0.16 -6.74
C LEU C 136 15.78 -0.11 -8.26
N ALA C 137 14.79 0.51 -8.91
CA ALA C 137 14.70 0.61 -10.39
C ALA C 137 15.85 1.49 -10.92
N ALA C 138 16.39 2.40 -10.09
CA ALA C 138 17.50 3.31 -10.44
C ALA C 138 18.84 2.58 -10.23
N LEU C 139 18.94 1.87 -9.12
CA LEU C 139 20.10 1.00 -8.78
C LEU C 139 20.22 -0.13 -9.82
N TYR C 140 19.13 -0.81 -10.15
CA TYR C 140 19.11 -1.99 -11.06
C TYR C 140 18.18 -1.71 -12.23
N SER C 141 18.72 -1.19 -13.34
CA SER C 141 17.92 -0.74 -14.51
C SER C 141 17.17 -1.92 -15.12
N THR C 142 17.80 -3.08 -15.24
CA THR C 142 17.16 -4.33 -15.77
C THR C 142 17.16 -5.43 -14.70
N SER C 143 16.26 -6.40 -14.83
CA SER C 143 16.08 -7.50 -13.84
C SER C 143 16.14 -6.92 -12.41
N THR C 144 15.35 -5.89 -12.12
CA THR C 144 15.48 -5.04 -10.90
C THR C 144 15.39 -5.88 -9.61
N MET C 145 14.31 -6.65 -9.44
CA MET C 145 14.07 -7.44 -8.20
C MET C 145 15.10 -8.56 -8.12
N GLU C 146 15.52 -9.12 -9.26
CA GLU C 146 16.40 -10.32 -9.28
C GLU C 146 17.80 -9.90 -8.87
N GLN C 147 18.26 -8.73 -9.32
CA GLN C 147 19.53 -8.14 -8.82
C GLN C 147 19.41 -7.85 -7.32
N HIS C 148 18.25 -7.42 -6.84
CA HIS C 148 18.00 -7.19 -5.39
C HIS C 148 18.06 -8.54 -4.64
N HIS C 149 17.48 -9.61 -5.19
CA HIS C 149 17.40 -10.93 -4.53
C HIS C 149 18.82 -11.47 -4.31
N PHE C 150 19.66 -11.47 -5.35
CA PHE C 150 21.09 -11.86 -5.28
C PHE C 150 21.86 -10.98 -4.28
N SER C 151 21.61 -9.66 -4.30
CA SER C 151 22.28 -8.74 -3.36
C SER C 151 21.90 -9.10 -1.90
N GLN C 152 20.61 -9.34 -1.64
CA GLN C 152 20.12 -9.79 -0.31
C GLN C 152 20.79 -11.11 0.08
N THR C 153 21.01 -12.01 -0.88
CA THR C 153 21.67 -13.33 -0.66
C THR C 153 23.08 -13.10 -0.13
N VAL C 154 23.89 -12.31 -0.82
CA VAL C 154 25.30 -11.97 -0.44
C VAL C 154 25.31 -11.28 0.93
N SER C 155 24.36 -10.36 1.19
CA SER C 155 24.22 -9.70 2.51
C SER C 155 24.15 -10.75 3.62
N ILE C 156 23.31 -11.78 3.45
CA ILE C 156 23.07 -12.82 4.48
C ILE C 156 24.32 -13.68 4.60
N LEU C 157 24.96 -14.04 3.48
CA LEU C 157 26.22 -14.84 3.48
C LEU C 157 27.31 -14.13 4.30
N GLN C 158 27.37 -12.79 4.26
CA GLN C 158 28.41 -11.96 4.95
C GLN C 158 28.05 -11.74 6.43
N LEU C 159 26.86 -12.16 6.90
CA LEU C 159 26.49 -12.11 8.35
C LEU C 159 27.39 -13.07 9.14
N GLU C 160 27.75 -12.68 10.37
CA GLU C 160 28.64 -13.46 11.27
C GLU C 160 28.03 -14.85 11.45
N GLY C 161 28.82 -15.90 11.26
CA GLY C 161 28.42 -17.31 11.39
C GLY C 161 27.41 -17.74 10.34
N HIS C 162 27.25 -16.99 9.24
CA HIS C 162 26.28 -17.31 8.15
C HIS C 162 26.98 -17.81 6.89
N ASN C 163 28.31 -17.83 6.86
CA ASN C 163 29.07 -18.19 5.62
C ASN C 163 29.10 -19.71 5.45
N ILE C 164 28.06 -20.27 4.83
CA ILE C 164 27.89 -21.73 4.64
C ILE C 164 28.92 -22.27 3.63
N PHE C 165 29.69 -21.40 2.97
CA PHE C 165 30.68 -21.78 1.93
C PHE C 165 32.12 -21.55 2.43
N SER C 166 32.32 -21.41 3.74
CA SER C 166 33.62 -21.06 4.36
C SER C 166 34.70 -22.11 4.02
N THR C 167 34.32 -23.38 3.88
CA THR C 167 35.26 -24.50 3.59
C THR C 167 35.78 -24.41 2.17
N LEU C 168 34.93 -24.05 1.20
CA LEU C 168 35.30 -23.90 -0.23
C LEU C 168 36.58 -23.06 -0.33
N SER C 169 37.43 -23.34 -1.32
CA SER C 169 38.60 -22.51 -1.70
C SER C 169 38.10 -21.20 -2.31
N SER C 170 38.97 -20.18 -2.39
CA SER C 170 38.67 -18.84 -2.95
C SER C 170 38.07 -18.98 -4.36
N SER C 171 38.60 -19.90 -5.16
CA SER C 171 38.20 -20.11 -6.58
C SER C 171 36.80 -20.71 -6.64
N GLU C 172 36.59 -21.82 -5.92
CA GLU C 172 35.30 -22.52 -5.74
C GLU C 172 34.25 -21.57 -5.18
N TYR C 173 34.63 -20.70 -4.22
CA TYR C 173 33.72 -19.72 -3.57
C TYR C 173 33.22 -18.73 -4.62
N GLU C 174 34.14 -18.21 -5.44
CA GLU C 174 33.86 -17.30 -6.57
C GLU C 174 32.95 -17.99 -7.60
N GLN C 175 33.23 -19.25 -7.93
CA GLN C 175 32.43 -20.03 -8.91
C GLN C 175 31.00 -20.21 -8.37
N VAL C 176 30.87 -20.61 -7.11
CA VAL C 176 29.53 -20.94 -6.54
C VAL C 176 28.69 -19.66 -6.51
N LEU C 177 29.29 -18.52 -6.17
CA LEU C 177 28.56 -17.23 -6.12
C LEU C 177 28.17 -16.85 -7.56
N GLU C 178 29.01 -17.15 -8.54
CA GLU C 178 28.68 -16.88 -9.96
C GLU C 178 27.52 -17.78 -10.40
N ILE C 179 27.48 -19.04 -9.97
CA ILE C 179 26.40 -20.00 -10.32
C ILE C 179 25.08 -19.47 -9.75
N ILE C 180 25.10 -18.99 -8.51
CA ILE C 180 23.91 -18.47 -7.76
C ILE C 180 23.40 -17.19 -8.43
N ARG C 181 24.31 -16.27 -8.78
CA ARG C 181 23.91 -14.97 -9.40
C ARG C 181 23.16 -15.25 -10.70
N LYS C 182 23.80 -15.97 -11.63
CA LYS C 182 23.21 -16.33 -12.95
C LYS C 182 21.86 -17.03 -12.77
N ALA C 183 21.78 -17.98 -11.82
CA ALA C 183 20.58 -18.78 -11.54
C ALA C 183 19.45 -17.83 -11.10
N ILE C 184 19.74 -16.89 -10.19
CA ILE C 184 18.74 -15.95 -9.63
C ILE C 184 18.33 -14.94 -10.71
N ILE C 185 19.28 -14.39 -11.47
CA ILE C 185 19.00 -13.45 -12.60
C ILE C 185 18.10 -14.16 -13.62
N ALA C 186 18.29 -15.47 -13.84
CA ALA C 186 17.51 -16.26 -14.82
C ALA C 186 16.02 -16.33 -14.46
N THR C 187 15.63 -16.12 -13.19
CA THR C 187 14.23 -16.14 -12.72
C THR C 187 13.48 -14.87 -13.16
N ASP C 188 14.17 -13.92 -13.79
CA ASP C 188 13.50 -12.83 -14.54
C ASP C 188 12.88 -13.44 -15.80
N LEU C 189 11.56 -13.62 -15.81
CA LEU C 189 10.83 -14.28 -16.93
C LEU C 189 11.04 -13.51 -18.25
N ALA C 190 11.39 -12.22 -18.19
CA ALA C 190 11.70 -11.39 -19.38
C ALA C 190 12.93 -11.95 -20.11
N LEU C 191 13.85 -12.59 -19.38
CA LEU C 191 15.08 -13.20 -19.95
C LEU C 191 14.80 -14.63 -20.38
N TYR C 192 13.72 -15.24 -19.88
CA TYR C 192 13.38 -16.66 -20.17
C TYR C 192 13.17 -16.86 -21.67
N PHE C 193 12.43 -15.97 -22.35
CA PHE C 193 11.98 -16.15 -23.76
C PHE C 193 13.21 -16.27 -24.67
N GLY C 194 14.17 -15.35 -24.55
CA GLY C 194 15.45 -15.39 -25.26
C GLY C 194 16.23 -16.65 -24.93
N ASN C 195 16.34 -16.99 -23.64
CA ASN C 195 17.13 -18.16 -23.17
C ASN C 195 16.55 -19.45 -23.77
N ARG C 196 15.24 -19.64 -23.68
CA ARG C 196 14.57 -20.88 -24.15
C ARG C 196 14.76 -21.04 -25.67
N LYS C 197 14.62 -19.95 -26.42
CA LYS C 197 14.78 -19.93 -27.91
C LYS C 197 16.22 -20.32 -28.30
N GLN C 198 17.24 -19.71 -27.69
CA GLN C 198 18.67 -20.07 -27.90
C GLN C 198 18.90 -21.54 -27.54
N LEU C 199 18.42 -21.99 -26.39
CA LEU C 199 18.59 -23.40 -25.95
C LEU C 199 17.94 -24.32 -26.98
N GLU C 200 16.74 -23.97 -27.46
CA GLU C 200 15.97 -24.82 -28.41
C GLU C 200 16.74 -24.92 -29.73
N GLU C 201 17.28 -23.81 -30.23
CA GLU C 201 18.12 -23.81 -31.46
C GLU C 201 19.34 -24.73 -31.24
N MET C 202 20.01 -24.64 -30.08
CA MET C 202 21.24 -25.44 -29.81
C MET C 202 20.89 -26.92 -29.76
N TYR C 203 19.82 -27.27 -29.05
CA TYR C 203 19.33 -28.67 -28.94
C TYR C 203 19.03 -29.23 -30.33
N GLN C 204 18.22 -28.51 -31.11
CA GLN C 204 17.71 -28.99 -32.43
C GLN C 204 18.89 -29.16 -33.39
N THR C 205 19.85 -28.23 -33.40
CA THR C 205 21.04 -28.24 -34.31
C THR C 205 22.05 -29.28 -33.85
N GLY C 206 21.97 -29.73 -32.60
CA GLY C 206 22.93 -30.69 -32.02
C GLY C 206 24.21 -30.04 -31.54
N SER C 207 24.27 -28.70 -31.51
CA SER C 207 25.43 -27.93 -31.04
C SER C 207 25.47 -27.93 -29.51
N LEU C 208 24.35 -28.22 -28.85
CA LEU C 208 24.27 -28.13 -27.36
C LEU C 208 25.35 -29.02 -26.75
N ASN C 209 26.19 -28.44 -25.88
CA ASN C 209 27.36 -29.13 -25.28
C ASN C 209 27.47 -28.78 -23.80
N LEU C 210 27.23 -29.75 -22.92
CA LEU C 210 27.25 -29.57 -21.44
C LEU C 210 28.69 -29.35 -20.95
N ASN C 211 29.71 -29.61 -21.78
CA ASN C 211 31.13 -29.28 -21.44
C ASN C 211 31.38 -27.77 -21.67
N ASN C 212 30.48 -27.08 -22.38
CA ASN C 212 30.60 -25.62 -22.66
C ASN C 212 29.87 -24.85 -21.54
N GLN C 213 30.60 -24.04 -20.77
CA GLN C 213 30.10 -23.36 -19.54
C GLN C 213 28.90 -22.48 -19.87
N SER C 214 28.94 -21.71 -20.97
CA SER C 214 27.83 -20.79 -21.35
C SER C 214 26.58 -21.61 -21.72
N HIS C 215 26.74 -22.79 -22.30
CA HIS C 215 25.61 -23.73 -22.59
C HIS C 215 25.04 -24.23 -21.26
N ARG C 216 25.91 -24.66 -20.35
CA ARG C 216 25.53 -25.12 -18.99
C ARG C 216 24.71 -24.02 -18.32
N ASP C 217 25.21 -22.78 -18.34
CA ASP C 217 24.52 -21.59 -17.78
C ASP C 217 23.08 -21.54 -18.32
N ARG C 218 22.93 -21.69 -19.64
CA ARG C 218 21.61 -21.57 -20.32
C ARG C 218 20.66 -22.65 -19.80
N VAL C 219 21.14 -23.90 -19.74
CA VAL C 219 20.37 -25.07 -19.22
C VAL C 219 19.98 -24.81 -17.75
N ILE C 220 20.89 -24.28 -16.95
CA ILE C 220 20.61 -24.05 -15.50
C ILE C 220 19.56 -22.93 -15.41
N GLY C 221 19.62 -21.97 -16.33
CA GLY C 221 18.66 -20.86 -16.41
C GLY C 221 17.24 -21.33 -16.67
N LEU C 222 17.08 -22.25 -17.63
CA LEU C 222 15.77 -22.90 -17.96
C LEU C 222 15.28 -23.75 -16.79
N MET C 223 16.19 -24.48 -16.13
CA MET C 223 15.88 -25.23 -14.90
C MET C 223 15.29 -24.27 -13.86
N MET C 224 15.81 -23.05 -13.75
CA MET C 224 15.35 -22.06 -12.74
C MET C 224 13.92 -21.63 -13.08
N THR C 225 13.66 -21.33 -14.35
CA THR C 225 12.31 -20.94 -14.83
C THR C 225 11.34 -22.06 -14.48
N ALA C 226 11.69 -23.29 -14.85
CA ALA C 226 10.84 -24.48 -14.67
C ALA C 226 10.51 -24.66 -13.18
N CYS C 227 11.47 -24.47 -12.27
CA CYS C 227 11.26 -24.56 -10.80
C CYS C 227 10.37 -23.39 -10.32
N ASP C 228 10.64 -22.20 -10.84
CA ASP C 228 9.90 -20.96 -10.53
C ASP C 228 8.42 -21.15 -10.90
N LEU C 229 8.15 -21.71 -12.09
CA LEU C 229 6.77 -21.83 -12.62
C LEU C 229 6.10 -23.10 -12.10
N CYS C 230 6.69 -23.84 -11.16
CA CYS C 230 6.31 -25.26 -10.86
C CYS C 230 4.90 -25.36 -10.24
N SER C 231 4.21 -24.24 -9.97
CA SER C 231 2.79 -24.30 -9.51
C SER C 231 1.92 -24.94 -10.61
N VAL C 232 2.30 -24.79 -11.88
CA VAL C 232 1.53 -25.34 -13.04
C VAL C 232 1.81 -26.83 -13.24
N THR C 233 2.71 -27.44 -12.44
CA THR C 233 3.10 -28.87 -12.58
C THR C 233 2.69 -29.68 -11.35
N LYS C 234 1.83 -29.11 -10.50
CA LYS C 234 1.23 -29.82 -9.34
C LYS C 234 -0.06 -30.48 -9.80
N LEU C 235 -0.66 -31.25 -8.91
CA LEU C 235 -2.01 -31.83 -9.12
C LEU C 235 -2.99 -30.66 -9.11
N TRP C 236 -4.07 -30.77 -9.88
CA TRP C 236 -5.02 -29.66 -10.17
C TRP C 236 -5.44 -28.92 -8.90
N PRO C 237 -5.83 -29.60 -7.80
CA PRO C 237 -6.30 -28.90 -6.61
C PRO C 237 -5.29 -27.89 -6.06
N VAL C 238 -4.01 -28.29 -6.02
CA VAL C 238 -2.87 -27.41 -5.60
C VAL C 238 -2.71 -26.28 -6.62
N THR C 239 -2.69 -26.60 -7.92
CA THR C 239 -2.47 -25.62 -9.01
C THR C 239 -3.53 -24.53 -8.93
N LYS C 240 -4.80 -24.92 -8.73
CA LYS C 240 -5.99 -24.01 -8.69
C LYS C 240 -5.91 -23.11 -7.46
N LEU C 241 -5.50 -23.63 -6.31
CA LEU C 241 -5.46 -22.85 -5.05
C LEU C 241 -4.26 -21.89 -5.10
N THR C 242 -3.09 -22.33 -5.56
CA THR C 242 -1.92 -21.44 -5.75
C THR C 242 -2.27 -20.30 -6.72
N ALA C 243 -3.13 -20.55 -7.72
CA ALA C 243 -3.61 -19.51 -8.68
C ALA C 243 -4.25 -18.35 -7.92
N ASN C 244 -4.98 -18.63 -6.83
CA ASN C 244 -5.68 -17.60 -6.00
C ASN C 244 -4.66 -16.68 -5.35
N ASP C 245 -3.52 -17.22 -4.92
CA ASP C 245 -2.43 -16.48 -4.22
C ASP C 245 -1.70 -15.60 -5.24
N ILE C 246 -1.41 -16.18 -6.41
CA ILE C 246 -0.74 -15.46 -7.53
C ILE C 246 -1.59 -14.25 -7.90
N TYR C 247 -2.88 -14.43 -8.15
CA TYR C 247 -3.75 -13.33 -8.59
C TYR C 247 -3.96 -12.35 -7.44
N ALA C 248 -3.97 -12.81 -6.19
CA ALA C 248 -4.13 -11.90 -5.02
C ALA C 248 -3.02 -10.84 -5.08
N GLU C 249 -1.81 -11.25 -5.45
CA GLU C 249 -0.65 -10.33 -5.63
C GLU C 249 -0.87 -9.46 -6.87
N PHE C 250 -1.09 -10.08 -8.03
CA PHE C 250 -1.30 -9.40 -9.32
C PHE C 250 -2.37 -8.31 -9.16
N TRP C 251 -3.54 -8.67 -8.61
CA TRP C 251 -4.68 -7.74 -8.45
C TRP C 251 -4.29 -6.57 -7.54
N ALA C 252 -3.54 -6.81 -6.46
CA ALA C 252 -3.04 -5.74 -5.56
C ALA C 252 -2.16 -4.79 -6.36
N GLU C 253 -1.28 -5.35 -7.21
CA GLU C 253 -0.35 -4.57 -8.08
C GLU C 253 -1.17 -3.75 -9.08
N GLY C 254 -2.25 -4.30 -9.62
CA GLY C 254 -3.15 -3.60 -10.55
C GLY C 254 -3.84 -2.41 -9.88
N ASP C 255 -4.28 -2.61 -8.64
CA ASP C 255 -4.84 -1.53 -7.78
C ASP C 255 -3.82 -0.41 -7.68
N GLU C 256 -2.55 -0.74 -7.44
CA GLU C 256 -1.48 0.28 -7.26
C GLU C 256 -1.21 0.98 -8.60
N MET C 257 -1.31 0.27 -9.73
CA MET C 257 -1.12 0.84 -11.08
C MET C 257 -2.20 1.90 -11.31
N LYS C 258 -3.46 1.56 -11.01
CA LYS C 258 -4.61 2.48 -11.08
C LYS C 258 -4.31 3.70 -10.21
N LYS C 259 -3.71 3.49 -9.04
CA LYS C 259 -3.36 4.58 -8.10
C LYS C 259 -2.30 5.49 -8.70
N LEU C 260 -1.42 5.00 -9.60
CA LEU C 260 -0.42 5.85 -10.31
C LEU C 260 -1.08 6.58 -11.49
N GLY C 261 -2.34 6.24 -11.81
CA GLY C 261 -3.07 6.78 -12.97
C GLY C 261 -2.81 5.99 -14.24
N ILE C 262 -2.36 4.73 -14.12
CA ILE C 262 -2.02 3.84 -15.28
C ILE C 262 -3.01 2.68 -15.29
N GLN C 263 -3.64 2.42 -16.44
CA GLN C 263 -4.56 1.25 -16.56
C GLN C 263 -3.69 0.01 -16.59
N PRO C 264 -3.87 -0.93 -15.64
CA PRO C 264 -3.05 -2.14 -15.62
C PRO C 264 -3.48 -3.08 -16.76
N ILE C 265 -2.59 -3.98 -17.17
CA ILE C 265 -2.91 -5.08 -18.12
C ILE C 265 -4.01 -5.94 -17.51
N PRO C 266 -4.89 -6.57 -18.33
CA PRO C 266 -5.96 -7.43 -17.82
C PRO C 266 -5.57 -8.44 -16.72
N MET C 267 -4.37 -9.02 -16.84
CA MET C 267 -3.87 -10.03 -15.88
C MET C 267 -3.80 -9.44 -14.46
N MET C 268 -3.62 -8.12 -14.33
CA MET C 268 -3.43 -7.48 -13.01
C MET C 268 -4.64 -6.61 -12.64
N ASP C 269 -5.71 -6.65 -13.44
CA ASP C 269 -6.96 -5.88 -13.17
C ASP C 269 -8.00 -6.82 -12.57
N ARG C 270 -8.38 -6.62 -11.30
CA ARG C 270 -9.38 -7.48 -10.63
C ARG C 270 -10.73 -7.39 -11.35
N ASP C 271 -11.05 -6.28 -12.01
CA ASP C 271 -12.38 -6.08 -12.66
C ASP C 271 -12.48 -6.98 -13.90
N LYS C 272 -11.41 -7.70 -14.23
CA LYS C 272 -11.39 -8.66 -15.36
C LYS C 272 -11.05 -10.07 -14.87
N LYS C 273 -11.48 -10.41 -13.64
CA LYS C 273 -11.43 -11.78 -13.04
C LYS C 273 -12.02 -12.82 -13.99
N ASP C 274 -13.10 -12.46 -14.70
CA ASP C 274 -13.90 -13.39 -15.54
C ASP C 274 -13.03 -13.97 -16.67
N GLU C 275 -11.99 -13.25 -17.11
CA GLU C 275 -11.11 -13.65 -18.25
C GLU C 275 -9.92 -14.50 -17.76
N VAL C 276 -9.91 -14.93 -16.49
CA VAL C 276 -8.77 -15.66 -15.85
C VAL C 276 -8.55 -17.00 -16.56
N PRO C 277 -9.62 -17.81 -16.81
CA PRO C 277 -9.45 -19.10 -17.46
C PRO C 277 -8.80 -18.99 -18.84
N GLN C 278 -9.29 -18.05 -19.67
CA GLN C 278 -8.73 -17.68 -20.99
C GLN C 278 -7.27 -17.26 -20.83
N GLY C 279 -6.98 -16.46 -19.81
CA GLY C 279 -5.63 -15.92 -19.52
C GLY C 279 -4.64 -17.02 -19.20
N GLN C 280 -5.03 -17.98 -18.36
CA GLN C 280 -4.22 -19.17 -18.01
C GLN C 280 -3.88 -19.94 -19.29
N LEU C 281 -4.90 -20.28 -20.09
CA LEU C 281 -4.76 -20.93 -21.42
C LEU C 281 -3.60 -20.29 -22.18
N GLY C 282 -3.68 -18.97 -22.39
CA GLY C 282 -2.66 -18.17 -23.10
C GLY C 282 -1.30 -18.29 -22.45
N PHE C 283 -1.27 -18.44 -21.12
CA PHE C 283 0.00 -18.52 -20.33
C PHE C 283 0.63 -19.91 -20.56
N TYR C 284 -0.16 -20.98 -20.45
CA TYR C 284 0.33 -22.36 -20.64
C TYR C 284 0.79 -22.50 -22.11
N ASN C 285 0.03 -21.96 -23.06
CA ASN C 285 0.36 -22.09 -24.50
C ASN C 285 1.67 -21.37 -24.79
N ALA C 286 1.83 -20.14 -24.30
CA ALA C 286 2.96 -19.24 -24.66
C ALA C 286 4.18 -19.46 -23.76
N VAL C 287 4.03 -19.93 -22.51
CA VAL C 287 5.13 -19.85 -21.51
C VAL C 287 5.42 -21.24 -20.92
N ALA C 288 4.46 -21.79 -20.18
CA ALA C 288 4.64 -23.01 -19.35
C ALA C 288 4.96 -24.21 -20.25
N ILE C 289 4.14 -24.48 -21.27
CA ILE C 289 4.28 -25.71 -22.11
C ILE C 289 5.61 -25.68 -22.85
N PRO C 290 5.97 -24.59 -23.57
CA PRO C 290 7.28 -24.53 -24.23
C PRO C 290 8.45 -24.73 -23.25
N CYS C 291 8.37 -24.15 -22.04
CA CYS C 291 9.41 -24.26 -20.99
C CYS C 291 9.66 -25.73 -20.63
N TYR C 292 8.63 -26.44 -20.20
CA TYR C 292 8.75 -27.87 -19.80
C TYR C 292 9.00 -28.73 -21.04
N THR C 293 8.59 -28.28 -22.23
CA THR C 293 8.86 -29.03 -23.49
C THR C 293 10.38 -29.04 -23.74
N THR C 294 11.00 -27.85 -23.80
CA THR C 294 12.46 -27.70 -24.01
C THR C 294 13.22 -28.43 -22.89
N LEU C 295 12.77 -28.33 -21.64
CA LEU C 295 13.47 -28.94 -20.48
C LEU C 295 13.44 -30.47 -20.59
N THR C 296 12.32 -31.04 -21.02
CA THR C 296 12.16 -32.51 -21.22
C THR C 296 13.10 -32.97 -22.35
N GLN C 297 13.19 -32.21 -23.44
CA GLN C 297 14.08 -32.54 -24.58
C GLN C 297 15.53 -32.61 -24.10
N ILE C 298 15.94 -31.71 -23.20
CA ILE C 298 17.38 -31.61 -22.77
C ILE C 298 17.58 -32.57 -21.60
N LEU C 299 16.61 -32.69 -20.69
CA LEU C 299 16.64 -33.59 -19.51
C LEU C 299 15.39 -34.47 -19.51
N PRO C 300 15.40 -35.63 -20.21
CA PRO C 300 14.20 -36.46 -20.33
C PRO C 300 13.55 -36.89 -19.02
N PRO C 301 14.30 -37.18 -17.93
CA PRO C 301 13.67 -37.52 -16.66
C PRO C 301 12.89 -36.39 -15.96
N THR C 302 12.84 -35.18 -16.52
CA THR C 302 11.98 -34.06 -16.05
C THR C 302 10.59 -34.15 -16.69
N GLU C 303 10.34 -35.19 -17.50
CA GLU C 303 9.08 -35.45 -18.27
C GLU C 303 7.83 -35.26 -17.41
N PRO C 304 7.75 -35.81 -16.18
CA PRO C 304 6.56 -35.63 -15.35
C PRO C 304 6.10 -34.18 -15.14
N LEU C 305 7.02 -33.20 -15.20
CA LEU C 305 6.67 -31.77 -15.08
C LEU C 305 5.85 -31.39 -16.31
N LEU C 306 6.28 -31.82 -17.51
CA LEU C 306 5.58 -31.51 -18.77
C LEU C 306 4.20 -32.18 -18.79
N LYS C 307 4.10 -33.40 -18.27
CA LYS C 307 2.84 -34.19 -18.28
C LYS C 307 1.84 -33.55 -17.31
N ALA C 308 2.27 -33.18 -16.10
CA ALA C 308 1.44 -32.49 -15.09
C ALA C 308 0.95 -31.15 -15.66
N CYS C 309 1.82 -30.43 -16.37
CA CYS C 309 1.49 -29.10 -16.98
C CYS C 309 0.43 -29.28 -18.08
N ARG C 310 0.55 -30.32 -18.92
CA ARG C 310 -0.46 -30.60 -19.99
CA ARG C 310 -0.44 -30.64 -19.98
C ARG C 310 -1.79 -30.95 -19.33
N ASP C 311 -1.78 -31.73 -18.23
CA ASP C 311 -3.00 -32.12 -17.49
C ASP C 311 -3.70 -30.88 -16.93
N ASN C 312 -2.95 -29.88 -16.46
CA ASN C 312 -3.51 -28.61 -15.90
C ASN C 312 -4.06 -27.76 -17.05
N LEU C 313 -3.39 -27.74 -18.21
CA LEU C 313 -3.89 -27.01 -19.40
C LEU C 313 -5.28 -27.57 -19.76
N SER C 314 -5.39 -28.90 -19.78
CA SER C 314 -6.65 -29.67 -20.01
C SER C 314 -7.72 -29.25 -18.98
N GLN C 315 -7.36 -29.04 -17.71
CA GLN C 315 -8.30 -28.60 -16.66
C GLN C 315 -8.78 -27.16 -16.91
N TRP C 316 -7.92 -26.26 -17.39
CA TRP C 316 -8.30 -24.84 -17.63
C TRP C 316 -9.23 -24.76 -18.83
N GLU C 317 -9.11 -25.66 -19.80
CA GLU C 317 -10.02 -25.74 -20.97
C GLU C 317 -11.41 -26.18 -20.49
N LYS C 318 -11.49 -27.11 -19.54
CA LYS C 318 -12.78 -27.57 -18.95
C LYS C 318 -13.46 -26.43 -18.20
N VAL C 319 -12.70 -25.59 -17.48
CA VAL C 319 -13.22 -24.37 -16.80
C VAL C 319 -13.76 -23.41 -17.88
N ILE C 320 -13.05 -23.27 -19.01
CA ILE C 320 -13.43 -22.33 -20.11
C ILE C 320 -14.74 -22.79 -20.77
N ARG C 321 -15.04 -24.09 -20.70
CA ARG C 321 -16.25 -24.70 -21.30
C ARG C 321 -17.35 -24.85 -20.23
N GLY C 322 -17.25 -24.11 -19.11
CA GLY C 322 -18.26 -24.07 -18.04
C GLY C 322 -18.50 -25.42 -17.38
N GLU C 323 -17.54 -26.35 -17.48
CA GLU C 323 -17.59 -27.70 -16.83
C GLU C 323 -17.01 -27.63 -15.42
N GLU C 324 -16.31 -26.54 -15.09
CA GLU C 324 -15.80 -26.24 -13.72
C GLU C 324 -15.47 -24.75 -13.62
N LEU D 13 31.45 22.25 -41.57
CA LEU D 13 32.26 21.93 -40.34
C LEU D 13 32.49 23.21 -39.51
N MET D 14 31.64 24.23 -39.69
CA MET D 14 31.82 25.60 -39.16
C MET D 14 30.76 25.88 -38.09
N GLN D 15 31.02 25.45 -36.85
CA GLN D 15 30.06 25.53 -35.73
C GLN D 15 30.26 26.82 -34.93
N PHE D 16 29.23 27.23 -34.20
CA PHE D 16 29.28 28.38 -33.26
C PHE D 16 29.69 27.88 -31.88
N THR D 17 30.59 28.62 -31.25
CA THR D 17 31.03 28.43 -29.84
C THR D 17 30.65 29.69 -29.07
N LEU D 18 29.97 29.55 -27.95
CA LEU D 18 29.69 30.68 -27.03
C LEU D 18 30.85 30.82 -26.04
N PRO D 19 31.01 31.98 -25.40
CA PRO D 19 31.92 32.10 -24.27
C PRO D 19 31.52 31.13 -23.15
N VAL D 20 32.50 30.68 -22.37
CA VAL D 20 32.36 29.61 -21.33
C VAL D 20 31.05 29.84 -20.57
N ARG D 21 30.84 31.01 -19.98
CA ARG D 21 29.68 31.26 -19.09
C ARG D 21 28.38 31.03 -19.87
N LEU D 22 28.29 31.50 -21.12
CA LEU D 22 27.09 31.31 -21.98
C LEU D 22 26.98 29.84 -22.40
N CYS D 23 28.10 29.22 -22.73
CA CYS D 23 28.19 27.80 -23.14
C CYS D 23 27.56 26.93 -22.03
N LYS D 24 27.92 27.19 -20.77
CA LYS D 24 27.41 26.43 -19.59
C LYS D 24 25.96 26.84 -19.27
N GLU D 25 25.69 28.14 -19.06
CA GLU D 25 24.41 28.62 -18.46
C GLU D 25 23.26 28.50 -19.48
N ILE D 26 23.55 28.43 -20.78
CA ILE D 26 22.50 28.35 -21.83
C ILE D 26 21.68 27.06 -21.64
N GLU D 27 22.24 26.07 -20.94
CA GLU D 27 21.57 24.77 -20.69
C GLU D 27 20.55 24.96 -19.56
N LEU D 28 20.71 25.95 -18.69
CA LEU D 28 19.76 26.21 -17.57
C LEU D 28 18.46 26.83 -18.13
N PHE D 29 17.29 26.39 -17.64
CA PHE D 29 15.97 26.95 -18.04
C PHE D 29 15.92 28.48 -17.83
N HIS D 30 16.50 28.99 -16.74
CA HIS D 30 16.41 30.42 -16.33
C HIS D 30 17.46 31.29 -17.05
N PHE D 31 18.23 30.75 -17.99
CA PHE D 31 19.23 31.53 -18.76
C PHE D 31 18.59 32.79 -19.35
N ASP D 32 19.28 33.92 -19.22
CA ASP D 32 18.93 35.23 -19.83
C ASP D 32 19.89 35.42 -21.00
N ILE D 33 19.40 35.78 -22.19
CA ILE D 33 20.24 35.82 -23.43
C ILE D 33 21.11 37.08 -23.42
N GLY D 34 20.89 38.03 -22.48
CA GLY D 34 21.77 39.20 -22.27
C GLY D 34 21.38 40.40 -23.14
N PRO D 35 22.04 41.57 -22.95
CA PRO D 35 21.65 42.82 -23.63
C PRO D 35 22.37 43.11 -24.94
N PHE D 36 23.24 42.21 -25.42
CA PHE D 36 24.00 42.39 -26.69
C PHE D 36 23.21 41.77 -27.86
N GLU D 37 22.37 42.57 -28.51
CA GLU D 37 21.55 42.18 -29.69
C GLU D 37 22.36 41.35 -30.69
N ASN D 38 23.60 41.76 -30.99
CA ASN D 38 24.41 41.21 -32.11
C ASN D 38 24.85 39.76 -31.83
N MET D 39 24.71 39.29 -30.59
CA MET D 39 25.05 37.87 -30.26
C MET D 39 23.82 36.96 -30.33
N TRP D 40 22.60 37.51 -30.38
CA TRP D 40 21.35 36.70 -30.32
C TRP D 40 21.23 35.78 -31.53
N PRO D 41 21.53 36.18 -32.78
CA PRO D 41 21.51 35.24 -33.89
C PRO D 41 22.43 34.03 -33.66
N GLY D 42 23.66 34.26 -33.21
CA GLY D 42 24.63 33.20 -32.95
C GLY D 42 24.15 32.27 -31.84
N ILE D 43 23.57 32.85 -30.79
CA ILE D 43 22.92 32.06 -29.70
C ILE D 43 21.88 31.14 -30.34
N PHE D 44 21.08 31.66 -31.28
CA PHE D 44 19.97 30.89 -31.90
C PHE D 44 20.54 29.78 -32.77
N VAL D 45 21.53 30.09 -33.61
CA VAL D 45 22.22 29.08 -34.47
C VAL D 45 22.82 27.99 -33.58
N TYR D 46 23.53 28.38 -32.52
CA TYR D 46 24.13 27.44 -31.53
C TYR D 46 23.05 26.46 -31.08
N MET D 47 21.94 26.98 -30.54
CA MET D 47 20.85 26.16 -29.96
C MET D 47 20.32 25.18 -31.02
N VAL D 48 20.19 25.62 -32.27
CA VAL D 48 19.67 24.80 -33.41
C VAL D 48 20.64 23.66 -33.72
N HIS D 49 21.96 23.95 -33.75
CA HIS D 49 23.00 22.93 -34.04
C HIS D 49 22.95 21.80 -33.01
N ARG D 50 22.92 22.14 -31.71
CA ARG D 50 22.90 21.17 -30.58
C ARG D 50 21.55 20.46 -30.50
N SER D 51 20.46 21.19 -30.71
CA SER D 51 19.07 20.71 -30.50
C SER D 51 18.66 19.82 -31.67
N CYS D 52 18.98 20.28 -32.88
CA CYS D 52 18.51 19.71 -34.15
C CYS D 52 19.60 18.84 -34.76
N GLY D 53 20.81 19.39 -34.85
CA GLY D 53 21.97 18.81 -35.59
C GLY D 53 22.59 19.85 -36.49
N THR D 54 23.90 19.75 -36.73
CA THR D 54 24.72 20.80 -37.42
C THR D 54 24.36 20.89 -38.91
N SER D 55 23.65 19.88 -39.44
CA SER D 55 23.29 19.72 -40.87
C SER D 55 21.78 19.91 -41.08
N CYS D 56 21.00 20.11 -40.02
CA CYS D 56 19.53 20.32 -40.09
C CYS D 56 19.18 21.38 -41.14
N PHE D 57 19.96 22.46 -41.19
CA PHE D 57 19.75 23.61 -42.11
C PHE D 57 21.09 23.96 -42.77
N GLU D 58 21.02 24.51 -43.99
CA GLU D 58 22.18 25.12 -44.67
C GLU D 58 22.44 26.47 -43.99
N LEU D 59 23.67 26.68 -43.48
CA LEU D 59 24.04 27.84 -42.63
C LEU D 59 23.68 29.16 -43.32
N GLU D 60 23.93 29.29 -44.63
CA GLU D 60 23.74 30.55 -45.39
C GLU D 60 22.25 30.90 -45.42
N LYS D 61 21.38 29.94 -45.76
CA LYS D 61 19.90 30.12 -45.78
C LYS D 61 19.39 30.42 -44.37
N LEU D 62 19.77 29.61 -43.38
CA LEU D 62 19.41 29.81 -41.96
C LEU D 62 19.74 31.25 -41.56
N CME D 63 20.98 31.70 -41.76
CA CME D 63 21.49 33.00 -41.29
CB CME D 63 22.99 33.17 -41.49
SG CME D 63 24.02 32.47 -40.16
SD CME D 63 23.59 33.60 -38.53
CE CME D 63 24.08 35.29 -38.99
CZ CME D 63 25.19 35.84 -38.13
OH CME D 63 25.25 37.25 -38.21
C CME D 63 20.67 34.13 -41.92
O CME D 63 20.33 35.08 -41.18
N ARG D 64 20.35 34.03 -43.22
CA ARG D 64 19.59 35.11 -43.91
C ARG D 64 18.09 34.97 -43.61
N PHE D 65 17.60 33.77 -43.27
CA PHE D 65 16.23 33.58 -42.71
C PHE D 65 16.13 34.35 -41.38
N ILE D 66 17.10 34.14 -40.51
CA ILE D 66 17.19 34.79 -39.17
C ILE D 66 17.15 36.31 -39.35
N MET D 67 17.99 36.85 -40.23
CA MET D 67 18.14 38.34 -40.35
C MET D 67 16.85 38.93 -40.97
N SER D 68 16.14 38.18 -41.82
CA SER D 68 14.81 38.56 -42.36
C SER D 68 13.74 38.55 -41.24
N VAL D 69 13.78 37.55 -40.36
CA VAL D 69 12.85 37.45 -39.18
C VAL D 69 13.13 38.64 -38.26
N LYS D 70 14.37 38.81 -37.82
CA LYS D 70 14.77 39.95 -36.98
C LYS D 70 14.17 41.24 -37.55
N LYS D 71 14.31 41.46 -38.85
CA LYS D 71 13.96 42.73 -39.54
C LYS D 71 12.44 42.93 -39.52
N ASN D 72 11.66 41.85 -39.33
CA ASN D 72 10.18 41.89 -39.36
C ASN D 72 9.63 41.81 -37.93
N TYR D 73 10.50 41.90 -36.92
CA TYR D 73 10.08 42.29 -35.55
C TYR D 73 10.17 43.81 -35.46
N ARG D 74 9.31 44.42 -34.64
CA ARG D 74 9.22 45.88 -34.48
C ARG D 74 9.89 46.30 -33.18
N ARG D 75 10.17 47.59 -33.06
CA ARG D 75 10.79 48.23 -31.87
C ARG D 75 9.65 48.54 -30.89
N VAL D 76 9.06 47.50 -30.30
CA VAL D 76 8.05 47.62 -29.23
C VAL D 76 8.71 47.20 -27.91
N PRO D 77 8.17 47.62 -26.75
CA PRO D 77 8.82 47.36 -25.46
C PRO D 77 8.99 45.87 -25.14
N TYR D 78 8.07 44.99 -25.55
CA TYR D 78 8.08 43.58 -25.11
C TYR D 78 8.06 42.60 -26.28
N HIS D 79 7.08 42.70 -27.18
CA HIS D 79 6.87 41.75 -28.29
C HIS D 79 7.87 42.02 -29.41
N ASN D 80 9.15 41.83 -29.11
CA ASN D 80 10.28 42.30 -29.95
C ASN D 80 11.22 41.13 -30.22
N TRP D 81 12.30 41.40 -30.96
CA TRP D 81 13.31 40.39 -31.36
C TRP D 81 13.84 39.65 -30.12
N LYS D 82 14.07 40.35 -29.01
CA LYS D 82 14.60 39.75 -27.75
C LYS D 82 13.65 38.68 -27.23
N HIS D 83 12.34 38.94 -27.24
CA HIS D 83 11.27 37.97 -26.84
C HIS D 83 11.35 36.71 -27.73
N ALA D 84 11.45 36.87 -29.04
CA ALA D 84 11.53 35.76 -30.03
C ALA D 84 12.65 34.78 -29.66
N VAL D 85 13.86 35.26 -29.40
CA VAL D 85 15.03 34.38 -29.12
C VAL D 85 14.88 33.77 -27.72
N THR D 86 14.34 34.54 -26.77
CA THR D 86 14.10 34.12 -25.35
C THR D 86 13.15 32.93 -25.33
N VAL D 87 12.02 33.04 -26.04
CA VAL D 87 11.01 31.95 -26.19
C VAL D 87 11.65 30.74 -26.89
N ALA D 88 12.52 30.97 -27.89
CA ALA D 88 13.24 29.90 -28.61
C ALA D 88 14.18 29.16 -27.66
N HIS D 89 14.85 29.90 -26.77
CA HIS D 89 15.79 29.33 -25.77
C HIS D 89 15.02 28.44 -24.77
N CYS D 90 13.83 28.86 -24.33
CA CYS D 90 13.00 28.04 -23.42
C CYS D 90 12.63 26.74 -24.14
N MET D 91 12.25 26.82 -25.42
CA MET D 91 11.92 25.62 -26.23
C MET D 91 13.19 24.75 -26.39
N TYR D 92 14.36 25.36 -26.58
CA TYR D 92 15.67 24.66 -26.62
C TYR D 92 15.86 23.84 -25.34
N ALA D 93 15.74 24.48 -24.18
CA ALA D 93 15.91 23.82 -22.85
C ALA D 93 14.95 22.63 -22.76
N ILE D 94 13.70 22.79 -23.17
CA ILE D 94 12.68 21.72 -23.09
C ILE D 94 13.13 20.53 -23.96
N LEU D 95 13.54 20.78 -25.21
CA LEU D 95 13.90 19.72 -26.18
C LEU D 95 15.15 18.99 -25.72
N GLN D 96 16.17 19.71 -25.24
CA GLN D 96 17.44 19.09 -24.79
C GLN D 96 17.11 18.10 -23.67
N ASN D 97 16.21 18.47 -22.75
CA ASN D 97 15.97 17.73 -21.48
C ASN D 97 14.86 16.68 -21.68
N ASN D 98 14.32 16.58 -22.90
CA ASN D 98 13.30 15.57 -23.29
C ASN D 98 13.61 15.02 -24.69
N HIS D 99 14.90 14.82 -25.02
CA HIS D 99 15.38 14.67 -26.42
C HIS D 99 14.84 13.40 -27.07
N THR D 100 14.59 12.32 -26.32
CA THR D 100 14.09 11.04 -26.88
C THR D 100 12.61 11.12 -27.26
N LEU D 101 11.87 12.13 -26.79
CA LEU D 101 10.38 12.17 -26.91
C LEU D 101 9.93 12.74 -28.27
N PHE D 102 10.75 13.56 -28.95
CA PHE D 102 10.33 14.37 -30.13
C PHE D 102 11.01 13.88 -31.41
N THR D 103 10.31 14.00 -32.53
CA THR D 103 10.77 13.58 -33.88
C THR D 103 11.70 14.65 -34.43
N ASP D 104 12.45 14.30 -35.48
CA ASP D 104 13.45 15.19 -36.15
C ASP D 104 12.74 16.43 -36.72
N LEU D 105 11.57 16.27 -37.35
CA LEU D 105 10.76 17.38 -37.92
C LEU D 105 10.29 18.30 -36.78
N GLU D 106 9.89 17.72 -35.64
CA GLU D 106 9.40 18.49 -34.47
C GLU D 106 10.52 19.41 -33.97
N ARG D 107 11.72 18.87 -33.77
CA ARG D 107 12.93 19.62 -33.34
C ARG D 107 13.17 20.78 -34.33
N LYS D 108 13.29 20.48 -35.64
CA LYS D 108 13.48 21.48 -36.71
C LYS D 108 12.42 22.59 -36.56
N GLY D 109 11.15 22.20 -36.55
CA GLY D 109 9.98 23.10 -36.66
C GLY D 109 9.77 24.01 -35.45
N LEU D 110 9.96 23.52 -34.23
CA LEU D 110 9.49 24.18 -32.98
C LEU D 110 10.43 25.32 -32.57
N LEU D 111 11.72 25.21 -32.89
CA LEU D 111 12.68 26.34 -32.68
C LEU D 111 12.34 27.46 -33.65
N ILE D 112 12.07 27.14 -34.92
CA ILE D 112 11.66 28.13 -35.96
C ILE D 112 10.35 28.77 -35.50
N ALA D 113 9.38 27.96 -35.05
CA ALA D 113 8.05 28.46 -34.67
C ALA D 113 8.20 29.47 -33.53
N CYS D 114 9.06 29.19 -32.56
CA CYS D 114 9.28 30.10 -31.39
C CYS D 114 9.90 31.41 -31.87
N LEU D 115 10.92 31.35 -32.74
CA LEU D 115 11.58 32.56 -33.29
C LEU D 115 10.56 33.39 -34.08
N CYS D 116 9.58 32.74 -34.72
CA CYS D 116 8.62 33.40 -35.66
C CYS D 116 7.27 33.69 -35.00
N HIS D 117 7.03 33.27 -33.76
CA HIS D 117 5.69 33.20 -33.12
C HIS D 117 5.07 34.59 -32.91
N ASP D 118 5.84 35.67 -32.92
CA ASP D 118 5.27 37.02 -32.68
C ASP D 118 5.63 38.00 -33.82
N LEU D 119 5.99 37.50 -35.00
CA LEU D 119 6.45 38.33 -36.14
C LEU D 119 5.46 39.48 -36.40
N ASP D 120 6.00 40.70 -36.49
CA ASP D 120 5.26 41.90 -36.93
C ASP D 120 4.18 42.26 -35.90
N HIS D 121 4.44 41.98 -34.62
CA HIS D 121 3.58 42.40 -33.49
C HIS D 121 3.66 43.91 -33.36
N ARG D 122 2.54 44.58 -33.05
CA ARG D 122 2.44 46.07 -32.93
C ARG D 122 2.39 46.50 -31.46
N GLY D 123 2.40 45.55 -30.52
CA GLY D 123 2.29 45.81 -29.08
C GLY D 123 0.84 45.88 -28.62
N PHE D 124 -0.08 45.44 -29.48
CA PHE D 124 -1.54 45.51 -29.27
C PHE D 124 -2.12 44.10 -29.31
N SER D 125 -3.08 43.81 -28.42
CA SER D 125 -3.77 42.51 -28.27
C SER D 125 -4.78 42.33 -29.40
N ASN D 126 -5.20 41.09 -29.62
CA ASN D 126 -6.32 40.74 -30.54
C ASN D 126 -7.54 41.59 -30.19
N SER D 127 -7.87 41.73 -28.89
CA SER D 127 -9.04 42.50 -28.39
C SER D 127 -8.99 43.91 -28.97
N TYR D 128 -7.83 44.56 -28.91
CA TYR D 128 -7.69 45.99 -29.29
C TYR D 128 -7.86 46.12 -30.81
N LEU D 129 -7.28 45.21 -31.61
CA LEU D 129 -7.46 45.22 -33.08
C LEU D 129 -8.96 45.16 -33.40
N GLN D 130 -9.69 44.24 -32.75
CA GLN D 130 -11.15 44.04 -32.95
C GLN D 130 -11.89 45.35 -32.60
N LYS D 131 -11.55 45.97 -31.47
CA LYS D 131 -12.25 47.19 -30.98
C LYS D 131 -11.85 48.39 -31.84
N PHE D 132 -10.59 48.45 -32.27
CA PHE D 132 -10.12 49.50 -33.21
C PHE D 132 -10.78 49.30 -34.58
N ASP D 133 -11.11 48.05 -34.91
CA ASP D 133 -11.73 47.66 -36.21
C ASP D 133 -10.62 47.64 -37.26
N HIS D 134 -9.48 47.05 -36.88
CA HIS D 134 -8.24 46.95 -37.71
C HIS D 134 -8.48 45.96 -38.84
N PRO D 135 -7.96 46.24 -40.06
CA PRO D 135 -8.06 45.30 -41.19
C PRO D 135 -7.70 43.84 -40.87
N LEU D 136 -6.71 43.61 -39.98
CA LEU D 136 -6.32 42.24 -39.58
C LEU D 136 -7.48 41.52 -38.87
N ALA D 137 -8.32 42.25 -38.13
CA ALA D 137 -9.49 41.69 -37.40
C ALA D 137 -10.56 41.21 -38.40
N ALA D 138 -10.68 41.84 -39.56
CA ALA D 138 -11.59 41.45 -40.67
C ALA D 138 -11.05 40.19 -41.36
N LEU D 139 -9.74 40.17 -41.62
CA LEU D 139 -9.06 39.06 -42.34
C LEU D 139 -9.00 37.79 -41.47
N TYR D 140 -8.74 37.94 -40.16
CA TYR D 140 -8.63 36.82 -39.18
C TYR D 140 -9.52 37.12 -37.97
N SER D 141 -10.74 36.58 -37.94
CA SER D 141 -11.78 36.91 -36.94
C SER D 141 -11.43 36.32 -35.56
N THR D 142 -10.59 35.28 -35.50
CA THR D 142 -10.09 34.67 -34.24
C THR D 142 -8.58 34.50 -34.30
N SER D 143 -7.93 34.45 -33.13
CA SER D 143 -6.45 34.37 -32.98
C SER D 143 -5.83 35.34 -34.01
N THR D 144 -6.35 36.57 -34.06
CA THR D 144 -6.08 37.55 -35.13
C THR D 144 -4.56 37.67 -35.35
N MET D 145 -3.82 38.13 -34.34
CA MET D 145 -2.36 38.42 -34.49
C MET D 145 -1.63 37.12 -34.82
N GLU D 146 -2.02 35.98 -34.23
CA GLU D 146 -1.34 34.67 -34.39
C GLU D 146 -1.45 34.15 -35.83
N GLN D 147 -2.58 34.40 -36.49
CA GLN D 147 -2.75 34.03 -37.93
C GLN D 147 -1.83 34.90 -38.79
N HIS D 148 -1.69 36.18 -38.44
CA HIS D 148 -0.74 37.14 -39.07
C HIS D 148 0.68 36.58 -38.92
N HIS D 149 1.08 36.20 -37.70
CA HIS D 149 2.46 35.75 -37.36
C HIS D 149 2.84 34.62 -38.32
N PHE D 150 1.94 33.67 -38.53
CA PHE D 150 2.20 32.48 -39.38
C PHE D 150 2.20 32.91 -40.86
N SER D 151 1.31 33.83 -41.24
CA SER D 151 1.31 34.45 -42.59
C SER D 151 2.68 35.06 -42.87
N GLN D 152 3.24 35.81 -41.92
CA GLN D 152 4.57 36.44 -42.07
C GLN D 152 5.63 35.35 -42.15
N THR D 153 5.55 34.32 -41.30
CA THR D 153 6.53 33.20 -41.29
C THR D 153 6.63 32.62 -42.70
N VAL D 154 5.49 32.37 -43.34
CA VAL D 154 5.40 31.74 -44.69
C VAL D 154 5.94 32.73 -45.72
N SER D 155 5.58 34.00 -45.63
CA SER D 155 6.08 35.07 -46.53
C SER D 155 7.61 35.04 -46.59
N ILE D 156 8.27 34.88 -45.43
CA ILE D 156 9.76 34.95 -45.29
C ILE D 156 10.39 33.68 -45.88
N LEU D 157 9.87 32.50 -45.54
CA LEU D 157 10.31 31.19 -46.11
C LEU D 157 10.24 31.20 -47.65
N GLN D 158 9.35 32.00 -48.25
CA GLN D 158 9.14 32.04 -49.72
C GLN D 158 10.01 33.12 -50.37
N LEU D 159 10.66 33.97 -49.58
CA LEU D 159 11.73 34.89 -50.06
C LEU D 159 12.87 34.05 -50.67
N GLU D 160 13.44 34.54 -51.78
CA GLU D 160 14.55 33.90 -52.53
C GLU D 160 15.70 33.62 -51.57
N GLY D 161 16.17 32.36 -51.52
CA GLY D 161 17.31 31.91 -50.71
C GLY D 161 16.99 31.82 -49.22
N HIS D 162 15.71 31.86 -48.83
CA HIS D 162 15.26 31.86 -47.41
C HIS D 162 14.65 30.51 -47.01
N ASN D 163 14.34 29.61 -47.96
CA ASN D 163 13.67 28.34 -47.61
C ASN D 163 14.67 27.36 -47.00
N ILE D 164 14.74 27.38 -45.67
CA ILE D 164 15.63 26.51 -44.84
C ILE D 164 15.13 25.06 -44.87
N PHE D 165 13.89 24.82 -45.33
CA PHE D 165 13.26 23.48 -45.38
C PHE D 165 13.32 22.87 -46.79
N SER D 166 14.24 23.33 -47.65
CA SER D 166 14.30 22.93 -49.09
C SER D 166 14.77 21.48 -49.23
N THR D 167 15.58 20.97 -48.30
CA THR D 167 16.15 19.58 -48.37
C THR D 167 15.12 18.54 -47.91
N LEU D 168 14.03 18.97 -47.26
CA LEU D 168 12.92 18.07 -46.85
C LEU D 168 12.15 17.60 -48.09
N SER D 169 11.59 16.40 -48.05
CA SER D 169 10.58 15.89 -49.02
C SER D 169 9.30 16.72 -48.89
N SER D 170 8.45 16.70 -49.92
CA SER D 170 7.20 17.51 -50.01
C SER D 170 6.27 17.17 -48.84
N SER D 171 6.15 15.89 -48.50
CA SER D 171 5.29 15.41 -47.37
C SER D 171 5.85 15.93 -46.04
N GLU D 172 7.16 15.89 -45.86
CA GLU D 172 7.86 16.38 -44.65
C GLU D 172 7.78 17.91 -44.59
N TYR D 173 7.87 18.59 -45.74
CA TYR D 173 7.74 20.07 -45.82
C TYR D 173 6.36 20.47 -45.30
N GLU D 174 5.29 19.88 -45.84
CA GLU D 174 3.91 20.32 -45.49
C GLU D 174 3.60 19.89 -44.05
N GLN D 175 4.31 18.88 -43.55
CA GLN D 175 4.23 18.41 -42.15
C GLN D 175 4.88 19.44 -41.22
N VAL D 176 6.11 19.87 -41.53
CA VAL D 176 6.84 20.83 -40.66
C VAL D 176 6.05 22.14 -40.63
N LEU D 177 5.51 22.59 -41.76
CA LEU D 177 4.74 23.86 -41.84
C LEU D 177 3.53 23.76 -40.93
N GLU D 178 2.95 22.56 -40.83
CA GLU D 178 1.74 22.25 -40.01
C GLU D 178 2.10 22.21 -38.52
N ILE D 179 3.28 21.69 -38.15
CA ILE D 179 3.81 21.80 -36.76
C ILE D 179 3.88 23.31 -36.40
N ILE D 180 4.42 24.11 -37.32
CA ILE D 180 4.74 25.55 -37.05
C ILE D 180 3.42 26.30 -36.89
N ARG D 181 2.47 26.06 -37.80
CA ARG D 181 1.17 26.77 -37.80
C ARG D 181 0.43 26.54 -36.48
N LYS D 182 0.34 25.28 -36.06
CA LYS D 182 -0.38 24.85 -34.83
C LYS D 182 0.31 25.44 -33.61
N ALA D 183 1.64 25.41 -33.63
CA ALA D 183 2.51 25.92 -32.55
C ALA D 183 2.28 27.43 -32.38
N ILE D 184 2.24 28.20 -33.48
CA ILE D 184 2.09 29.69 -33.42
C ILE D 184 0.66 30.03 -32.99
N ILE D 185 -0.34 29.34 -33.54
CA ILE D 185 -1.77 29.54 -33.18
C ILE D 185 -1.94 29.29 -31.68
N ALA D 186 -1.25 28.28 -31.13
CA ALA D 186 -1.37 27.84 -29.72
C ALA D 186 -0.85 28.94 -28.77
N THR D 187 -0.06 29.90 -29.26
CA THR D 187 0.47 31.03 -28.43
C THR D 187 -0.62 32.06 -28.15
N ASP D 188 -1.81 31.92 -28.74
CA ASP D 188 -3.04 32.67 -28.36
C ASP D 188 -3.49 32.19 -26.97
N LEU D 189 -3.29 33.01 -25.95
CA LEU D 189 -3.53 32.60 -24.54
C LEU D 189 -5.01 32.23 -24.36
N ALA D 190 -5.92 32.77 -25.17
CA ALA D 190 -7.36 32.46 -25.15
C ALA D 190 -7.57 30.94 -25.30
N LEU D 191 -6.74 30.27 -26.12
CA LEU D 191 -6.86 28.82 -26.41
C LEU D 191 -6.15 27.96 -25.36
N TYR D 192 -5.18 28.52 -24.61
CA TYR D 192 -4.36 27.79 -23.60
C TYR D 192 -5.26 27.11 -22.55
N PHE D 193 -6.25 27.85 -22.03
CA PHE D 193 -7.08 27.46 -20.86
C PHE D 193 -7.79 26.12 -21.13
N GLY D 194 -8.49 26.02 -22.25
CA GLY D 194 -9.09 24.77 -22.77
C GLY D 194 -8.05 23.67 -22.99
N ASN D 195 -6.88 24.00 -23.54
CA ASN D 195 -5.81 23.03 -23.89
C ASN D 195 -5.29 22.38 -22.61
N ARG D 196 -4.94 23.20 -21.60
CA ARG D 196 -4.40 22.71 -20.32
C ARG D 196 -5.40 21.76 -19.65
N LYS D 197 -6.69 22.12 -19.66
CA LYS D 197 -7.79 21.39 -18.96
C LYS D 197 -7.99 20.01 -19.58
N GLN D 198 -8.05 19.93 -20.92
CA GLN D 198 -8.05 18.65 -21.66
C GLN D 198 -6.82 17.82 -21.28
N LEU D 199 -5.61 18.39 -21.37
CA LEU D 199 -4.35 17.65 -21.08
C LEU D 199 -4.34 17.16 -19.62
N GLU D 200 -4.82 18.00 -18.69
CA GLU D 200 -4.85 17.66 -17.25
C GLU D 200 -5.66 16.37 -17.08
N GLU D 201 -6.87 16.36 -17.68
CA GLU D 201 -7.85 15.25 -17.64
C GLU D 201 -7.25 14.00 -18.29
N MET D 202 -6.62 14.15 -19.45
CA MET D 202 -5.99 13.03 -20.19
C MET D 202 -4.84 12.46 -19.36
N TYR D 203 -4.02 13.31 -18.73
CA TYR D 203 -2.82 12.85 -17.98
C TYR D 203 -3.24 12.15 -16.67
N GLN D 204 -4.22 12.71 -15.95
CA GLN D 204 -4.64 12.24 -14.60
C GLN D 204 -5.45 10.94 -14.73
N THR D 205 -6.28 10.79 -15.77
CA THR D 205 -7.02 9.53 -16.05
C THR D 205 -6.14 8.56 -16.85
N GLY D 206 -4.91 8.96 -17.21
CA GLY D 206 -3.91 8.09 -17.85
C GLY D 206 -4.27 7.71 -19.28
N SER D 207 -5.13 8.48 -19.94
CA SER D 207 -5.55 8.30 -21.36
C SER D 207 -4.65 9.10 -22.32
N LEU D 208 -3.69 9.87 -21.81
CA LEU D 208 -2.74 10.66 -22.64
C LEU D 208 -1.79 9.69 -23.34
N ASN D 209 -1.52 9.93 -24.63
CA ASN D 209 -0.81 8.99 -25.54
C ASN D 209 -0.04 9.77 -26.61
N LEU D 210 1.28 9.85 -26.48
CA LEU D 210 2.17 10.62 -27.39
C LEU D 210 2.23 9.96 -28.78
N ASN D 211 1.60 8.80 -28.99
CA ASN D 211 1.53 8.14 -30.32
C ASN D 211 0.28 8.64 -31.06
N ASN D 212 -0.61 9.34 -30.34
CA ASN D 212 -1.81 9.99 -30.90
C ASN D 212 -1.43 11.41 -31.29
N GLN D 213 -1.43 11.72 -32.60
CA GLN D 213 -0.99 13.04 -33.13
C GLN D 213 -1.77 14.17 -32.45
N SER D 214 -3.10 14.01 -32.31
CA SER D 214 -4.03 14.97 -31.66
C SER D 214 -3.53 15.32 -30.26
N HIS D 215 -3.04 14.32 -29.52
CA HIS D 215 -2.47 14.45 -28.16
C HIS D 215 -1.14 15.22 -28.25
N ARG D 216 -0.29 14.86 -29.21
CA ARG D 216 1.03 15.50 -29.44
C ARG D 216 0.83 17.01 -29.62
N ASP D 217 -0.12 17.39 -30.48
CA ASP D 217 -0.43 18.81 -30.80
C ASP D 217 -0.74 19.57 -29.51
N ARG D 218 -1.62 19.02 -28.66
CA ARG D 218 -2.00 19.61 -27.34
C ARG D 218 -0.74 19.80 -26.49
N VAL D 219 0.12 18.77 -26.42
CA VAL D 219 1.36 18.84 -25.60
C VAL D 219 2.27 19.95 -26.15
N ILE D 220 2.51 19.97 -27.46
CA ILE D 220 3.32 21.05 -28.12
C ILE D 220 2.64 22.40 -27.86
N GLY D 221 1.31 22.46 -28.02
CA GLY D 221 0.49 23.64 -27.67
C GLY D 221 0.85 24.16 -26.30
N LEU D 222 0.87 23.28 -25.29
CA LEU D 222 1.17 23.62 -23.88
C LEU D 222 2.63 24.05 -23.76
N MET D 223 3.52 23.40 -24.51
CA MET D 223 4.96 23.76 -24.51
C MET D 223 5.12 25.21 -25.02
N MET D 224 4.37 25.58 -26.07
CA MET D 224 4.42 26.95 -26.66
C MET D 224 3.99 27.98 -25.61
N THR D 225 2.83 27.79 -24.94
CA THR D 225 2.37 28.67 -23.84
C THR D 225 3.48 28.81 -22.80
N ALA D 226 4.02 27.69 -22.32
CA ALA D 226 5.12 27.62 -21.33
C ALA D 226 6.33 28.45 -21.79
N CYS D 227 6.75 28.29 -23.04
CA CYS D 227 7.90 29.06 -23.59
C CYS D 227 7.48 30.54 -23.66
N ASP D 228 6.25 30.81 -24.06
CA ASP D 228 5.75 32.19 -24.27
C ASP D 228 5.76 32.98 -22.96
N LEU D 229 5.44 32.33 -21.83
CA LEU D 229 5.27 33.00 -20.51
C LEU D 229 6.56 32.90 -19.69
N CYS D 230 7.67 32.50 -20.31
CA CYS D 230 8.86 31.98 -19.58
C CYS D 230 9.53 33.09 -18.76
N SER D 231 9.18 34.36 -18.96
CA SER D 231 9.68 35.49 -18.13
C SER D 231 9.39 35.23 -16.64
N VAL D 232 8.28 34.55 -16.31
CA VAL D 232 7.88 34.23 -14.90
C VAL D 232 8.70 33.06 -14.35
N THR D 233 9.59 32.46 -15.16
CA THR D 233 10.42 31.28 -14.80
C THR D 233 11.90 31.68 -14.73
N LYS D 234 12.20 32.98 -14.80
CA LYS D 234 13.57 33.51 -14.70
C LYS D 234 13.87 33.81 -13.24
N LEU D 235 15.12 34.17 -12.96
CA LEU D 235 15.52 34.69 -11.63
C LEU D 235 14.82 36.03 -11.40
N TRP D 236 14.47 36.31 -10.14
CA TRP D 236 13.59 37.42 -9.72
C TRP D 236 13.98 38.74 -10.39
N PRO D 237 15.29 39.14 -10.42
CA PRO D 237 15.67 40.41 -11.04
C PRO D 237 15.29 40.50 -12.52
N VAL D 238 15.45 39.42 -13.29
CA VAL D 238 15.03 39.33 -14.71
C VAL D 238 13.50 39.43 -14.80
N THR D 239 12.78 38.57 -14.06
CA THR D 239 11.29 38.51 -14.04
C THR D 239 10.72 39.91 -13.76
N LYS D 240 11.20 40.56 -12.70
CA LYS D 240 10.74 41.91 -12.24
C LYS D 240 10.99 42.95 -13.35
N LEU D 241 12.18 42.94 -13.96
CA LEU D 241 12.60 43.94 -14.97
C LEU D 241 11.81 43.75 -16.28
N THR D 242 11.47 42.51 -16.63
CA THR D 242 10.68 42.18 -17.85
C THR D 242 9.21 42.62 -17.68
N ALA D 243 8.69 42.57 -16.45
CA ALA D 243 7.31 43.00 -16.14
C ALA D 243 7.11 44.47 -16.57
N ASN D 244 8.14 45.30 -16.41
CA ASN D 244 8.13 46.74 -16.84
C ASN D 244 7.92 46.84 -18.36
N ASP D 245 8.61 46.00 -19.14
CA ASP D 245 8.47 45.98 -20.61
C ASP D 245 7.03 45.57 -20.96
N ILE D 246 6.51 44.55 -20.29
CA ILE D 246 5.16 43.98 -20.57
C ILE D 246 4.12 45.04 -20.24
N TYR D 247 4.25 45.70 -19.09
CA TYR D 247 3.28 46.72 -18.60
C TYR D 247 3.39 47.98 -19.47
N ALA D 248 4.59 48.29 -19.97
CA ALA D 248 4.82 49.46 -20.85
C ALA D 248 3.92 49.33 -22.08
N GLU D 249 3.86 48.13 -22.67
CA GLU D 249 2.95 47.79 -23.80
C GLU D 249 1.48 47.83 -23.36
N PHE D 250 1.12 47.11 -22.29
CA PHE D 250 -0.28 47.05 -21.77
C PHE D 250 -0.80 48.47 -21.57
N TRP D 251 -0.02 49.30 -20.87
CA TRP D 251 -0.43 50.68 -20.47
C TRP D 251 -0.61 51.54 -21.74
N ALA D 252 0.22 51.33 -22.76
CA ALA D 252 0.11 51.97 -24.09
C ALA D 252 -1.18 51.52 -24.78
N GLU D 253 -1.54 50.24 -24.67
CA GLU D 253 -2.82 49.73 -25.22
C GLU D 253 -4.00 50.34 -24.45
N GLY D 254 -3.93 50.38 -23.12
CA GLY D 254 -4.97 51.02 -22.28
C GLY D 254 -5.22 52.46 -22.70
N ASP D 255 -4.14 53.21 -22.97
CA ASP D 255 -4.19 54.63 -23.42
C ASP D 255 -5.03 54.71 -24.69
N GLU D 256 -4.72 53.83 -25.65
CA GLU D 256 -5.43 53.72 -26.95
C GLU D 256 -6.88 53.29 -26.71
N MET D 257 -7.14 52.47 -25.70
CA MET D 257 -8.52 52.01 -25.36
C MET D 257 -9.32 53.25 -24.88
N LYS D 258 -8.73 54.09 -24.06
CA LYS D 258 -9.35 55.35 -23.56
C LYS D 258 -9.56 56.31 -24.73
N LYS D 259 -8.68 56.27 -25.74
CA LYS D 259 -8.80 57.11 -26.95
C LYS D 259 -10.01 56.65 -27.78
N LEU D 260 -10.41 55.38 -27.63
CA LEU D 260 -11.58 54.82 -28.37
C LEU D 260 -12.89 55.05 -27.60
N GLY D 261 -12.83 55.65 -26.41
CA GLY D 261 -14.00 55.89 -25.53
C GLY D 261 -14.38 54.66 -24.71
N ILE D 262 -13.42 53.77 -24.46
CA ILE D 262 -13.63 52.50 -23.70
C ILE D 262 -12.71 52.50 -22.48
N GLN D 263 -13.24 52.18 -21.30
CA GLN D 263 -12.44 52.03 -20.06
C GLN D 263 -11.72 50.69 -20.18
N PRO D 264 -10.36 50.67 -20.25
CA PRO D 264 -9.65 49.40 -20.37
C PRO D 264 -9.77 48.64 -19.05
N ILE D 265 -9.40 47.36 -19.03
CA ILE D 265 -9.31 46.53 -17.79
C ILE D 265 -8.16 47.04 -16.94
N PRO D 266 -8.22 46.88 -15.60
CA PRO D 266 -7.20 47.44 -14.70
C PRO D 266 -5.75 47.10 -15.12
N MET D 267 -5.55 45.90 -15.67
CA MET D 267 -4.21 45.38 -16.09
C MET D 267 -3.55 46.35 -17.09
N MET D 268 -4.36 46.98 -17.94
CA MET D 268 -3.91 47.88 -19.04
C MET D 268 -4.13 49.36 -18.68
N ASP D 269 -4.52 49.64 -17.43
CA ASP D 269 -4.81 51.03 -16.96
C ASP D 269 -3.63 51.52 -16.12
N ARG D 270 -2.87 52.50 -16.61
CA ARG D 270 -1.64 52.99 -15.92
C ARG D 270 -2.03 53.70 -14.62
N ASP D 271 -3.26 54.21 -14.51
CA ASP D 271 -3.75 54.93 -13.29
C ASP D 271 -4.03 53.93 -12.17
N LYS D 272 -3.88 52.64 -12.45
CA LYS D 272 -4.03 51.54 -11.48
C LYS D 272 -2.71 50.77 -11.37
N LYS D 273 -1.59 51.46 -11.61
CA LYS D 273 -0.19 50.97 -11.41
C LYS D 273 -0.06 50.23 -10.07
N ASP D 274 -0.52 50.87 -8.99
CA ASP D 274 -0.36 50.43 -7.57
C ASP D 274 -0.96 49.02 -7.36
N GLU D 275 -1.87 48.57 -8.23
CA GLU D 275 -2.54 47.24 -8.10
C GLU D 275 -1.75 46.17 -8.88
N VAL D 276 -0.53 46.45 -9.32
CA VAL D 276 0.31 45.51 -10.13
C VAL D 276 0.57 44.25 -9.30
N PRO D 277 1.09 44.36 -8.06
CA PRO D 277 1.45 43.17 -7.27
C PRO D 277 0.26 42.20 -7.11
N GLN D 278 -0.94 42.74 -6.84
CA GLN D 278 -2.20 41.94 -6.66
C GLN D 278 -2.58 41.28 -7.99
N GLY D 279 -2.38 41.97 -9.11
CA GLY D 279 -2.70 41.45 -10.46
C GLY D 279 -1.77 40.31 -10.83
N GLN D 280 -0.48 40.44 -10.51
CA GLN D 280 0.56 39.42 -10.74
C GLN D 280 0.24 38.17 -9.93
N LEU D 281 -0.13 38.35 -8.66
CA LEU D 281 -0.62 37.26 -7.77
C LEU D 281 -1.71 36.46 -8.50
N GLY D 282 -2.71 37.17 -9.06
CA GLY D 282 -3.86 36.58 -9.75
C GLY D 282 -3.45 35.87 -11.03
N PHE D 283 -2.57 36.50 -11.81
CA PHE D 283 -2.01 35.92 -13.06
C PHE D 283 -1.26 34.61 -12.76
N TYR D 284 -0.46 34.58 -11.68
CA TYR D 284 0.38 33.42 -11.32
C TYR D 284 -0.49 32.23 -10.89
N ASN D 285 -1.55 32.49 -10.11
CA ASN D 285 -2.50 31.45 -9.61
C ASN D 285 -3.42 30.97 -10.73
N ALA D 286 -3.99 31.90 -11.54
CA ALA D 286 -4.98 31.60 -12.59
C ALA D 286 -4.31 31.05 -13.86
N VAL D 287 -3.06 31.41 -14.18
CA VAL D 287 -2.48 31.13 -15.53
C VAL D 287 -1.14 30.40 -15.40
N ALA D 288 -0.11 31.09 -14.88
CA ALA D 288 1.29 30.64 -14.84
C ALA D 288 1.42 29.29 -14.11
N ILE D 289 1.11 29.22 -12.81
CA ILE D 289 1.37 28.00 -11.98
C ILE D 289 0.64 26.81 -12.60
N PRO D 290 -0.65 26.91 -12.97
CA PRO D 290 -1.31 25.77 -13.62
C PRO D 290 -0.54 25.31 -14.88
N CYS D 291 -0.08 26.27 -15.70
CA CYS D 291 0.62 26.01 -16.98
C CYS D 291 1.79 25.07 -16.73
N TYR D 292 2.73 25.49 -15.88
CA TYR D 292 4.03 24.80 -15.59
C TYR D 292 3.82 23.58 -14.70
N THR D 293 2.73 23.54 -13.92
CA THR D 293 2.34 22.35 -13.10
C THR D 293 1.91 21.22 -14.04
N THR D 294 1.02 21.51 -14.99
CA THR D 294 0.53 20.53 -16.00
C THR D 294 1.68 20.11 -16.92
N LEU D 295 2.57 21.03 -17.32
CA LEU D 295 3.73 20.70 -18.18
C LEU D 295 4.66 19.74 -17.44
N THR D 296 4.98 20.04 -16.17
CA THR D 296 5.93 19.26 -15.33
C THR D 296 5.37 17.85 -15.11
N GLN D 297 4.05 17.70 -15.02
CA GLN D 297 3.34 16.40 -14.94
C GLN D 297 3.66 15.59 -16.21
N ILE D 298 3.50 16.21 -17.39
CA ILE D 298 3.61 15.50 -18.70
C ILE D 298 5.08 15.29 -19.06
N LEU D 299 5.93 16.29 -18.79
CA LEU D 299 7.40 16.30 -19.07
C LEU D 299 8.12 16.70 -17.79
N PRO D 300 8.36 15.74 -16.87
CA PRO D 300 8.99 16.00 -15.58
C PRO D 300 10.33 16.74 -15.58
N PRO D 301 11.23 16.52 -16.57
CA PRO D 301 12.48 17.29 -16.63
C PRO D 301 12.28 18.81 -16.83
N THR D 302 11.07 19.28 -17.17
CA THR D 302 10.73 20.73 -17.27
C THR D 302 10.39 21.32 -15.88
N GLU D 303 10.59 20.53 -14.81
CA GLU D 303 10.30 20.90 -13.40
C GLU D 303 10.97 22.24 -13.04
N PRO D 304 12.23 22.52 -13.40
CA PRO D 304 12.85 23.79 -13.02
C PRO D 304 12.08 25.06 -13.46
N LEU D 305 11.25 24.97 -14.49
CA LEU D 305 10.32 26.09 -14.86
C LEU D 305 9.27 26.27 -13.75
N LEU D 306 8.72 25.19 -13.19
CA LEU D 306 7.68 25.27 -12.13
C LEU D 306 8.30 25.84 -10.84
N LYS D 307 9.44 25.29 -10.41
CA LYS D 307 10.22 25.79 -9.25
C LYS D 307 10.39 27.32 -9.35
N ALA D 308 11.04 27.80 -10.41
CA ALA D 308 11.33 29.23 -10.65
C ALA D 308 10.03 30.05 -10.61
N CYS D 309 8.94 29.52 -11.17
CA CYS D 309 7.62 30.19 -11.19
C CYS D 309 7.10 30.35 -9.74
N ARG D 310 7.15 29.28 -8.95
CA ARG D 310 6.73 29.28 -7.53
C ARG D 310 7.57 30.29 -6.74
N ASP D 311 8.88 30.35 -7.00
CA ASP D 311 9.76 31.34 -6.32
C ASP D 311 9.29 32.76 -6.66
N ASN D 312 8.96 33.05 -7.92
CA ASN D 312 8.58 34.43 -8.37
C ASN D 312 7.22 34.80 -7.74
N LEU D 313 6.31 33.83 -7.61
CA LEU D 313 5.01 34.02 -6.90
C LEU D 313 5.27 34.46 -5.46
N SER D 314 6.21 33.83 -4.75
CA SER D 314 6.54 34.17 -3.34
C SER D 314 7.23 35.55 -3.28
N GLN D 315 7.95 35.94 -4.33
CA GLN D 315 8.54 37.30 -4.44
C GLN D 315 7.44 38.35 -4.56
N TRP D 316 6.43 38.12 -5.41
CA TRP D 316 5.27 39.05 -5.58
C TRP D 316 4.47 39.15 -4.28
N GLU D 317 4.34 38.07 -3.52
CA GLU D 317 3.68 38.03 -2.19
C GLU D 317 4.46 38.92 -1.20
N LYS D 318 5.80 38.93 -1.29
CA LYS D 318 6.68 39.81 -0.46
C LYS D 318 6.49 41.27 -0.84
N VAL D 319 6.30 41.58 -2.13
CA VAL D 319 6.11 42.97 -2.63
C VAL D 319 4.83 43.53 -2.01
N ILE D 320 3.78 42.70 -1.89
CA ILE D 320 2.44 43.09 -1.35
C ILE D 320 2.57 43.46 0.14
N ARG D 321 3.73 43.26 0.78
CA ARG D 321 4.03 43.80 2.14
C ARG D 321 5.34 44.62 2.10
N GLY D 322 6.51 43.96 2.09
CA GLY D 322 7.83 44.62 2.07
C GLY D 322 8.87 43.80 1.32
ZN ZN E . -10.99 -25.20 22.15
MG MG F . -8.98 -28.21 20.99
C1 JY3 G . -21.49 -28.54 9.12
C2 JY3 G . -21.57 -28.39 7.74
C3 JY3 G . -21.76 -29.83 9.68
N4 JY3 G . -21.17 -27.61 10.12
C5 JY3 G . -21.92 -29.52 6.94
S6 JY3 G . -21.32 -27.06 6.77
N7 JY3 G . -21.57 -29.68 11.07
C8 JY3 G . -22.11 -30.95 8.88
C9 JY3 G . -21.24 -28.33 11.28
C10 JY3 G . -22.20 -30.80 7.51
N11 JY3 G . -21.98 -29.23 5.58
C12 JY3 G . -21.69 -27.98 5.37
S13 JY3 G . -20.96 -27.76 12.85
C14 JY3 G . -19.70 -26.47 12.66
C15 JY3 G . -19.46 -25.96 14.06
C16 JY3 G . -18.64 -26.72 14.92
N17 JY3 G . -20.04 -24.80 14.46
C18 JY3 G . -18.43 -26.26 16.24
C19 JY3 G . -19.83 -24.38 15.73
C20 JY3 G . -19.04 -25.06 16.67
O21 JY3 G . -17.68 -26.92 17.17
C22 JY3 G . -18.87 -24.52 18.04
C23 JY3 G . -16.34 -27.31 16.79
C24 JY3 G . -15.46 -26.09 16.95
C25 JY3 G . -15.90 -28.38 17.79
ZN ZN H . -7.39 10.53 11.00
MG MG I . -9.08 10.32 14.50
C1 JY3 J . -22.48 5.72 4.55
C2 JY3 J . -23.28 4.58 4.36
C3 JY3 J . -23.07 6.93 5.12
N4 JY3 J . -21.10 5.95 4.30
C5 JY3 J . -24.66 4.67 4.73
S6 JY3 J . -22.95 3.00 3.76
N7 JY3 J . -22.03 7.88 5.18
C8 JY3 J . -24.43 7.01 5.47
C9 JY3 J . -20.87 7.25 4.69
C10 JY3 J . -25.22 5.88 5.29
N11 JY3 J . -25.37 3.48 4.50
C12 JY3 J . -24.61 2.55 3.97
S13 JY3 J . -19.41 8.10 4.59
C14 JY3 J . -18.06 6.96 4.90
C15 JY3 J . -16.79 7.76 4.70
C16 JY3 J . -16.30 8.44 5.82
N17 JY3 J . -16.19 7.80 3.48
C18 JY3 J . -15.15 9.19 5.65
C19 JY3 J . -15.06 8.53 3.35
C20 JY3 J . -14.49 9.25 4.40
O21 JY3 J . -14.59 9.88 6.69
C22 JY3 J . -13.27 10.05 4.23
C23 JY3 J . -14.81 9.26 7.98
C24 JY3 J . -13.75 8.17 8.17
C25 JY3 J . -14.60 10.35 9.00
ZN ZN K . 9.88 -17.05 -7.71
MG MG L . 11.11 -13.67 -8.79
C1 JY3 M . -4.05 -13.74 -17.14
C2 JY3 M . -5.25 -13.01 -17.08
C3 JY3 M . -3.18 -13.60 -18.31
N4 JY3 M . -3.46 -14.64 -16.23
C5 JY3 M . -5.56 -12.16 -18.21
S6 JY3 M . -6.49 -12.90 -15.90
N7 JY3 M . -2.08 -14.43 -18.08
C8 JY3 M . -3.51 -12.76 -19.38
C9 JY3 M . -2.28 -15.05 -16.82
C10 JY3 M . -4.70 -12.06 -19.33
N11 JY3 M . -6.77 -11.47 -18.07
C12 JY3 M . -7.34 -11.78 -16.91
S13 JY3 M . -1.10 -16.13 -16.22
C14 JY3 M . -1.19 -16.06 -14.42
C15 JY3 M . -0.14 -17.00 -13.85
C16 JY3 M . 1.22 -16.58 -13.82
N17 JY3 M . -0.54 -18.21 -13.37
C18 JY3 M . 2.17 -17.45 -13.29
C19 JY3 M . 0.42 -19.03 -12.86
C20 JY3 M . 1.79 -18.70 -12.80
O21 JY3 M . 3.51 -17.21 -13.21
C22 JY3 M . 2.81 -19.63 -12.24
C23 JY3 M . 3.96 -15.86 -13.00
C24 JY3 M . 4.01 -15.59 -11.52
C25 JY3 M . 5.38 -15.87 -13.54
ZN ZN N . 5.06 35.75 -27.56
MG MG O . 1.78 36.42 -29.37
C1 JY3 P . -2.53 42.79 -13.79
C2 JY3 P . -2.88 44.03 -13.21
C3 JY3 P . -3.54 41.75 -13.80
N4 JY3 P . -1.35 42.29 -14.38
C5 JY3 P . -4.21 44.20 -12.68
S6 JY3 P . -1.99 45.48 -13.05
N7 JY3 P . -2.92 40.63 -14.42
C8 JY3 P . -4.84 41.93 -13.27
C9 JY3 P . -1.60 40.99 -14.75
C10 JY3 P . -5.19 43.15 -12.72
N11 JY3 P . -4.45 45.48 -12.15
C12 JY3 P . -3.35 46.21 -12.28
S13 JY3 P . -0.59 39.83 -15.50
C14 JY3 P . 0.60 40.80 -16.45
C15 JY3 P . 1.58 39.82 -17.02
C16 JY3 P . 1.19 39.08 -18.16
N17 JY3 P . 2.80 39.66 -16.41
C18 JY3 P . 2.11 38.15 -18.67
C19 JY3 P . 3.67 38.76 -16.93
C20 JY3 P . 3.39 37.97 -18.07
O21 JY3 P . 1.86 37.37 -19.76
C22 JY3 P . 4.37 37.00 -18.58
C23 JY3 P . 1.22 38.02 -20.87
C24 JY3 P . 2.29 38.84 -21.58
C25 JY3 P . 0.75 36.86 -21.74
#